data_4JEL
# 
_entry.id   4JEL 
# 
_audit_conform.dict_name       mmcif_pdbx.dic 
_audit_conform.dict_version    5.397 
_audit_conform.dict_location   http://mmcif.pdb.org/dictionaries/ascii/mmcif_pdbx.dic 
# 
loop_
_database_2.database_id 
_database_2.database_code 
_database_2.pdbx_database_accession 
_database_2.pdbx_DOI 
PDB   4JEL         pdb_00004jel 10.2210/pdb4jel/pdb 
RCSB  RCSB077947   ?            ?                   
WWPDB D_1000077947 ?            ?                   
# 
loop_
_pdbx_audit_revision_history.ordinal 
_pdbx_audit_revision_history.data_content_type 
_pdbx_audit_revision_history.major_revision 
_pdbx_audit_revision_history.minor_revision 
_pdbx_audit_revision_history.revision_date 
1 'Structure model' 1 0 2013-09-11 
2 'Structure model' 1 1 2024-10-30 
# 
_pdbx_audit_revision_details.ordinal             1 
_pdbx_audit_revision_details.revision_ordinal    1 
_pdbx_audit_revision_details.data_content_type   'Structure model' 
_pdbx_audit_revision_details.provider            repository 
_pdbx_audit_revision_details.type                'Initial release' 
_pdbx_audit_revision_details.description         ? 
_pdbx_audit_revision_details.details             ? 
# 
loop_
_pdbx_audit_revision_group.ordinal 
_pdbx_audit_revision_group.revision_ordinal 
_pdbx_audit_revision_group.data_content_type 
_pdbx_audit_revision_group.group 
1 2 'Structure model' 'Data collection'      
2 2 'Structure model' 'Database references'  
3 2 'Structure model' 'Derived calculations' 
4 2 'Structure model' 'Structure summary'    
# 
loop_
_pdbx_audit_revision_category.ordinal 
_pdbx_audit_revision_category.revision_ordinal 
_pdbx_audit_revision_category.data_content_type 
_pdbx_audit_revision_category.category 
1 2 'Structure model' chem_comp_atom            
2 2 'Structure model' chem_comp_bond            
3 2 'Structure model' database_2                
4 2 'Structure model' pdbx_entry_details        
5 2 'Structure model' pdbx_modification_feature 
6 2 'Structure model' struct_conn               
7 2 'Structure model' struct_ref_seq_dif        
8 2 'Structure model' struct_site               
# 
loop_
_pdbx_audit_revision_item.ordinal 
_pdbx_audit_revision_item.revision_ordinal 
_pdbx_audit_revision_item.data_content_type 
_pdbx_audit_revision_item.item 
1 2 'Structure model' '_database_2.pdbx_DOI'                
2 2 'Structure model' '_database_2.pdbx_database_accession' 
3 2 'Structure model' '_struct_conn.pdbx_leaving_atom_flag' 
4 2 'Structure model' '_struct_ref_seq_dif.details'         
5 2 'Structure model' '_struct_site.pdbx_auth_asym_id'      
6 2 'Structure model' '_struct_site.pdbx_auth_comp_id'      
7 2 'Structure model' '_struct_site.pdbx_auth_seq_id'       
# 
_pdbx_database_status.entry_id                        4JEL 
_pdbx_database_status.deposit_site                    RCSB 
_pdbx_database_status.process_site                    RCSB 
_pdbx_database_status.recvd_initial_deposition_date   2013-02-27 
_pdbx_database_status.status_code                     REL 
_pdbx_database_status.status_code_sf                  REL 
_pdbx_database_status.status_code_mr                  ? 
_pdbx_database_status.SG_entry                        ? 
_pdbx_database_status.status_code_cs                  ? 
_pdbx_database_status.methods_development_category    ? 
_pdbx_database_status.pdb_format_compatible           Y 
_pdbx_database_status.status_code_nmr_data            ? 
# 
loop_
_pdbx_database_related.db_name 
_pdbx_database_related.db_id 
_pdbx_database_related.details 
_pdbx_database_related.content_type 
PDB 4JEM . unspecified 
PDB 4JEN . unspecified 
# 
loop_
_audit_author.name 
_audit_author.pdbx_ordinal 
'Sikowitz, M.D.' 1 
'Cooper, L.E.'   2 
'Begley, T.P.'   3 
'Kaminski, P.A.' 4 
'Ealick, S.E.'   5 
# 
_citation.id                        primary 
_citation.title                     'Reversal of the substrate specificity of CMP N-glycosidase to dCMP.' 
_citation.journal_abbrev            Biochemistry 
_citation.journal_volume            52 
_citation.page_first                4037 
_citation.page_last                 4047 
_citation.year                      2013 
_citation.journal_id_ASTM           BICHAW 
_citation.country                   US 
_citation.journal_id_ISSN           0006-2960 
_citation.journal_id_CSD            0033 
_citation.book_publisher            ? 
_citation.pdbx_database_id_PubMed   23659472 
_citation.pdbx_database_id_DOI      10.1021/bi400316p 
# 
loop_
_citation_author.citation_id 
_citation_author.name 
_citation_author.ordinal 
_citation_author.identifier_ORCID 
primary 'Sikowitz, M.D.' 1 ? 
primary 'Cooper, L.E.'   2 ? 
primary 'Begley, T.P.'   3 ? 
primary 'Kaminski, P.A.' 4 ? 
primary 'Ealick, S.E.'   5 ? 
# 
loop_
_entity.id 
_entity.type 
_entity.src_method 
_entity.pdbx_description 
_entity.formula_weight 
_entity.pdbx_number_of_molecules 
_entity.pdbx_ec 
_entity.pdbx_mutation 
_entity.pdbx_fragment 
_entity.details 
1 polymer     man 'CMP/hydroxymethyl CMP hydrolase' 20549.219 1   ? ? ? ? 
2 non-polymer syn 'SULFATE ION'                     96.063    2   ? ? ? ? 
3 water       nat water                             18.015    108 ? ? ? ? 
# 
_entity_poly.entity_id                      1 
_entity_poly.type                           'polypeptide(L)' 
_entity_poly.nstd_linkage                   no 
_entity_poly.nstd_monomer                   yes 
_entity_poly.pdbx_seq_one_letter_code       
;(MSE)GSDKIHHHHHHSSGENLYFQGH(MSE)TTTPKPRTAPAVGSVFLGGPFRQLVDPRTGV(MSE)SSGDQNVFSRLI
EHFESRGTTVYNAHRREAWGAEFLSPAEATRLDHDEIKAADVFVAFPGVPASPGTHVEIGWASG(MSE)GKP(MSE)VLL
LERDEDYAFLVTGLESQANVEILRFSGTEEIVERLDGAVARVLGR
;
_entity_poly.pdbx_seq_one_letter_code_can   
;MGSDKIHHHHHHSSGENLYFQGHMTTTPKPRTAPAVGSVFLGGPFRQLVDPRTGVMSSGDQNVFSRLIEHFESRGTTVYN
AHRREAWGAEFLSPAEATRLDHDEIKAADVFVAFPGVPASPGTHVEIGWASGMGKPMVLLLERDEDYAFLVTGLESQANV
EILRFSGTEEIVERLDGAVARVLGR
;
_entity_poly.pdbx_strand_id                 A 
_entity_poly.pdbx_target_identifier         ? 
# 
loop_
_pdbx_entity_nonpoly.entity_id 
_pdbx_entity_nonpoly.name 
_pdbx_entity_nonpoly.comp_id 
2 'SULFATE ION' SO4 
3 water         HOH 
# 
loop_
_entity_poly_seq.entity_id 
_entity_poly_seq.num 
_entity_poly_seq.mon_id 
_entity_poly_seq.hetero 
1 1   MSE n 
1 2   GLY n 
1 3   SER n 
1 4   ASP n 
1 5   LYS n 
1 6   ILE n 
1 7   HIS n 
1 8   HIS n 
1 9   HIS n 
1 10  HIS n 
1 11  HIS n 
1 12  HIS n 
1 13  SER n 
1 14  SER n 
1 15  GLY n 
1 16  GLU n 
1 17  ASN n 
1 18  LEU n 
1 19  TYR n 
1 20  PHE n 
1 21  GLN n 
1 22  GLY n 
1 23  HIS n 
1 24  MSE n 
1 25  THR n 
1 26  THR n 
1 27  THR n 
1 28  PRO n 
1 29  LYS n 
1 30  PRO n 
1 31  ARG n 
1 32  THR n 
1 33  ALA n 
1 34  PRO n 
1 35  ALA n 
1 36  VAL n 
1 37  GLY n 
1 38  SER n 
1 39  VAL n 
1 40  PHE n 
1 41  LEU n 
1 42  GLY n 
1 43  GLY n 
1 44  PRO n 
1 45  PHE n 
1 46  ARG n 
1 47  GLN n 
1 48  LEU n 
1 49  VAL n 
1 50  ASP n 
1 51  PRO n 
1 52  ARG n 
1 53  THR n 
1 54  GLY n 
1 55  VAL n 
1 56  MSE n 
1 57  SER n 
1 58  SER n 
1 59  GLY n 
1 60  ASP n 
1 61  GLN n 
1 62  ASN n 
1 63  VAL n 
1 64  PHE n 
1 65  SER n 
1 66  ARG n 
1 67  LEU n 
1 68  ILE n 
1 69  GLU n 
1 70  HIS n 
1 71  PHE n 
1 72  GLU n 
1 73  SER n 
1 74  ARG n 
1 75  GLY n 
1 76  THR n 
1 77  THR n 
1 78  VAL n 
1 79  TYR n 
1 80  ASN n 
1 81  ALA n 
1 82  HIS n 
1 83  ARG n 
1 84  ARG n 
1 85  GLU n 
1 86  ALA n 
1 87  TRP n 
1 88  GLY n 
1 89  ALA n 
1 90  GLU n 
1 91  PHE n 
1 92  LEU n 
1 93  SER n 
1 94  PRO n 
1 95  ALA n 
1 96  GLU n 
1 97  ALA n 
1 98  THR n 
1 99  ARG n 
1 100 LEU n 
1 101 ASP n 
1 102 HIS n 
1 103 ASP n 
1 104 GLU n 
1 105 ILE n 
1 106 LYS n 
1 107 ALA n 
1 108 ALA n 
1 109 ASP n 
1 110 VAL n 
1 111 PHE n 
1 112 VAL n 
1 113 ALA n 
1 114 PHE n 
1 115 PRO n 
1 116 GLY n 
1 117 VAL n 
1 118 PRO n 
1 119 ALA n 
1 120 SER n 
1 121 PRO n 
1 122 GLY n 
1 123 THR n 
1 124 HIS n 
1 125 VAL n 
1 126 GLU n 
1 127 ILE n 
1 128 GLY n 
1 129 TRP n 
1 130 ALA n 
1 131 SER n 
1 132 GLY n 
1 133 MSE n 
1 134 GLY n 
1 135 LYS n 
1 136 PRO n 
1 137 MSE n 
1 138 VAL n 
1 139 LEU n 
1 140 LEU n 
1 141 LEU n 
1 142 GLU n 
1 143 ARG n 
1 144 ASP n 
1 145 GLU n 
1 146 ASP n 
1 147 TYR n 
1 148 ALA n 
1 149 PHE n 
1 150 LEU n 
1 151 VAL n 
1 152 THR n 
1 153 GLY n 
1 154 LEU n 
1 155 GLU n 
1 156 SER n 
1 157 GLN n 
1 158 ALA n 
1 159 ASN n 
1 160 VAL n 
1 161 GLU n 
1 162 ILE n 
1 163 LEU n 
1 164 ARG n 
1 165 PHE n 
1 166 SER n 
1 167 GLY n 
1 168 THR n 
1 169 GLU n 
1 170 GLU n 
1 171 ILE n 
1 172 VAL n 
1 173 GLU n 
1 174 ARG n 
1 175 LEU n 
1 176 ASP n 
1 177 GLY n 
1 178 ALA n 
1 179 VAL n 
1 180 ALA n 
1 181 ARG n 
1 182 VAL n 
1 183 LEU n 
1 184 GLY n 
1 185 ARG n 
# 
_entity_src_gen.entity_id                          1 
_entity_src_gen.pdbx_src_id                        1 
_entity_src_gen.pdbx_alt_source_flag               sample 
_entity_src_gen.pdbx_seq_type                      ? 
_entity_src_gen.pdbx_beg_seq_num                   ? 
_entity_src_gen.pdbx_end_seq_num                   ? 
_entity_src_gen.gene_src_common_name               ? 
_entity_src_gen.gene_src_genus                     ? 
_entity_src_gen.pdbx_gene_src_gene                 MilB 
_entity_src_gen.gene_src_species                   ? 
_entity_src_gen.gene_src_strain                    ? 
_entity_src_gen.gene_src_tissue                    ? 
_entity_src_gen.gene_src_tissue_fraction           ? 
_entity_src_gen.gene_src_details                   ? 
_entity_src_gen.pdbx_gene_src_fragment             ? 
_entity_src_gen.pdbx_gene_src_scientific_name      'Streptomyces rimofaciens' 
_entity_src_gen.pdbx_gene_src_ncbi_taxonomy_id     504097 
_entity_src_gen.pdbx_gene_src_variant              ? 
_entity_src_gen.pdbx_gene_src_cell_line            ? 
_entity_src_gen.pdbx_gene_src_atcc                 ? 
_entity_src_gen.pdbx_gene_src_organ                ? 
_entity_src_gen.pdbx_gene_src_organelle            ? 
_entity_src_gen.pdbx_gene_src_cell                 ? 
_entity_src_gen.pdbx_gene_src_cellular_location    ? 
_entity_src_gen.host_org_common_name               ? 
_entity_src_gen.pdbx_host_org_scientific_name      'Escherichia coli' 
_entity_src_gen.pdbx_host_org_ncbi_taxonomy_id     562 
_entity_src_gen.host_org_genus                     ? 
_entity_src_gen.pdbx_host_org_gene                 ? 
_entity_src_gen.pdbx_host_org_organ                ? 
_entity_src_gen.host_org_species                   ? 
_entity_src_gen.pdbx_host_org_tissue               ? 
_entity_src_gen.pdbx_host_org_tissue_fraction      ? 
_entity_src_gen.pdbx_host_org_strain               'B834(DE3)' 
_entity_src_gen.pdbx_host_org_variant              ? 
_entity_src_gen.pdbx_host_org_cell_line            ? 
_entity_src_gen.pdbx_host_org_atcc                 ? 
_entity_src_gen.pdbx_host_org_culture_collection   ? 
_entity_src_gen.pdbx_host_org_cell                 ? 
_entity_src_gen.pdbx_host_org_organelle            ? 
_entity_src_gen.pdbx_host_org_cellular_location    ? 
_entity_src_gen.pdbx_host_org_vector_type          plasmid 
_entity_src_gen.pdbx_host_org_vector               ? 
_entity_src_gen.host_org_details                   ? 
_entity_src_gen.expression_system_id               ? 
_entity_src_gen.plasmid_name                       'modified pET28a' 
_entity_src_gen.plasmid_details                    ? 
_entity_src_gen.pdbx_description                   ? 
# 
loop_
_chem_comp.id 
_chem_comp.type 
_chem_comp.mon_nstd_flag 
_chem_comp.name 
_chem_comp.pdbx_synonyms 
_chem_comp.formula 
_chem_comp.formula_weight 
ALA 'L-peptide linking' y ALANINE          ? 'C3 H7 N O2'     89.093  
ARG 'L-peptide linking' y ARGININE         ? 'C6 H15 N4 O2 1' 175.209 
ASN 'L-peptide linking' y ASPARAGINE       ? 'C4 H8 N2 O3'    132.118 
ASP 'L-peptide linking' y 'ASPARTIC ACID'  ? 'C4 H7 N O4'     133.103 
GLN 'L-peptide linking' y GLUTAMINE        ? 'C5 H10 N2 O3'   146.144 
GLU 'L-peptide linking' y 'GLUTAMIC ACID'  ? 'C5 H9 N O4'     147.129 
GLY 'peptide linking'   y GLYCINE          ? 'C2 H5 N O2'     75.067  
HIS 'L-peptide linking' y HISTIDINE        ? 'C6 H10 N3 O2 1' 156.162 
HOH non-polymer         . WATER            ? 'H2 O'           18.015  
ILE 'L-peptide linking' y ISOLEUCINE       ? 'C6 H13 N O2'    131.173 
LEU 'L-peptide linking' y LEUCINE          ? 'C6 H13 N O2'    131.173 
LYS 'L-peptide linking' y LYSINE           ? 'C6 H15 N2 O2 1' 147.195 
MSE 'L-peptide linking' n SELENOMETHIONINE ? 'C5 H11 N O2 Se' 196.106 
PHE 'L-peptide linking' y PHENYLALANINE    ? 'C9 H11 N O2'    165.189 
PRO 'L-peptide linking' y PROLINE          ? 'C5 H9 N O2'     115.130 
SER 'L-peptide linking' y SERINE           ? 'C3 H7 N O3'     105.093 
SO4 non-polymer         . 'SULFATE ION'    ? 'O4 S -2'        96.063  
THR 'L-peptide linking' y THREONINE        ? 'C4 H9 N O3'     119.119 
TRP 'L-peptide linking' y TRYPTOPHAN       ? 'C11 H12 N2 O2'  204.225 
TYR 'L-peptide linking' y TYROSINE         ? 'C9 H11 N O3'    181.189 
VAL 'L-peptide linking' y VALINE           ? 'C5 H11 N O2'    117.146 
# 
loop_
_pdbx_poly_seq_scheme.asym_id 
_pdbx_poly_seq_scheme.entity_id 
_pdbx_poly_seq_scheme.seq_id 
_pdbx_poly_seq_scheme.mon_id 
_pdbx_poly_seq_scheme.ndb_seq_num 
_pdbx_poly_seq_scheme.pdb_seq_num 
_pdbx_poly_seq_scheme.auth_seq_num 
_pdbx_poly_seq_scheme.pdb_mon_id 
_pdbx_poly_seq_scheme.auth_mon_id 
_pdbx_poly_seq_scheme.pdb_strand_id 
_pdbx_poly_seq_scheme.pdb_ins_code 
_pdbx_poly_seq_scheme.hetero 
A 1 1   MSE 1   -22 ?   ?   ?   A . n 
A 1 2   GLY 2   -21 ?   ?   ?   A . n 
A 1 3   SER 3   -20 ?   ?   ?   A . n 
A 1 4   ASP 4   -19 ?   ?   ?   A . n 
A 1 5   LYS 5   -18 ?   ?   ?   A . n 
A 1 6   ILE 6   -17 ?   ?   ?   A . n 
A 1 7   HIS 7   -16 ?   ?   ?   A . n 
A 1 8   HIS 8   -15 ?   ?   ?   A . n 
A 1 9   HIS 9   -14 ?   ?   ?   A . n 
A 1 10  HIS 10  -13 ?   ?   ?   A . n 
A 1 11  HIS 11  -12 ?   ?   ?   A . n 
A 1 12  HIS 12  -11 ?   ?   ?   A . n 
A 1 13  SER 13  -10 ?   ?   ?   A . n 
A 1 14  SER 14  -9  ?   ?   ?   A . n 
A 1 15  GLY 15  -8  ?   ?   ?   A . n 
A 1 16  GLU 16  -7  ?   ?   ?   A . n 
A 1 17  ASN 17  -6  ?   ?   ?   A . n 
A 1 18  LEU 18  -5  ?   ?   ?   A . n 
A 1 19  TYR 19  -4  ?   ?   ?   A . n 
A 1 20  PHE 20  -3  ?   ?   ?   A . n 
A 1 21  GLN 21  -2  ?   ?   ?   A . n 
A 1 22  GLY 22  -1  ?   ?   ?   A . n 
A 1 23  HIS 23  0   ?   ?   ?   A . n 
A 1 24  MSE 24  1   ?   ?   ?   A . n 
A 1 25  THR 25  2   ?   ?   ?   A . n 
A 1 26  THR 26  3   ?   ?   ?   A . n 
A 1 27  THR 27  4   ?   ?   ?   A . n 
A 1 28  PRO 28  5   ?   ?   ?   A . n 
A 1 29  LYS 29  6   ?   ?   ?   A . n 
A 1 30  PRO 30  7   ?   ?   ?   A . n 
A 1 31  ARG 31  8   ?   ?   ?   A . n 
A 1 32  THR 32  9   ?   ?   ?   A . n 
A 1 33  ALA 33  10  ?   ?   ?   A . n 
A 1 34  PRO 34  11  11  PRO PRO A . n 
A 1 35  ALA 35  12  12  ALA ALA A . n 
A 1 36  VAL 36  13  13  VAL VAL A . n 
A 1 37  GLY 37  14  14  GLY GLY A . n 
A 1 38  SER 38  15  15  SER SER A . n 
A 1 39  VAL 39  16  16  VAL VAL A . n 
A 1 40  PHE 40  17  17  PHE PHE A . n 
A 1 41  LEU 41  18  18  LEU LEU A . n 
A 1 42  GLY 42  19  19  GLY GLY A . n 
A 1 43  GLY 43  20  20  GLY GLY A . n 
A 1 44  PRO 44  21  21  PRO PRO A . n 
A 1 45  PHE 45  22  22  PHE PHE A . n 
A 1 46  ARG 46  23  23  ARG ARG A . n 
A 1 47  GLN 47  24  24  GLN GLN A . n 
A 1 48  LEU 48  25  25  LEU LEU A . n 
A 1 49  VAL 49  26  26  VAL VAL A . n 
A 1 50  ASP 50  27  27  ASP ASP A . n 
A 1 51  PRO 51  28  28  PRO PRO A . n 
A 1 52  ARG 52  29  29  ARG ARG A . n 
A 1 53  THR 53  30  30  THR THR A . n 
A 1 54  GLY 54  31  31  GLY GLY A . n 
A 1 55  VAL 55  32  32  VAL VAL A . n 
A 1 56  MSE 56  33  33  MSE MSE A . n 
A 1 57  SER 57  34  34  SER SER A . n 
A 1 58  SER 58  35  35  SER SER A . n 
A 1 59  GLY 59  36  36  GLY GLY A . n 
A 1 60  ASP 60  37  37  ASP ASP A . n 
A 1 61  GLN 61  38  38  GLN GLN A . n 
A 1 62  ASN 62  39  39  ASN ASN A . n 
A 1 63  VAL 63  40  40  VAL VAL A . n 
A 1 64  PHE 64  41  41  PHE PHE A . n 
A 1 65  SER 65  42  42  SER SER A . n 
A 1 66  ARG 66  43  43  ARG ARG A . n 
A 1 67  LEU 67  44  44  LEU LEU A . n 
A 1 68  ILE 68  45  45  ILE ILE A . n 
A 1 69  GLU 69  46  46  GLU GLU A . n 
A 1 70  HIS 70  47  47  HIS HIS A . n 
A 1 71  PHE 71  48  48  PHE PHE A . n 
A 1 72  GLU 72  49  49  GLU GLU A . n 
A 1 73  SER 73  50  50  SER SER A . n 
A 1 74  ARG 74  51  51  ARG ARG A . n 
A 1 75  GLY 75  52  52  GLY GLY A . n 
A 1 76  THR 76  53  53  THR THR A . n 
A 1 77  THR 77  54  54  THR THR A . n 
A 1 78  VAL 78  55  55  VAL VAL A . n 
A 1 79  TYR 79  56  56  TYR TYR A . n 
A 1 80  ASN 80  57  57  ASN ASN A . n 
A 1 81  ALA 81  58  58  ALA ALA A . n 
A 1 82  HIS 82  59  59  HIS HIS A . n 
A 1 83  ARG 83  60  60  ARG ARG A . n 
A 1 84  ARG 84  61  61  ARG ARG A . n 
A 1 85  GLU 85  62  62  GLU GLU A . n 
A 1 86  ALA 86  63  63  ALA ALA A . n 
A 1 87  TRP 87  64  64  TRP TRP A . n 
A 1 88  GLY 88  65  65  GLY GLY A . n 
A 1 89  ALA 89  66  66  ALA ALA A . n 
A 1 90  GLU 90  67  67  GLU GLU A . n 
A 1 91  PHE 91  68  68  PHE PHE A . n 
A 1 92  LEU 92  69  69  LEU LEU A . n 
A 1 93  SER 93  70  70  SER SER A . n 
A 1 94  PRO 94  71  71  PRO PRO A . n 
A 1 95  ALA 95  72  72  ALA ALA A . n 
A 1 96  GLU 96  73  73  GLU GLU A . n 
A 1 97  ALA 97  74  74  ALA ALA A . n 
A 1 98  THR 98  75  75  THR THR A . n 
A 1 99  ARG 99  76  76  ARG ARG A . n 
A 1 100 LEU 100 77  77  LEU LEU A . n 
A 1 101 ASP 101 78  78  ASP ASP A . n 
A 1 102 HIS 102 79  79  HIS HIS A . n 
A 1 103 ASP 103 80  80  ASP ASP A . n 
A 1 104 GLU 104 81  81  GLU GLU A . n 
A 1 105 ILE 105 82  82  ILE ILE A . n 
A 1 106 LYS 106 83  83  LYS LYS A . n 
A 1 107 ALA 107 84  84  ALA ALA A . n 
A 1 108 ALA 108 85  85  ALA ALA A . n 
A 1 109 ASP 109 86  86  ASP ASP A . n 
A 1 110 VAL 110 87  87  VAL VAL A . n 
A 1 111 PHE 111 88  88  PHE PHE A . n 
A 1 112 VAL 112 89  89  VAL VAL A . n 
A 1 113 ALA 113 90  90  ALA ALA A . n 
A 1 114 PHE 114 91  91  PHE PHE A . n 
A 1 115 PRO 115 92  92  PRO PRO A . n 
A 1 116 GLY 116 93  93  GLY GLY A . n 
A 1 117 VAL 117 94  94  VAL VAL A . n 
A 1 118 PRO 118 95  95  PRO PRO A . n 
A 1 119 ALA 119 96  96  ALA ALA A . n 
A 1 120 SER 120 97  97  SER SER A . n 
A 1 121 PRO 121 98  98  PRO PRO A . n 
A 1 122 GLY 122 99  99  GLY GLY A . n 
A 1 123 THR 123 100 100 THR THR A . n 
A 1 124 HIS 124 101 101 HIS HIS A . n 
A 1 125 VAL 125 102 102 VAL VAL A . n 
A 1 126 GLU 126 103 103 GLU GLU A . n 
A 1 127 ILE 127 104 104 ILE ILE A . n 
A 1 128 GLY 128 105 105 GLY GLY A . n 
A 1 129 TRP 129 106 106 TRP TRP A . n 
A 1 130 ALA 130 107 107 ALA ALA A . n 
A 1 131 SER 131 108 108 SER SER A . n 
A 1 132 GLY 132 109 109 GLY GLY A . n 
A 1 133 MSE 133 110 110 MSE MSE A . n 
A 1 134 GLY 134 111 111 GLY GLY A . n 
A 1 135 LYS 135 112 112 LYS LYS A . n 
A 1 136 PRO 136 113 113 PRO PRO A . n 
A 1 137 MSE 137 114 114 MSE MSE A . n 
A 1 138 VAL 138 115 115 VAL VAL A . n 
A 1 139 LEU 139 116 116 LEU LEU A . n 
A 1 140 LEU 140 117 117 LEU LEU A . n 
A 1 141 LEU 141 118 118 LEU LEU A . n 
A 1 142 GLU 142 119 119 GLU GLU A . n 
A 1 143 ARG 143 120 120 ARG ARG A . n 
A 1 144 ASP 144 121 121 ASP ASP A . n 
A 1 145 GLU 145 122 122 GLU GLU A . n 
A 1 146 ASP 146 123 123 ASP ASP A . n 
A 1 147 TYR 147 124 124 TYR TYR A . n 
A 1 148 ALA 148 125 125 ALA ALA A . n 
A 1 149 PHE 149 126 126 PHE PHE A . n 
A 1 150 LEU 150 127 127 LEU LEU A . n 
A 1 151 VAL 151 128 128 VAL VAL A . n 
A 1 152 THR 152 129 129 THR THR A . n 
A 1 153 GLY 153 130 130 GLY GLY A . n 
A 1 154 LEU 154 131 131 LEU LEU A . n 
A 1 155 GLU 155 132 132 GLU GLU A . n 
A 1 156 SER 156 133 133 SER SER A . n 
A 1 157 GLN 157 134 134 GLN GLN A . n 
A 1 158 ALA 158 135 135 ALA ALA A . n 
A 1 159 ASN 159 136 136 ASN ASN A . n 
A 1 160 VAL 160 137 137 VAL VAL A . n 
A 1 161 GLU 161 138 138 GLU GLU A . n 
A 1 162 ILE 162 139 139 ILE ILE A . n 
A 1 163 LEU 163 140 140 LEU LEU A . n 
A 1 164 ARG 164 141 141 ARG ARG A . n 
A 1 165 PHE 165 142 142 PHE PHE A . n 
A 1 166 SER 166 143 143 SER SER A . n 
A 1 167 GLY 167 144 144 GLY GLY A . n 
A 1 168 THR 168 145 145 THR THR A . n 
A 1 169 GLU 169 146 146 GLU GLU A . n 
A 1 170 GLU 170 147 147 GLU GLU A . n 
A 1 171 ILE 171 148 148 ILE ILE A . n 
A 1 172 VAL 172 149 149 VAL VAL A . n 
A 1 173 GLU 173 150 150 GLU GLU A . n 
A 1 174 ARG 174 151 151 ARG ARG A . n 
A 1 175 LEU 175 152 152 LEU LEU A . n 
A 1 176 ASP 176 153 153 ASP ASP A . n 
A 1 177 GLY 177 154 154 GLY GLY A . n 
A 1 178 ALA 178 155 155 ALA ALA A . n 
A 1 179 VAL 179 156 156 VAL VAL A . n 
A 1 180 ALA 180 157 157 ALA ALA A . n 
A 1 181 ARG 181 158 158 ARG ARG A . n 
A 1 182 VAL 182 159 159 VAL VAL A . n 
A 1 183 LEU 183 160 160 LEU LEU A . n 
A 1 184 GLY 184 161 161 GLY GLY A . n 
A 1 185 ARG 185 162 162 ARG ARG A . n 
# 
loop_
_pdbx_nonpoly_scheme.asym_id 
_pdbx_nonpoly_scheme.entity_id 
_pdbx_nonpoly_scheme.mon_id 
_pdbx_nonpoly_scheme.ndb_seq_num 
_pdbx_nonpoly_scheme.pdb_seq_num 
_pdbx_nonpoly_scheme.auth_seq_num 
_pdbx_nonpoly_scheme.pdb_mon_id 
_pdbx_nonpoly_scheme.auth_mon_id 
_pdbx_nonpoly_scheme.pdb_strand_id 
_pdbx_nonpoly_scheme.pdb_ins_code 
B 2 SO4 1   201 1   SO4 SO4 A . 
C 2 SO4 1   202 2   SO4 SO4 A . 
D 3 HOH 1   301 1   HOH HOH A . 
D 3 HOH 2   302 2   HOH HOH A . 
D 3 HOH 3   303 3   HOH HOH A . 
D 3 HOH 4   304 4   HOH HOH A . 
D 3 HOH 5   305 5   HOH HOH A . 
D 3 HOH 6   306 6   HOH HOH A . 
D 3 HOH 7   307 7   HOH HOH A . 
D 3 HOH 8   308 8   HOH HOH A . 
D 3 HOH 9   309 9   HOH HOH A . 
D 3 HOH 10  310 10  HOH HOH A . 
D 3 HOH 11  311 11  HOH HOH A . 
D 3 HOH 12  312 12  HOH HOH A . 
D 3 HOH 13  313 13  HOH HOH A . 
D 3 HOH 14  314 14  HOH HOH A . 
D 3 HOH 15  315 15  HOH HOH A . 
D 3 HOH 16  316 16  HOH HOH A . 
D 3 HOH 17  317 17  HOH HOH A . 
D 3 HOH 18  318 18  HOH HOH A . 
D 3 HOH 19  319 19  HOH HOH A . 
D 3 HOH 20  320 20  HOH HOH A . 
D 3 HOH 21  321 21  HOH HOH A . 
D 3 HOH 22  322 22  HOH HOH A . 
D 3 HOH 23  323 23  HOH HOH A . 
D 3 HOH 24  324 24  HOH HOH A . 
D 3 HOH 25  325 25  HOH HOH A . 
D 3 HOH 26  326 26  HOH HOH A . 
D 3 HOH 27  327 27  HOH HOH A . 
D 3 HOH 28  328 28  HOH HOH A . 
D 3 HOH 29  329 29  HOH HOH A . 
D 3 HOH 30  330 30  HOH HOH A . 
D 3 HOH 31  331 31  HOH HOH A . 
D 3 HOH 32  332 32  HOH HOH A . 
D 3 HOH 33  333 33  HOH HOH A . 
D 3 HOH 34  334 34  HOH HOH A . 
D 3 HOH 35  335 35  HOH HOH A . 
D 3 HOH 36  336 36  HOH HOH A . 
D 3 HOH 37  337 37  HOH HOH A . 
D 3 HOH 38  338 39  HOH HOH A . 
D 3 HOH 39  339 40  HOH HOH A . 
D 3 HOH 40  340 41  HOH HOH A . 
D 3 HOH 41  341 42  HOH HOH A . 
D 3 HOH 42  342 43  HOH HOH A . 
D 3 HOH 43  343 44  HOH HOH A . 
D 3 HOH 44  344 45  HOH HOH A . 
D 3 HOH 45  345 46  HOH HOH A . 
D 3 HOH 46  346 47  HOH HOH A . 
D 3 HOH 47  347 48  HOH HOH A . 
D 3 HOH 48  348 49  HOH HOH A . 
D 3 HOH 49  349 50  HOH HOH A . 
D 3 HOH 50  350 51  HOH HOH A . 
D 3 HOH 51  351 52  HOH HOH A . 
D 3 HOH 52  352 53  HOH HOH A . 
D 3 HOH 53  353 54  HOH HOH A . 
D 3 HOH 54  354 55  HOH HOH A . 
D 3 HOH 55  355 56  HOH HOH A . 
D 3 HOH 56  356 57  HOH HOH A . 
D 3 HOH 57  357 58  HOH HOH A . 
D 3 HOH 58  358 59  HOH HOH A . 
D 3 HOH 59  359 60  HOH HOH A . 
D 3 HOH 60  360 61  HOH HOH A . 
D 3 HOH 61  361 62  HOH HOH A . 
D 3 HOH 62  362 63  HOH HOH A . 
D 3 HOH 63  363 64  HOH HOH A . 
D 3 HOH 64  364 65  HOH HOH A . 
D 3 HOH 65  365 66  HOH HOH A . 
D 3 HOH 66  366 67  HOH HOH A . 
D 3 HOH 67  367 68  HOH HOH A . 
D 3 HOH 68  368 69  HOH HOH A . 
D 3 HOH 69  369 70  HOH HOH A . 
D 3 HOH 70  370 71  HOH HOH A . 
D 3 HOH 71  371 72  HOH HOH A . 
D 3 HOH 72  372 73  HOH HOH A . 
D 3 HOH 73  373 74  HOH HOH A . 
D 3 HOH 74  374 75  HOH HOH A . 
D 3 HOH 75  375 76  HOH HOH A . 
D 3 HOH 76  376 77  HOH HOH A . 
D 3 HOH 77  377 78  HOH HOH A . 
D 3 HOH 78  378 79  HOH HOH A . 
D 3 HOH 79  379 80  HOH HOH A . 
D 3 HOH 80  380 81  HOH HOH A . 
D 3 HOH 81  381 82  HOH HOH A . 
D 3 HOH 82  382 83  HOH HOH A . 
D 3 HOH 83  383 84  HOH HOH A . 
D 3 HOH 84  384 85  HOH HOH A . 
D 3 HOH 85  385 86  HOH HOH A . 
D 3 HOH 86  386 87  HOH HOH A . 
D 3 HOH 87  387 88  HOH HOH A . 
D 3 HOH 88  388 90  HOH HOH A . 
D 3 HOH 89  389 91  HOH HOH A . 
D 3 HOH 90  390 92  HOH HOH A . 
D 3 HOH 91  391 93  HOH HOH A . 
D 3 HOH 92  392 94  HOH HOH A . 
D 3 HOH 93  393 95  HOH HOH A . 
D 3 HOH 94  394 96  HOH HOH A . 
D 3 HOH 95  395 97  HOH HOH A . 
D 3 HOH 96  396 99  HOH HOH A . 
D 3 HOH 97  397 100 HOH HOH A . 
D 3 HOH 98  398 101 HOH HOH A . 
D 3 HOH 99  399 102 HOH HOH A . 
D 3 HOH 100 400 103 HOH HOH A . 
D 3 HOH 101 401 104 HOH HOH A . 
D 3 HOH 102 402 105 HOH HOH A . 
D 3 HOH 103 403 106 HOH HOH A . 
D 3 HOH 104 404 108 HOH HOH A . 
D 3 HOH 105 405 109 HOH HOH A . 
D 3 HOH 106 406 110 HOH HOH A . 
D 3 HOH 107 407 113 HOH HOH A . 
D 3 HOH 108 408 114 HOH HOH A . 
# 
loop_
_pdbx_unobs_or_zero_occ_atoms.id 
_pdbx_unobs_or_zero_occ_atoms.PDB_model_num 
_pdbx_unobs_or_zero_occ_atoms.polymer_flag 
_pdbx_unobs_or_zero_occ_atoms.occupancy_flag 
_pdbx_unobs_or_zero_occ_atoms.auth_asym_id 
_pdbx_unobs_or_zero_occ_atoms.auth_comp_id 
_pdbx_unobs_or_zero_occ_atoms.auth_seq_id 
_pdbx_unobs_or_zero_occ_atoms.PDB_ins_code 
_pdbx_unobs_or_zero_occ_atoms.auth_atom_id 
_pdbx_unobs_or_zero_occ_atoms.label_alt_id 
_pdbx_unobs_or_zero_occ_atoms.label_asym_id 
_pdbx_unobs_or_zero_occ_atoms.label_comp_id 
_pdbx_unobs_or_zero_occ_atoms.label_seq_id 
_pdbx_unobs_or_zero_occ_atoms.label_atom_id 
1  1 Y 1 A GLU 67  ? CG  ? A GLU 90  CG  
2  1 Y 1 A GLU 67  ? CD  ? A GLU 90  CD  
3  1 Y 1 A GLU 67  ? OE1 ? A GLU 90  OE1 
4  1 Y 1 A GLU 67  ? OE2 ? A GLU 90  OE2 
5  1 Y 1 A ARG 76  ? CG  ? A ARG 99  CG  
6  1 Y 1 A ARG 76  ? CD  ? A ARG 99  CD  
7  1 Y 1 A ARG 76  ? NE  ? A ARG 99  NE  
8  1 Y 1 A ARG 76  ? CZ  ? A ARG 99  CZ  
9  1 Y 1 A ARG 76  ? NH1 ? A ARG 99  NH1 
10 1 Y 1 A ARG 76  ? NH2 ? A ARG 99  NH2 
11 1 Y 1 A GLU 146 ? CG  ? A GLU 169 CG  
12 1 Y 1 A GLU 146 ? CD  ? A GLU 169 CD  
13 1 Y 1 A GLU 146 ? OE1 ? A GLU 169 OE1 
14 1 Y 1 A GLU 146 ? OE2 ? A GLU 169 OE2 
15 1 Y 1 A LEU 160 ? CG  ? A LEU 183 CG  
16 1 Y 1 A LEU 160 ? CD1 ? A LEU 183 CD1 
17 1 Y 1 A LEU 160 ? CD2 ? A LEU 183 CD2 
# 
loop_
_software.pdbx_ordinal 
_software.name 
_software.version 
_software.date 
_software.type 
_software.contact_author 
_software.contact_author_email 
_software.classification 
_software.location 
_software.language 
_software.citation_id 
1 PHENIX      1.8.1_1168 ?                package 'Paul D. Adams' PDAdams@lbl.gov          refinement        
http://www.phenix-online.org/             C++ ? 
2 PDB_EXTRACT 3.11       'April 22, 2011' package PDB             deposit@deposit.rcsb.org 'data extraction' 
http://sw-tools.pdb.org/apps/PDB_EXTRACT/ C++ ? 
3 ADSC        Quantum    ?                ?       ?               ?                        'data collection' ? ?   ? 
4 HKL-2000    .          ?                ?       ?               ?                        'data reduction'  ? ?   ? 
5 HKL-2000    .          ?                ?       ?               ?                        'data scaling'    ? ?   ? 
6 AutoSol     .          ?                ?       ?               ?                        phasing           ? ?   ? 
# 
_cell.length_a           97.819 
_cell.length_b           97.819 
_cell.length_c           61.893 
_cell.angle_alpha        90.000 
_cell.angle_beta         90.000 
_cell.angle_gamma        120.000 
_cell.entry_id           4JEL 
_cell.pdbx_unique_axis   ? 
_cell.Z_PDB              12 
_cell.length_a_esd       ? 
_cell.length_b_esd       ? 
_cell.length_c_esd       ? 
_cell.angle_alpha_esd    ? 
_cell.angle_beta_esd     ? 
_cell.angle_gamma_esd    ? 
# 
_symmetry.space_group_name_H-M             'P 62 2 2' 
_symmetry.entry_id                         4JEL 
_symmetry.pdbx_full_space_group_name_H-M   ? 
_symmetry.Int_Tables_number                180 
_symmetry.cell_setting                     ? 
_symmetry.space_group_name_Hall            ? 
# 
_exptl.crystals_number   1 
_exptl.entry_id          4JEL 
_exptl.method            'X-RAY DIFFRACTION' 
# 
_exptl_crystal.id                    1 
_exptl_crystal.density_Matthews      2.09 
_exptl_crystal.density_meas          ? 
_exptl_crystal.density_percent_sol   41.13 
_exptl_crystal.description           ? 
_exptl_crystal.F_000                 ? 
_exptl_crystal.preparation           ? 
# 
_exptl_crystal_grow.crystal_id      1 
_exptl_crystal_grow.method          'VAPOR DIFFUSION, HANGING DROP' 
_exptl_crystal_grow.pH              4.2 
_exptl_crystal_grow.temp            291 
_exptl_crystal_grow.temp_details    ? 
_exptl_crystal_grow.pdbx_details    
'8% PEG 1000, 0.1 M phosphate-citrate, 0.2 M lithium sulfate, pH 4.2, VAPOR DIFFUSION, HANGING DROP, temperature 291K' 
_exptl_crystal_grow.pdbx_pH_range   ? 
# 
_diffrn.id                     1 
_diffrn.ambient_temp           100 
_diffrn.ambient_temp_details   ? 
_diffrn.crystal_id             1 
# 
_diffrn_detector.diffrn_id              1 
_diffrn_detector.detector               CCD 
_diffrn_detector.type                   'ADSC QUANTUM 315' 
_diffrn_detector.pdbx_collection_date   2010-10-20 
_diffrn_detector.details                ? 
# 
_diffrn_radiation.diffrn_id                        1 
_diffrn_radiation.wavelength_id                    1 
_diffrn_radiation.pdbx_diffrn_protocol             'SINGLE WAVELENGTH' 
_diffrn_radiation.monochromator                    'Cryo-cooled Si(111) double crystal' 
_diffrn_radiation.pdbx_monochromatic_or_laue_m_l   M 
_diffrn_radiation.pdbx_scattering_type             x-ray 
# 
_diffrn_radiation_wavelength.id           1 
_diffrn_radiation_wavelength.wavelength   0.97918 
_diffrn_radiation_wavelength.wt           1.0 
# 
_diffrn_source.diffrn_id                   1 
_diffrn_source.source                      SYNCHROTRON 
_diffrn_source.type                        'APS BEAMLINE 24-ID-C' 
_diffrn_source.pdbx_wavelength             ? 
_diffrn_source.pdbx_wavelength_list        0.97918 
_diffrn_source.pdbx_synchrotron_site       APS 
_diffrn_source.pdbx_synchrotron_beamline   24-ID-C 
# 
_reflns.entry_id                     4JEL 
_reflns.B_iso_Wilson_estimate        27.960 
_reflns.observed_criterion_sigma_F   ? 
_reflns.observed_criterion_sigma_I   -3 
_reflns.d_resolution_high            1.95 
_reflns.d_resolution_low             50 
_reflns.number_all                   24181 
_reflns.number_obs                   23697 
_reflns.percent_possible_obs         98.2 
_reflns.pdbx_Rmerge_I_obs            0.052 
_reflns.pdbx_Rsym_value              ? 
_reflns.pdbx_netI_over_sigmaI        40.1 
_reflns.pdbx_redundancy              5.8 
_reflns.R_free_details               ? 
_reflns.limit_h_max                  ? 
_reflns.limit_h_min                  ? 
_reflns.limit_k_max                  ? 
_reflns.limit_k_min                  ? 
_reflns.limit_l_max                  ? 
_reflns.limit_l_min                  ? 
_reflns.observed_criterion_F_max     ? 
_reflns.observed_criterion_F_min     ? 
_reflns.pdbx_chi_squared             ? 
_reflns.pdbx_scaling_rejects         ? 
_reflns.pdbx_ordinal                 1 
_reflns.pdbx_diffrn_id               1 
# 
loop_
_reflns_shell.d_res_high 
_reflns_shell.d_res_low 
_reflns_shell.percent_possible_obs 
_reflns_shell.percent_possible_all 
_reflns_shell.Rmerge_I_obs 
_reflns_shell.meanI_over_sigI_obs 
_reflns_shell.pdbx_Rsym_value 
_reflns_shell.pdbx_redundancy 
_reflns_shell.number_unique_all 
_reflns_shell.number_measured_all 
_reflns_shell.number_measured_obs 
_reflns_shell.number_unique_obs 
_reflns_shell.pdbx_chi_squared 
_reflns_shell.pdbx_ordinal 
_reflns_shell.pdbx_diffrn_id 
1.95 1.98 ? 96.9 ? ? ? ? ? ? ? ? ? 1 1 
1.98 2.02 ? 97.8 ? ? ? ? ? ? ? ? ? 2 1 
2.02 2.06 ? 96.7 ? ? ? ? ? ? ? ? ? 3 1 
2.06 2.10 ? 97.9 ? ? ? ? ? ? ? ? ? 4 1 
2.10 2.15 ? 97.7 ? ? ? ? ? ? ? ? ? 5 1 
2.15 2.20 ? 97.5 ? ? ? ? ? ? ? ? ? 6 1 
# 
_refine.entry_id                                 4JEL 
_refine.ls_d_res_high                            1.9520 
_refine.ls_d_res_low                             42.3570 
_refine.pdbx_ls_sigma_F                          1.890 
_refine.pdbx_data_cutoff_high_absF               ? 
_refine.pdbx_data_cutoff_low_absF                ? 
_refine.ls_percent_reflns_obs                    98.2700 
_refine.ls_number_reflns_obs                     23688 
_refine.ls_number_reflns_all                     23697 
_refine.pdbx_ls_cross_valid_method               ? 
_refine.pdbx_R_Free_selection_details            random 
_refine.details                                  ? 
_refine.ls_R_factor_all                          ? 
_refine.ls_R_factor_obs                          0.2002 
_refine.ls_R_factor_R_work                       0.1981 
_refine.ls_wR_factor_R_work                      ? 
_refine.ls_R_factor_R_free                       0.2434 
_refine.ls_wR_factor_R_free                      ? 
_refine.ls_percent_reflns_R_free                 4.9300 
_refine.ls_number_reflns_R_free                  1168 
_refine.ls_R_factor_R_free_error                 ? 
_refine.B_iso_mean                               26.5855 
_refine.solvent_model_param_bsol                 ? 
_refine.solvent_model_param_ksol                 ? 
_refine.pdbx_isotropic_thermal_model             ? 
_refine.aniso_B[1][1]                            ? 
_refine.aniso_B[2][2]                            ? 
_refine.aniso_B[3][3]                            ? 
_refine.aniso_B[1][2]                            ? 
_refine.aniso_B[1][3]                            ? 
_refine.aniso_B[2][3]                            ? 
_refine.correlation_coeff_Fo_to_Fc               ? 
_refine.correlation_coeff_Fo_to_Fc_free          ? 
_refine.overall_SU_R_Cruickshank_DPI             ? 
_refine.overall_SU_R_free                        ? 
_refine.pdbx_overall_ESU_R                       ? 
_refine.pdbx_overall_ESU_R_Free                  ? 
_refine.overall_SU_ML                            0.1800 
_refine.overall_SU_B                             ? 
_refine.solvent_model_details                    'FLAT BULK SOLVENT MODEL' 
_refine.pdbx_solvent_vdw_probe_radii             1.1100 
_refine.pdbx_solvent_ion_probe_radii             ? 
_refine.pdbx_solvent_shrinkage_radii             0.9000 
_refine.ls_number_parameters                     ? 
_refine.ls_number_restraints                     ? 
_refine.pdbx_starting_model                      ? 
_refine.pdbx_method_to_determine_struct          SAD 
_refine.pdbx_stereochemistry_target_values       ML 
_refine.pdbx_stereochem_target_val_spec_case     ? 
_refine.overall_FOM_work_R_set                   0.8582 
_refine.B_iso_max                                51.420 
_refine.B_iso_min                                12.430 
_refine.pdbx_overall_phase_error                 21.1700 
_refine.occupancy_max                            1.000 
_refine.occupancy_min                            1.000 
_refine.pdbx_ls_sigma_I                          ? 
_refine.ls_redundancy_reflns_obs                 ? 
_refine.ls_R_factor_R_free_error_details         ? 
_refine.pdbx_data_cutoff_high_rms_absF           ? 
_refine.overall_FOM_free_R_set                   ? 
_refine.pdbx_diffrn_id                           1 
_refine.pdbx_refine_id                           'X-RAY DIFFRACTION' 
_refine.pdbx_TLS_residual_ADP_flag               ? 
_refine.pdbx_overall_SU_R_free_Cruickshank_DPI   ? 
_refine.pdbx_overall_SU_R_Blow_DPI               ? 
_refine.pdbx_overall_SU_R_free_Blow_DPI          ? 
# 
_refine_hist.pdbx_refine_id                   'X-RAY DIFFRACTION' 
_refine_hist.cycle_id                         LAST 
_refine_hist.pdbx_number_atoms_protein        1149 
_refine_hist.pdbx_number_atoms_nucleic_acid   0 
_refine_hist.pdbx_number_atoms_ligand         10 
_refine_hist.number_atoms_solvent             108 
_refine_hist.number_atoms_total               1267 
_refine_hist.d_res_high                       1.9520 
_refine_hist.d_res_low                        42.3570 
# 
loop_
_refine_ls_restr.type 
_refine_ls_restr.number 
_refine_ls_restr.dev_ideal 
_refine_ls_restr.dev_ideal_target 
_refine_ls_restr.weight 
_refine_ls_restr.pdbx_restraint_function 
_refine_ls_restr.pdbx_refine_id 
f_bond_d           1183 0.007  ? ? ? 'X-RAY DIFFRACTION' 
f_angle_d          1607 1.083  ? ? ? 'X-RAY DIFFRACTION' 
f_chiral_restr     176  0.071  ? ? ? 'X-RAY DIFFRACTION' 
f_plane_restr      212  0.005  ? ? ? 'X-RAY DIFFRACTION' 
f_dihedral_angle_d 417  11.833 ? ? ? 'X-RAY DIFFRACTION' 
# 
loop_
_refine_ls_shell.d_res_high 
_refine_ls_shell.d_res_low 
_refine_ls_shell.pdbx_total_number_of_bins_used 
_refine_ls_shell.percent_reflns_obs 
_refine_ls_shell.number_reflns_R_work 
_refine_ls_shell.R_factor_all 
_refine_ls_shell.R_factor_R_work 
_refine_ls_shell.R_factor_R_free 
_refine_ls_shell.percent_reflns_R_free 
_refine_ls_shell.number_reflns_R_free 
_refine_ls_shell.R_factor_R_free_error 
_refine_ls_shell.number_reflns_all 
_refine_ls_shell.number_reflns_obs 
_refine_ls_shell.redundancy_reflns_obs 
_refine_ls_shell.pdbx_refine_id 
1.9524 2.0412  8 97.0000 2780 . 0.1987 0.2421 . 167 . 2947 . . 'X-RAY DIFFRACTION' 
2.0412 2.1488  8 98.0000 2753 . 0.1891 0.2283 . 163 . 2916 . . 'X-RAY DIFFRACTION' 
2.1488 2.2835  8 98.0000 2802 . 0.1926 0.2431 . 155 . 2957 . . 'X-RAY DIFFRACTION' 
2.2835 2.4597  8 98.0000 2836 . 0.1935 0.2471 . 122 . 2958 . . 'X-RAY DIFFRACTION' 
2.4597 2.7072  8 98.0000 2804 . 0.2003 0.2490 . 146 . 2950 . . 'X-RAY DIFFRACTION' 
2.7072 3.0989  8 99.0000 2824 . 0.2041 0.2386 . 156 . 2980 . . 'X-RAY DIFFRACTION' 
3.0989 3.9038  8 99.0000 2843 . 0.1959 0.2373 . 131 . 2974 . . 'X-RAY DIFFRACTION' 
3.9038 42.3668 8 99.0000 2878 . 0.2005 0.2525 . 128 . 3006 . . 'X-RAY DIFFRACTION' 
# 
_struct.entry_id                  4JEL 
_struct.title                     'Structure of MilB Streptomyces rimofaciens CMP N-glycosidase' 
_struct.pdbx_model_details        ? 
_struct.pdbx_CASP_flag            ? 
_struct.pdbx_model_type_details   ? 
# 
_struct_keywords.entry_id        4JEL 
_struct_keywords.pdbx_keywords   HYDROLASE 
_struct_keywords.text            'CMP N-glycosidase, mildiomycin biosynthesis, Hydrolase' 
# 
loop_
_struct_asym.id 
_struct_asym.pdbx_blank_PDB_chainid_flag 
_struct_asym.pdbx_modified 
_struct_asym.entity_id 
_struct_asym.details 
A N N 1 ? 
B N N 2 ? 
C N N 2 ? 
D N N 3 ? 
# 
_struct_ref.id                         1 
_struct_ref.db_name                    UNP 
_struct_ref.db_code                    B4Y381_9ACTO 
_struct_ref.pdbx_db_accession          B4Y381 
_struct_ref.entity_id                  1 
_struct_ref.pdbx_seq_one_letter_code   
;MTTTPKPRTAPAVGSVFLGGPFRQLVDPRTGVMSSGDQNVFSRLIEHFESRGTTVYNAHRREAWGAEFLSPAEATRLDHD
EIKAADVFVAFPGVPASPGTHVEIGWASGMGKPMVLLLERDEDYAFLVTGLESQANVEILRFSGTEEIVERLDGAVARVL
GR
;
_struct_ref.pdbx_align_begin           1 
_struct_ref.pdbx_db_isoform            ? 
# 
_struct_ref_seq.align_id                      1 
_struct_ref_seq.ref_id                        1 
_struct_ref_seq.pdbx_PDB_id_code              4JEL 
_struct_ref_seq.pdbx_strand_id                A 
_struct_ref_seq.seq_align_beg                 24 
_struct_ref_seq.pdbx_seq_align_beg_ins_code   ? 
_struct_ref_seq.seq_align_end                 185 
_struct_ref_seq.pdbx_seq_align_end_ins_code   ? 
_struct_ref_seq.pdbx_db_accession             B4Y381 
_struct_ref_seq.db_align_beg                  1 
_struct_ref_seq.pdbx_db_align_beg_ins_code    ? 
_struct_ref_seq.db_align_end                  162 
_struct_ref_seq.pdbx_db_align_end_ins_code    ? 
_struct_ref_seq.pdbx_auth_seq_align_beg       1 
_struct_ref_seq.pdbx_auth_seq_align_end       162 
# 
loop_
_struct_ref_seq_dif.align_id 
_struct_ref_seq_dif.pdbx_pdb_id_code 
_struct_ref_seq_dif.mon_id 
_struct_ref_seq_dif.pdbx_pdb_strand_id 
_struct_ref_seq_dif.seq_num 
_struct_ref_seq_dif.pdbx_pdb_ins_code 
_struct_ref_seq_dif.pdbx_seq_db_name 
_struct_ref_seq_dif.pdbx_seq_db_accession_code 
_struct_ref_seq_dif.db_mon_id 
_struct_ref_seq_dif.pdbx_seq_db_seq_num 
_struct_ref_seq_dif.details 
_struct_ref_seq_dif.pdbx_auth_seq_num 
_struct_ref_seq_dif.pdbx_ordinal 
1 4JEL MSE A 1  ? UNP B4Y381 ? ? 'expression tag' -22 1  
1 4JEL GLY A 2  ? UNP B4Y381 ? ? 'expression tag' -21 2  
1 4JEL SER A 3  ? UNP B4Y381 ? ? 'expression tag' -20 3  
1 4JEL ASP A 4  ? UNP B4Y381 ? ? 'expression tag' -19 4  
1 4JEL LYS A 5  ? UNP B4Y381 ? ? 'expression tag' -18 5  
1 4JEL ILE A 6  ? UNP B4Y381 ? ? 'expression tag' -17 6  
1 4JEL HIS A 7  ? UNP B4Y381 ? ? 'expression tag' -16 7  
1 4JEL HIS A 8  ? UNP B4Y381 ? ? 'expression tag' -15 8  
1 4JEL HIS A 9  ? UNP B4Y381 ? ? 'expression tag' -14 9  
1 4JEL HIS A 10 ? UNP B4Y381 ? ? 'expression tag' -13 10 
1 4JEL HIS A 11 ? UNP B4Y381 ? ? 'expression tag' -12 11 
1 4JEL HIS A 12 ? UNP B4Y381 ? ? 'expression tag' -11 12 
1 4JEL SER A 13 ? UNP B4Y381 ? ? 'expression tag' -10 13 
1 4JEL SER A 14 ? UNP B4Y381 ? ? 'expression tag' -9  14 
1 4JEL GLY A 15 ? UNP B4Y381 ? ? 'expression tag' -8  15 
1 4JEL GLU A 16 ? UNP B4Y381 ? ? 'expression tag' -7  16 
1 4JEL ASN A 17 ? UNP B4Y381 ? ? 'expression tag' -6  17 
1 4JEL LEU A 18 ? UNP B4Y381 ? ? 'expression tag' -5  18 
1 4JEL TYR A 19 ? UNP B4Y381 ? ? 'expression tag' -4  19 
1 4JEL PHE A 20 ? UNP B4Y381 ? ? 'expression tag' -3  20 
1 4JEL GLN A 21 ? UNP B4Y381 ? ? 'expression tag' -2  21 
1 4JEL GLY A 22 ? UNP B4Y381 ? ? 'expression tag' -1  22 
1 4JEL HIS A 23 ? UNP B4Y381 ? ? 'expression tag' 0   23 
# 
loop_
_pdbx_struct_assembly.id 
_pdbx_struct_assembly.details 
_pdbx_struct_assembly.method_details 
_pdbx_struct_assembly.oligomeric_details 
_pdbx_struct_assembly.oligomeric_count 
1 author_and_software_defined_assembly PISA dimeric 2 
2 author_and_software_defined_assembly PISA dimeric 2 
# 
loop_
_pdbx_struct_assembly_prop.biol_id 
_pdbx_struct_assembly_prop.type 
_pdbx_struct_assembly_prop.value 
_pdbx_struct_assembly_prop.details 
1 'ABSA (A^2)' 3020  ? 
1 MORE         -80   ? 
1 'SSA (A^2)'  13140 ? 
2 'ABSA (A^2)' 1980  ? 
2 MORE         -61   ? 
2 'SSA (A^2)'  14180 ? 
# 
loop_
_pdbx_struct_assembly_gen.assembly_id 
_pdbx_struct_assembly_gen.oper_expression 
_pdbx_struct_assembly_gen.asym_id_list 
1 1,2 A,B,C,D 
2 1,3 A,B,C,D 
# 
loop_
_pdbx_struct_oper_list.id 
_pdbx_struct_oper_list.type 
_pdbx_struct_oper_list.name 
_pdbx_struct_oper_list.symmetry_operation 
_pdbx_struct_oper_list.matrix[1][1] 
_pdbx_struct_oper_list.matrix[1][2] 
_pdbx_struct_oper_list.matrix[1][3] 
_pdbx_struct_oper_list.vector[1] 
_pdbx_struct_oper_list.matrix[2][1] 
_pdbx_struct_oper_list.matrix[2][2] 
_pdbx_struct_oper_list.matrix[2][3] 
_pdbx_struct_oper_list.vector[2] 
_pdbx_struct_oper_list.matrix[3][1] 
_pdbx_struct_oper_list.matrix[3][2] 
_pdbx_struct_oper_list.matrix[3][3] 
_pdbx_struct_oper_list.vector[3] 
1 'identity operation'         1_555  x,y,z       1.0000000000  0.0000000000  0.0000000000 0.0000000000   0.0000000000  1.0000000000  0.0000000000  0.0000000000   0.0000000000 0.0000000000  1.0000000000 0.0000000000  
2 'crystal symmetry operation' 11_556 -x+y,y,-z+1 -0.9516782725 -0.1761289209 0.2515692129 -11.6028213069 -0.1761289209 -0.3580238458 -0.9169501235 17.5686496566  0.2515692129 -0.9169501235 0.3097021183 14.5288671604 
3 'crystal symmetry operation' 7_556  y,x,-z+5/3  -0.9661190307 -0.0212101553 0.2572239256 30.5533253239  -0.0212101553 -0.9867220243 -0.1610272526 -10.9912713078 0.2572239256 -0.1610272526 0.9528410550 -4.9307343663 
# 
_struct_biol.id        1 
_struct_biol.details   ? 
# 
loop_
_struct_conf.conf_type_id 
_struct_conf.id 
_struct_conf.pdbx_PDB_helix_id 
_struct_conf.beg_label_comp_id 
_struct_conf.beg_label_asym_id 
_struct_conf.beg_label_seq_id 
_struct_conf.pdbx_beg_PDB_ins_code 
_struct_conf.end_label_comp_id 
_struct_conf.end_label_asym_id 
_struct_conf.end_label_seq_id 
_struct_conf.pdbx_end_PDB_ins_code 
_struct_conf.beg_auth_comp_id 
_struct_conf.beg_auth_asym_id 
_struct_conf.beg_auth_seq_id 
_struct_conf.end_auth_comp_id 
_struct_conf.end_auth_asym_id 
_struct_conf.end_auth_seq_id 
_struct_conf.pdbx_PDB_helix_class 
_struct_conf.details 
_struct_conf.pdbx_PDB_helix_length 
HELX_P HELX_P1 1 PHE A 45  ? VAL A 49  ? PHE A 22  VAL A 26  5 ? 5  
HELX_P HELX_P2 2 SER A 57  ? SER A 73  ? SER A 34  SER A 50  1 ? 17 
HELX_P HELX_P3 3 ALA A 81  ? GLU A 85  ? ALA A 58  GLU A 62  1 ? 5  
HELX_P HELX_P4 4 ALA A 86  ? ALA A 89  ? ALA A 63  ALA A 66  5 ? 4  
HELX_P HELX_P5 5 SER A 93  ? ALA A 108 ? SER A 70  ALA A 85  1 ? 16 
HELX_P HELX_P6 6 SER A 120 ? GLY A 134 ? SER A 97  GLY A 111 1 ? 15 
HELX_P HELX_P7 7 ALA A 148 ? GLY A 153 ? ALA A 125 GLY A 130 1 ? 6  
HELX_P HELX_P8 8 GLY A 167 ? GLY A 184 ? GLY A 144 GLY A 161 1 ? 18 
# 
_struct_conf_type.id          HELX_P 
_struct_conf_type.criteria    ? 
_struct_conf_type.reference   ? 
# 
loop_
_struct_conn.id 
_struct_conn.conn_type_id 
_struct_conn.pdbx_leaving_atom_flag 
_struct_conn.pdbx_PDB_id 
_struct_conn.ptnr1_label_asym_id 
_struct_conn.ptnr1_label_comp_id 
_struct_conn.ptnr1_label_seq_id 
_struct_conn.ptnr1_label_atom_id 
_struct_conn.pdbx_ptnr1_label_alt_id 
_struct_conn.pdbx_ptnr1_PDB_ins_code 
_struct_conn.pdbx_ptnr1_standard_comp_id 
_struct_conn.ptnr1_symmetry 
_struct_conn.ptnr2_label_asym_id 
_struct_conn.ptnr2_label_comp_id 
_struct_conn.ptnr2_label_seq_id 
_struct_conn.ptnr2_label_atom_id 
_struct_conn.pdbx_ptnr2_label_alt_id 
_struct_conn.pdbx_ptnr2_PDB_ins_code 
_struct_conn.ptnr1_auth_asym_id 
_struct_conn.ptnr1_auth_comp_id 
_struct_conn.ptnr1_auth_seq_id 
_struct_conn.ptnr2_auth_asym_id 
_struct_conn.ptnr2_auth_comp_id 
_struct_conn.ptnr2_auth_seq_id 
_struct_conn.ptnr2_symmetry 
_struct_conn.pdbx_ptnr3_label_atom_id 
_struct_conn.pdbx_ptnr3_label_seq_id 
_struct_conn.pdbx_ptnr3_label_comp_id 
_struct_conn.pdbx_ptnr3_label_asym_id 
_struct_conn.pdbx_ptnr3_label_alt_id 
_struct_conn.pdbx_ptnr3_PDB_ins_code 
_struct_conn.details 
_struct_conn.pdbx_dist_value 
_struct_conn.pdbx_value_order 
_struct_conn.pdbx_role 
covale1 covale both ? A VAL 55  C ? ? ? 1_555 A MSE 56  N ? ? A VAL 32  A MSE 33  1_555 ? ? ? ? ? ? ? 1.331 ? ? 
covale2 covale both ? A MSE 56  C ? ? ? 1_555 A SER 57  N ? ? A MSE 33  A SER 34  1_555 ? ? ? ? ? ? ? 1.331 ? ? 
covale3 covale both ? A GLY 132 C ? ? ? 1_555 A MSE 133 N ? ? A GLY 109 A MSE 110 1_555 ? ? ? ? ? ? ? 1.330 ? ? 
covale4 covale both ? A MSE 133 C ? ? ? 1_555 A GLY 134 N ? ? A MSE 110 A GLY 111 1_555 ? ? ? ? ? ? ? 1.329 ? ? 
covale5 covale both ? A PRO 136 C ? ? ? 1_555 A MSE 137 N ? ? A PRO 113 A MSE 114 1_555 ? ? ? ? ? ? ? 1.331 ? ? 
covale6 covale both ? A MSE 137 C ? ? ? 1_555 A VAL 138 N ? ? A MSE 114 A VAL 115 1_555 ? ? ? ? ? ? ? 1.325 ? ? 
# 
_struct_conn_type.id          covale 
_struct_conn_type.criteria    ? 
_struct_conn_type.reference   ? 
# 
loop_
_pdbx_modification_feature.ordinal 
_pdbx_modification_feature.label_comp_id 
_pdbx_modification_feature.label_asym_id 
_pdbx_modification_feature.label_seq_id 
_pdbx_modification_feature.label_alt_id 
_pdbx_modification_feature.modified_residue_label_comp_id 
_pdbx_modification_feature.modified_residue_label_asym_id 
_pdbx_modification_feature.modified_residue_label_seq_id 
_pdbx_modification_feature.modified_residue_label_alt_id 
_pdbx_modification_feature.auth_comp_id 
_pdbx_modification_feature.auth_asym_id 
_pdbx_modification_feature.auth_seq_id 
_pdbx_modification_feature.PDB_ins_code 
_pdbx_modification_feature.symmetry 
_pdbx_modification_feature.modified_residue_auth_comp_id 
_pdbx_modification_feature.modified_residue_auth_asym_id 
_pdbx_modification_feature.modified_residue_auth_seq_id 
_pdbx_modification_feature.modified_residue_PDB_ins_code 
_pdbx_modification_feature.modified_residue_symmetry 
_pdbx_modification_feature.comp_id_linking_atom 
_pdbx_modification_feature.modified_residue_id_linking_atom 
_pdbx_modification_feature.modified_residue_id 
_pdbx_modification_feature.ref_pcm_id 
_pdbx_modification_feature.ref_comp_id 
_pdbx_modification_feature.type 
_pdbx_modification_feature.category 
1 MSE A 56  ? . . . . MSE A 33  ? 1_555 . . . . . . . MET 1 MSE Selenomethionine 'Named protein modification' 
2 MSE A 133 ? . . . . MSE A 110 ? 1_555 . . . . . . . MET 1 MSE Selenomethionine 'Named protein modification' 
3 MSE A 137 ? . . . . MSE A 114 ? 1_555 . . . . . . . MET 1 MSE Selenomethionine 'Named protein modification' 
# 
_struct_mon_prot_cis.pdbx_id                1 
_struct_mon_prot_cis.label_comp_id          VAL 
_struct_mon_prot_cis.label_seq_id           117 
_struct_mon_prot_cis.label_asym_id          A 
_struct_mon_prot_cis.label_alt_id           . 
_struct_mon_prot_cis.pdbx_PDB_ins_code      ? 
_struct_mon_prot_cis.auth_comp_id           VAL 
_struct_mon_prot_cis.auth_seq_id            94 
_struct_mon_prot_cis.auth_asym_id           A 
_struct_mon_prot_cis.pdbx_label_comp_id_2   PRO 
_struct_mon_prot_cis.pdbx_label_seq_id_2    118 
_struct_mon_prot_cis.pdbx_label_asym_id_2   A 
_struct_mon_prot_cis.pdbx_PDB_ins_code_2    ? 
_struct_mon_prot_cis.pdbx_auth_comp_id_2    PRO 
_struct_mon_prot_cis.pdbx_auth_seq_id_2     95 
_struct_mon_prot_cis.pdbx_auth_asym_id_2    A 
_struct_mon_prot_cis.pdbx_PDB_model_num     1 
_struct_mon_prot_cis.pdbx_omega_angle       -2.13 
# 
_struct_sheet.id               A 
_struct_sheet.type             ? 
_struct_sheet.number_strands   5 
_struct_sheet.details          ? 
# 
loop_
_struct_sheet_order.sheet_id 
_struct_sheet_order.range_id_1 
_struct_sheet_order.range_id_2 
_struct_sheet_order.offset 
_struct_sheet_order.sense 
A 1 2 ? parallel 
A 2 3 ? parallel 
A 3 4 ? parallel 
A 4 5 ? parallel 
# 
loop_
_struct_sheet_range.sheet_id 
_struct_sheet_range.id 
_struct_sheet_range.beg_label_comp_id 
_struct_sheet_range.beg_label_asym_id 
_struct_sheet_range.beg_label_seq_id 
_struct_sheet_range.pdbx_beg_PDB_ins_code 
_struct_sheet_range.end_label_comp_id 
_struct_sheet_range.end_label_asym_id 
_struct_sheet_range.end_label_seq_id 
_struct_sheet_range.pdbx_end_PDB_ins_code 
_struct_sheet_range.beg_auth_comp_id 
_struct_sheet_range.beg_auth_asym_id 
_struct_sheet_range.beg_auth_seq_id 
_struct_sheet_range.end_auth_comp_id 
_struct_sheet_range.end_auth_asym_id 
_struct_sheet_range.end_auth_seq_id 
A 1 THR A 77  ? ASN A 80  ? THR A 54  ASN A 57  
A 2 SER A 38  ? GLY A 42  ? SER A 15  GLY A 19  
A 3 VAL A 110 ? ALA A 113 ? VAL A 87  ALA A 90  
A 4 MSE A 137 ? GLU A 142 ? MSE A 114 GLU A 119 
A 5 VAL A 160 ? PHE A 165 ? VAL A 137 PHE A 142 
# 
loop_
_pdbx_struct_sheet_hbond.sheet_id 
_pdbx_struct_sheet_hbond.range_id_1 
_pdbx_struct_sheet_hbond.range_id_2 
_pdbx_struct_sheet_hbond.range_1_label_atom_id 
_pdbx_struct_sheet_hbond.range_1_label_comp_id 
_pdbx_struct_sheet_hbond.range_1_label_asym_id 
_pdbx_struct_sheet_hbond.range_1_label_seq_id 
_pdbx_struct_sheet_hbond.range_1_PDB_ins_code 
_pdbx_struct_sheet_hbond.range_1_auth_atom_id 
_pdbx_struct_sheet_hbond.range_1_auth_comp_id 
_pdbx_struct_sheet_hbond.range_1_auth_asym_id 
_pdbx_struct_sheet_hbond.range_1_auth_seq_id 
_pdbx_struct_sheet_hbond.range_2_label_atom_id 
_pdbx_struct_sheet_hbond.range_2_label_comp_id 
_pdbx_struct_sheet_hbond.range_2_label_asym_id 
_pdbx_struct_sheet_hbond.range_2_label_seq_id 
_pdbx_struct_sheet_hbond.range_2_PDB_ins_code 
_pdbx_struct_sheet_hbond.range_2_auth_atom_id 
_pdbx_struct_sheet_hbond.range_2_auth_comp_id 
_pdbx_struct_sheet_hbond.range_2_auth_asym_id 
_pdbx_struct_sheet_hbond.range_2_auth_seq_id 
A 1 2 O TYR A 79  ? O TYR A 56  N LEU A 41  ? N LEU A 18  
A 2 3 N PHE A 40  ? N PHE A 17  O VAL A 112 ? O VAL A 89  
A 3 4 N ALA A 113 ? N ALA A 90  O LEU A 140 ? O LEU A 117 
A 4 5 N LEU A 139 ? N LEU A 116 O LEU A 163 ? O LEU A 140 
# 
loop_
_struct_site.id 
_struct_site.pdbx_evidence_code 
_struct_site.pdbx_auth_asym_id 
_struct_site.pdbx_auth_comp_id 
_struct_site.pdbx_auth_seq_id 
_struct_site.pdbx_auth_ins_code 
_struct_site.pdbx_num_residues 
_struct_site.details 
AC1 Software A SO4 201 ? 10 'BINDING SITE FOR RESIDUE SO4 A 201' 
AC2 Software A SO4 202 ? 3  'BINDING SITE FOR RESIDUE SO4 A 202' 
# 
loop_
_struct_site_gen.id 
_struct_site_gen.site_id 
_struct_site_gen.pdbx_num_res 
_struct_site_gen.label_comp_id 
_struct_site_gen.label_asym_id 
_struct_site_gen.label_seq_id 
_struct_site_gen.pdbx_auth_ins_code 
_struct_site_gen.auth_comp_id 
_struct_site_gen.auth_asym_id 
_struct_site_gen.auth_seq_id 
_struct_site_gen.label_atom_id 
_struct_site_gen.label_alt_id 
_struct_site_gen.symmetry 
_struct_site_gen.details 
1  AC1 10 PHE A 45  ? PHE A 22  . ? 1_555  ? 
2  AC1 10 ARG A 46  ? ARG A 23  . ? 1_555  ? 
3  AC1 10 SER A 120 ? SER A 97  . ? 1_555  ? 
4  AC1 10 PRO A 121 ? PRO A 98  . ? 1_555  ? 
5  AC1 10 GLY A 122 ? GLY A 99  . ? 1_555  ? 
6  AC1 10 HOH D .   ? HOH A 321 . ? 11_556 ? 
7  AC1 10 HOH D .   ? HOH A 328 . ? 1_555  ? 
8  AC1 10 HOH D .   ? HOH A 339 . ? 11_556 ? 
9  AC1 10 HOH D .   ? HOH A 351 . ? 1_555  ? 
10 AC1 10 HOH D .   ? HOH A 370 . ? 11_556 ? 
11 AC2 3  ARG A 74  ? ARG A 51  . ? 7_556  ? 
12 AC2 3  ARG A 143 ? ARG A 120 . ? 1_555  ? 
13 AC2 3  HOH D .   ? HOH A 325 . ? 1_555  ? 
# 
_pdbx_entry_details.entry_id                   4JEL 
_pdbx_entry_details.compound_details           ? 
_pdbx_entry_details.source_details             ? 
_pdbx_entry_details.nonpolymer_details         ? 
_pdbx_entry_details.sequence_details           ? 
_pdbx_entry_details.has_ligand_of_interest     ? 
_pdbx_entry_details.has_protein_modification   Y 
# 
_pdbx_validate_torsion.id              1 
_pdbx_validate_torsion.PDB_model_num   1 
_pdbx_validate_torsion.auth_comp_id    PHE 
_pdbx_validate_torsion.auth_asym_id    A 
_pdbx_validate_torsion.auth_seq_id     22 
_pdbx_validate_torsion.PDB_ins_code    ? 
_pdbx_validate_torsion.label_alt_id    ? 
_pdbx_validate_torsion.phi             -126.07 
_pdbx_validate_torsion.psi             -76.77 
# 
loop_
_pdbx_struct_mod_residue.id 
_pdbx_struct_mod_residue.label_asym_id 
_pdbx_struct_mod_residue.label_comp_id 
_pdbx_struct_mod_residue.label_seq_id 
_pdbx_struct_mod_residue.auth_asym_id 
_pdbx_struct_mod_residue.auth_comp_id 
_pdbx_struct_mod_residue.auth_seq_id 
_pdbx_struct_mod_residue.PDB_ins_code 
_pdbx_struct_mod_residue.parent_comp_id 
_pdbx_struct_mod_residue.details 
1 A MSE 56  A MSE 33  ? MET SELENOMETHIONINE 
2 A MSE 133 A MSE 110 ? MET SELENOMETHIONINE 
3 A MSE 137 A MSE 114 ? MET SELENOMETHIONINE 
# 
loop_
_pdbx_struct_special_symmetry.id 
_pdbx_struct_special_symmetry.PDB_model_num 
_pdbx_struct_special_symmetry.auth_asym_id 
_pdbx_struct_special_symmetry.auth_comp_id 
_pdbx_struct_special_symmetry.auth_seq_id 
_pdbx_struct_special_symmetry.PDB_ins_code 
_pdbx_struct_special_symmetry.label_asym_id 
_pdbx_struct_special_symmetry.label_comp_id 
_pdbx_struct_special_symmetry.label_seq_id 
1 1 A HOH 330 ? D HOH . 
2 1 A HOH 340 ? D HOH . 
3 1 A HOH 406 ? D HOH . 
# 
loop_
_pdbx_unobs_or_zero_occ_residues.id 
_pdbx_unobs_or_zero_occ_residues.PDB_model_num 
_pdbx_unobs_or_zero_occ_residues.polymer_flag 
_pdbx_unobs_or_zero_occ_residues.occupancy_flag 
_pdbx_unobs_or_zero_occ_residues.auth_asym_id 
_pdbx_unobs_or_zero_occ_residues.auth_comp_id 
_pdbx_unobs_or_zero_occ_residues.auth_seq_id 
_pdbx_unobs_or_zero_occ_residues.PDB_ins_code 
_pdbx_unobs_or_zero_occ_residues.label_asym_id 
_pdbx_unobs_or_zero_occ_residues.label_comp_id 
_pdbx_unobs_or_zero_occ_residues.label_seq_id 
1  1 Y 1 A MSE -22 ? A MSE 1  
2  1 Y 1 A GLY -21 ? A GLY 2  
3  1 Y 1 A SER -20 ? A SER 3  
4  1 Y 1 A ASP -19 ? A ASP 4  
5  1 Y 1 A LYS -18 ? A LYS 5  
6  1 Y 1 A ILE -17 ? A ILE 6  
7  1 Y 1 A HIS -16 ? A HIS 7  
8  1 Y 1 A HIS -15 ? A HIS 8  
9  1 Y 1 A HIS -14 ? A HIS 9  
10 1 Y 1 A HIS -13 ? A HIS 10 
11 1 Y 1 A HIS -12 ? A HIS 11 
12 1 Y 1 A HIS -11 ? A HIS 12 
13 1 Y 1 A SER -10 ? A SER 13 
14 1 Y 1 A SER -9  ? A SER 14 
15 1 Y 1 A GLY -8  ? A GLY 15 
16 1 Y 1 A GLU -7  ? A GLU 16 
17 1 Y 1 A ASN -6  ? A ASN 17 
18 1 Y 1 A LEU -5  ? A LEU 18 
19 1 Y 1 A TYR -4  ? A TYR 19 
20 1 Y 1 A PHE -3  ? A PHE 20 
21 1 Y 1 A GLN -2  ? A GLN 21 
22 1 Y 1 A GLY -1  ? A GLY 22 
23 1 Y 1 A HIS 0   ? A HIS 23 
24 1 Y 1 A MSE 1   ? A MSE 24 
25 1 Y 1 A THR 2   ? A THR 25 
26 1 Y 1 A THR 3   ? A THR 26 
27 1 Y 1 A THR 4   ? A THR 27 
28 1 Y 1 A PRO 5   ? A PRO 28 
29 1 Y 1 A LYS 6   ? A LYS 29 
30 1 Y 1 A PRO 7   ? A PRO 30 
31 1 Y 1 A ARG 8   ? A ARG 31 
32 1 Y 1 A THR 9   ? A THR 32 
33 1 Y 1 A ALA 10  ? A ALA 33 
# 
loop_
_chem_comp_atom.comp_id 
_chem_comp_atom.atom_id 
_chem_comp_atom.type_symbol 
_chem_comp_atom.pdbx_aromatic_flag 
_chem_comp_atom.pdbx_stereo_config 
_chem_comp_atom.pdbx_ordinal 
ALA N    N  N N 1   
ALA CA   C  N S 2   
ALA C    C  N N 3   
ALA O    O  N N 4   
ALA CB   C  N N 5   
ALA OXT  O  N N 6   
ALA H    H  N N 7   
ALA H2   H  N N 8   
ALA HA   H  N N 9   
ALA HB1  H  N N 10  
ALA HB2  H  N N 11  
ALA HB3  H  N N 12  
ALA HXT  H  N N 13  
ARG N    N  N N 14  
ARG CA   C  N S 15  
ARG C    C  N N 16  
ARG O    O  N N 17  
ARG CB   C  N N 18  
ARG CG   C  N N 19  
ARG CD   C  N N 20  
ARG NE   N  N N 21  
ARG CZ   C  N N 22  
ARG NH1  N  N N 23  
ARG NH2  N  N N 24  
ARG OXT  O  N N 25  
ARG H    H  N N 26  
ARG H2   H  N N 27  
ARG HA   H  N N 28  
ARG HB2  H  N N 29  
ARG HB3  H  N N 30  
ARG HG2  H  N N 31  
ARG HG3  H  N N 32  
ARG HD2  H  N N 33  
ARG HD3  H  N N 34  
ARG HE   H  N N 35  
ARG HH11 H  N N 36  
ARG HH12 H  N N 37  
ARG HH21 H  N N 38  
ARG HH22 H  N N 39  
ARG HXT  H  N N 40  
ASN N    N  N N 41  
ASN CA   C  N S 42  
ASN C    C  N N 43  
ASN O    O  N N 44  
ASN CB   C  N N 45  
ASN CG   C  N N 46  
ASN OD1  O  N N 47  
ASN ND2  N  N N 48  
ASN OXT  O  N N 49  
ASN H    H  N N 50  
ASN H2   H  N N 51  
ASN HA   H  N N 52  
ASN HB2  H  N N 53  
ASN HB3  H  N N 54  
ASN HD21 H  N N 55  
ASN HD22 H  N N 56  
ASN HXT  H  N N 57  
ASP N    N  N N 58  
ASP CA   C  N S 59  
ASP C    C  N N 60  
ASP O    O  N N 61  
ASP CB   C  N N 62  
ASP CG   C  N N 63  
ASP OD1  O  N N 64  
ASP OD2  O  N N 65  
ASP OXT  O  N N 66  
ASP H    H  N N 67  
ASP H2   H  N N 68  
ASP HA   H  N N 69  
ASP HB2  H  N N 70  
ASP HB3  H  N N 71  
ASP HD2  H  N N 72  
ASP HXT  H  N N 73  
GLN N    N  N N 74  
GLN CA   C  N S 75  
GLN C    C  N N 76  
GLN O    O  N N 77  
GLN CB   C  N N 78  
GLN CG   C  N N 79  
GLN CD   C  N N 80  
GLN OE1  O  N N 81  
GLN NE2  N  N N 82  
GLN OXT  O  N N 83  
GLN H    H  N N 84  
GLN H2   H  N N 85  
GLN HA   H  N N 86  
GLN HB2  H  N N 87  
GLN HB3  H  N N 88  
GLN HG2  H  N N 89  
GLN HG3  H  N N 90  
GLN HE21 H  N N 91  
GLN HE22 H  N N 92  
GLN HXT  H  N N 93  
GLU N    N  N N 94  
GLU CA   C  N S 95  
GLU C    C  N N 96  
GLU O    O  N N 97  
GLU CB   C  N N 98  
GLU CG   C  N N 99  
GLU CD   C  N N 100 
GLU OE1  O  N N 101 
GLU OE2  O  N N 102 
GLU OXT  O  N N 103 
GLU H    H  N N 104 
GLU H2   H  N N 105 
GLU HA   H  N N 106 
GLU HB2  H  N N 107 
GLU HB3  H  N N 108 
GLU HG2  H  N N 109 
GLU HG3  H  N N 110 
GLU HE2  H  N N 111 
GLU HXT  H  N N 112 
GLY N    N  N N 113 
GLY CA   C  N N 114 
GLY C    C  N N 115 
GLY O    O  N N 116 
GLY OXT  O  N N 117 
GLY H    H  N N 118 
GLY H2   H  N N 119 
GLY HA2  H  N N 120 
GLY HA3  H  N N 121 
GLY HXT  H  N N 122 
HIS N    N  N N 123 
HIS CA   C  N S 124 
HIS C    C  N N 125 
HIS O    O  N N 126 
HIS CB   C  N N 127 
HIS CG   C  Y N 128 
HIS ND1  N  Y N 129 
HIS CD2  C  Y N 130 
HIS CE1  C  Y N 131 
HIS NE2  N  Y N 132 
HIS OXT  O  N N 133 
HIS H    H  N N 134 
HIS H2   H  N N 135 
HIS HA   H  N N 136 
HIS HB2  H  N N 137 
HIS HB3  H  N N 138 
HIS HD1  H  N N 139 
HIS HD2  H  N N 140 
HIS HE1  H  N N 141 
HIS HE2  H  N N 142 
HIS HXT  H  N N 143 
HOH O    O  N N 144 
HOH H1   H  N N 145 
HOH H2   H  N N 146 
ILE N    N  N N 147 
ILE CA   C  N S 148 
ILE C    C  N N 149 
ILE O    O  N N 150 
ILE CB   C  N S 151 
ILE CG1  C  N N 152 
ILE CG2  C  N N 153 
ILE CD1  C  N N 154 
ILE OXT  O  N N 155 
ILE H    H  N N 156 
ILE H2   H  N N 157 
ILE HA   H  N N 158 
ILE HB   H  N N 159 
ILE HG12 H  N N 160 
ILE HG13 H  N N 161 
ILE HG21 H  N N 162 
ILE HG22 H  N N 163 
ILE HG23 H  N N 164 
ILE HD11 H  N N 165 
ILE HD12 H  N N 166 
ILE HD13 H  N N 167 
ILE HXT  H  N N 168 
LEU N    N  N N 169 
LEU CA   C  N S 170 
LEU C    C  N N 171 
LEU O    O  N N 172 
LEU CB   C  N N 173 
LEU CG   C  N N 174 
LEU CD1  C  N N 175 
LEU CD2  C  N N 176 
LEU OXT  O  N N 177 
LEU H    H  N N 178 
LEU H2   H  N N 179 
LEU HA   H  N N 180 
LEU HB2  H  N N 181 
LEU HB3  H  N N 182 
LEU HG   H  N N 183 
LEU HD11 H  N N 184 
LEU HD12 H  N N 185 
LEU HD13 H  N N 186 
LEU HD21 H  N N 187 
LEU HD22 H  N N 188 
LEU HD23 H  N N 189 
LEU HXT  H  N N 190 
LYS N    N  N N 191 
LYS CA   C  N S 192 
LYS C    C  N N 193 
LYS O    O  N N 194 
LYS CB   C  N N 195 
LYS CG   C  N N 196 
LYS CD   C  N N 197 
LYS CE   C  N N 198 
LYS NZ   N  N N 199 
LYS OXT  O  N N 200 
LYS H    H  N N 201 
LYS H2   H  N N 202 
LYS HA   H  N N 203 
LYS HB2  H  N N 204 
LYS HB3  H  N N 205 
LYS HG2  H  N N 206 
LYS HG3  H  N N 207 
LYS HD2  H  N N 208 
LYS HD3  H  N N 209 
LYS HE2  H  N N 210 
LYS HE3  H  N N 211 
LYS HZ1  H  N N 212 
LYS HZ2  H  N N 213 
LYS HZ3  H  N N 214 
LYS HXT  H  N N 215 
MSE N    N  N N 216 
MSE CA   C  N S 217 
MSE C    C  N N 218 
MSE O    O  N N 219 
MSE OXT  O  N N 220 
MSE CB   C  N N 221 
MSE CG   C  N N 222 
MSE SE   SE N N 223 
MSE CE   C  N N 224 
MSE H    H  N N 225 
MSE H2   H  N N 226 
MSE HA   H  N N 227 
MSE HXT  H  N N 228 
MSE HB2  H  N N 229 
MSE HB3  H  N N 230 
MSE HG2  H  N N 231 
MSE HG3  H  N N 232 
MSE HE1  H  N N 233 
MSE HE2  H  N N 234 
MSE HE3  H  N N 235 
PHE N    N  N N 236 
PHE CA   C  N S 237 
PHE C    C  N N 238 
PHE O    O  N N 239 
PHE CB   C  N N 240 
PHE CG   C  Y N 241 
PHE CD1  C  Y N 242 
PHE CD2  C  Y N 243 
PHE CE1  C  Y N 244 
PHE CE2  C  Y N 245 
PHE CZ   C  Y N 246 
PHE OXT  O  N N 247 
PHE H    H  N N 248 
PHE H2   H  N N 249 
PHE HA   H  N N 250 
PHE HB2  H  N N 251 
PHE HB3  H  N N 252 
PHE HD1  H  N N 253 
PHE HD2  H  N N 254 
PHE HE1  H  N N 255 
PHE HE2  H  N N 256 
PHE HZ   H  N N 257 
PHE HXT  H  N N 258 
PRO N    N  N N 259 
PRO CA   C  N S 260 
PRO C    C  N N 261 
PRO O    O  N N 262 
PRO CB   C  N N 263 
PRO CG   C  N N 264 
PRO CD   C  N N 265 
PRO OXT  O  N N 266 
PRO H    H  N N 267 
PRO HA   H  N N 268 
PRO HB2  H  N N 269 
PRO HB3  H  N N 270 
PRO HG2  H  N N 271 
PRO HG3  H  N N 272 
PRO HD2  H  N N 273 
PRO HD3  H  N N 274 
PRO HXT  H  N N 275 
SER N    N  N N 276 
SER CA   C  N S 277 
SER C    C  N N 278 
SER O    O  N N 279 
SER CB   C  N N 280 
SER OG   O  N N 281 
SER OXT  O  N N 282 
SER H    H  N N 283 
SER H2   H  N N 284 
SER HA   H  N N 285 
SER HB2  H  N N 286 
SER HB3  H  N N 287 
SER HG   H  N N 288 
SER HXT  H  N N 289 
SO4 S    S  N N 290 
SO4 O1   O  N N 291 
SO4 O2   O  N N 292 
SO4 O3   O  N N 293 
SO4 O4   O  N N 294 
THR N    N  N N 295 
THR CA   C  N S 296 
THR C    C  N N 297 
THR O    O  N N 298 
THR CB   C  N R 299 
THR OG1  O  N N 300 
THR CG2  C  N N 301 
THR OXT  O  N N 302 
THR H    H  N N 303 
THR H2   H  N N 304 
THR HA   H  N N 305 
THR HB   H  N N 306 
THR HG1  H  N N 307 
THR HG21 H  N N 308 
THR HG22 H  N N 309 
THR HG23 H  N N 310 
THR HXT  H  N N 311 
TRP N    N  N N 312 
TRP CA   C  N S 313 
TRP C    C  N N 314 
TRP O    O  N N 315 
TRP CB   C  N N 316 
TRP CG   C  Y N 317 
TRP CD1  C  Y N 318 
TRP CD2  C  Y N 319 
TRP NE1  N  Y N 320 
TRP CE2  C  Y N 321 
TRP CE3  C  Y N 322 
TRP CZ2  C  Y N 323 
TRP CZ3  C  Y N 324 
TRP CH2  C  Y N 325 
TRP OXT  O  N N 326 
TRP H    H  N N 327 
TRP H2   H  N N 328 
TRP HA   H  N N 329 
TRP HB2  H  N N 330 
TRP HB3  H  N N 331 
TRP HD1  H  N N 332 
TRP HE1  H  N N 333 
TRP HE3  H  N N 334 
TRP HZ2  H  N N 335 
TRP HZ3  H  N N 336 
TRP HH2  H  N N 337 
TRP HXT  H  N N 338 
TYR N    N  N N 339 
TYR CA   C  N S 340 
TYR C    C  N N 341 
TYR O    O  N N 342 
TYR CB   C  N N 343 
TYR CG   C  Y N 344 
TYR CD1  C  Y N 345 
TYR CD2  C  Y N 346 
TYR CE1  C  Y N 347 
TYR CE2  C  Y N 348 
TYR CZ   C  Y N 349 
TYR OH   O  N N 350 
TYR OXT  O  N N 351 
TYR H    H  N N 352 
TYR H2   H  N N 353 
TYR HA   H  N N 354 
TYR HB2  H  N N 355 
TYR HB3  H  N N 356 
TYR HD1  H  N N 357 
TYR HD2  H  N N 358 
TYR HE1  H  N N 359 
TYR HE2  H  N N 360 
TYR HH   H  N N 361 
TYR HXT  H  N N 362 
VAL N    N  N N 363 
VAL CA   C  N S 364 
VAL C    C  N N 365 
VAL O    O  N N 366 
VAL CB   C  N N 367 
VAL CG1  C  N N 368 
VAL CG2  C  N N 369 
VAL OXT  O  N N 370 
VAL H    H  N N 371 
VAL H2   H  N N 372 
VAL HA   H  N N 373 
VAL HB   H  N N 374 
VAL HG11 H  N N 375 
VAL HG12 H  N N 376 
VAL HG13 H  N N 377 
VAL HG21 H  N N 378 
VAL HG22 H  N N 379 
VAL HG23 H  N N 380 
VAL HXT  H  N N 381 
# 
loop_
_chem_comp_bond.comp_id 
_chem_comp_bond.atom_id_1 
_chem_comp_bond.atom_id_2 
_chem_comp_bond.value_order 
_chem_comp_bond.pdbx_aromatic_flag 
_chem_comp_bond.pdbx_stereo_config 
_chem_comp_bond.pdbx_ordinal 
ALA N   CA   sing N N 1   
ALA N   H    sing N N 2   
ALA N   H2   sing N N 3   
ALA CA  C    sing N N 4   
ALA CA  CB   sing N N 5   
ALA CA  HA   sing N N 6   
ALA C   O    doub N N 7   
ALA C   OXT  sing N N 8   
ALA CB  HB1  sing N N 9   
ALA CB  HB2  sing N N 10  
ALA CB  HB3  sing N N 11  
ALA OXT HXT  sing N N 12  
ARG N   CA   sing N N 13  
ARG N   H    sing N N 14  
ARG N   H2   sing N N 15  
ARG CA  C    sing N N 16  
ARG CA  CB   sing N N 17  
ARG CA  HA   sing N N 18  
ARG C   O    doub N N 19  
ARG C   OXT  sing N N 20  
ARG CB  CG   sing N N 21  
ARG CB  HB2  sing N N 22  
ARG CB  HB3  sing N N 23  
ARG CG  CD   sing N N 24  
ARG CG  HG2  sing N N 25  
ARG CG  HG3  sing N N 26  
ARG CD  NE   sing N N 27  
ARG CD  HD2  sing N N 28  
ARG CD  HD3  sing N N 29  
ARG NE  CZ   sing N N 30  
ARG NE  HE   sing N N 31  
ARG CZ  NH1  sing N N 32  
ARG CZ  NH2  doub N N 33  
ARG NH1 HH11 sing N N 34  
ARG NH1 HH12 sing N N 35  
ARG NH2 HH21 sing N N 36  
ARG NH2 HH22 sing N N 37  
ARG OXT HXT  sing N N 38  
ASN N   CA   sing N N 39  
ASN N   H    sing N N 40  
ASN N   H2   sing N N 41  
ASN CA  C    sing N N 42  
ASN CA  CB   sing N N 43  
ASN CA  HA   sing N N 44  
ASN C   O    doub N N 45  
ASN C   OXT  sing N N 46  
ASN CB  CG   sing N N 47  
ASN CB  HB2  sing N N 48  
ASN CB  HB3  sing N N 49  
ASN CG  OD1  doub N N 50  
ASN CG  ND2  sing N N 51  
ASN ND2 HD21 sing N N 52  
ASN ND2 HD22 sing N N 53  
ASN OXT HXT  sing N N 54  
ASP N   CA   sing N N 55  
ASP N   H    sing N N 56  
ASP N   H2   sing N N 57  
ASP CA  C    sing N N 58  
ASP CA  CB   sing N N 59  
ASP CA  HA   sing N N 60  
ASP C   O    doub N N 61  
ASP C   OXT  sing N N 62  
ASP CB  CG   sing N N 63  
ASP CB  HB2  sing N N 64  
ASP CB  HB3  sing N N 65  
ASP CG  OD1  doub N N 66  
ASP CG  OD2  sing N N 67  
ASP OD2 HD2  sing N N 68  
ASP OXT HXT  sing N N 69  
GLN N   CA   sing N N 70  
GLN N   H    sing N N 71  
GLN N   H2   sing N N 72  
GLN CA  C    sing N N 73  
GLN CA  CB   sing N N 74  
GLN CA  HA   sing N N 75  
GLN C   O    doub N N 76  
GLN C   OXT  sing N N 77  
GLN CB  CG   sing N N 78  
GLN CB  HB2  sing N N 79  
GLN CB  HB3  sing N N 80  
GLN CG  CD   sing N N 81  
GLN CG  HG2  sing N N 82  
GLN CG  HG3  sing N N 83  
GLN CD  OE1  doub N N 84  
GLN CD  NE2  sing N N 85  
GLN NE2 HE21 sing N N 86  
GLN NE2 HE22 sing N N 87  
GLN OXT HXT  sing N N 88  
GLU N   CA   sing N N 89  
GLU N   H    sing N N 90  
GLU N   H2   sing N N 91  
GLU CA  C    sing N N 92  
GLU CA  CB   sing N N 93  
GLU CA  HA   sing N N 94  
GLU C   O    doub N N 95  
GLU C   OXT  sing N N 96  
GLU CB  CG   sing N N 97  
GLU CB  HB2  sing N N 98  
GLU CB  HB3  sing N N 99  
GLU CG  CD   sing N N 100 
GLU CG  HG2  sing N N 101 
GLU CG  HG3  sing N N 102 
GLU CD  OE1  doub N N 103 
GLU CD  OE2  sing N N 104 
GLU OE2 HE2  sing N N 105 
GLU OXT HXT  sing N N 106 
GLY N   CA   sing N N 107 
GLY N   H    sing N N 108 
GLY N   H2   sing N N 109 
GLY CA  C    sing N N 110 
GLY CA  HA2  sing N N 111 
GLY CA  HA3  sing N N 112 
GLY C   O    doub N N 113 
GLY C   OXT  sing N N 114 
GLY OXT HXT  sing N N 115 
HIS N   CA   sing N N 116 
HIS N   H    sing N N 117 
HIS N   H2   sing N N 118 
HIS CA  C    sing N N 119 
HIS CA  CB   sing N N 120 
HIS CA  HA   sing N N 121 
HIS C   O    doub N N 122 
HIS C   OXT  sing N N 123 
HIS CB  CG   sing N N 124 
HIS CB  HB2  sing N N 125 
HIS CB  HB3  sing N N 126 
HIS CG  ND1  sing Y N 127 
HIS CG  CD2  doub Y N 128 
HIS ND1 CE1  doub Y N 129 
HIS ND1 HD1  sing N N 130 
HIS CD2 NE2  sing Y N 131 
HIS CD2 HD2  sing N N 132 
HIS CE1 NE2  sing Y N 133 
HIS CE1 HE1  sing N N 134 
HIS NE2 HE2  sing N N 135 
HIS OXT HXT  sing N N 136 
HOH O   H1   sing N N 137 
HOH O   H2   sing N N 138 
ILE N   CA   sing N N 139 
ILE N   H    sing N N 140 
ILE N   H2   sing N N 141 
ILE CA  C    sing N N 142 
ILE CA  CB   sing N N 143 
ILE CA  HA   sing N N 144 
ILE C   O    doub N N 145 
ILE C   OXT  sing N N 146 
ILE CB  CG1  sing N N 147 
ILE CB  CG2  sing N N 148 
ILE CB  HB   sing N N 149 
ILE CG1 CD1  sing N N 150 
ILE CG1 HG12 sing N N 151 
ILE CG1 HG13 sing N N 152 
ILE CG2 HG21 sing N N 153 
ILE CG2 HG22 sing N N 154 
ILE CG2 HG23 sing N N 155 
ILE CD1 HD11 sing N N 156 
ILE CD1 HD12 sing N N 157 
ILE CD1 HD13 sing N N 158 
ILE OXT HXT  sing N N 159 
LEU N   CA   sing N N 160 
LEU N   H    sing N N 161 
LEU N   H2   sing N N 162 
LEU CA  C    sing N N 163 
LEU CA  CB   sing N N 164 
LEU CA  HA   sing N N 165 
LEU C   O    doub N N 166 
LEU C   OXT  sing N N 167 
LEU CB  CG   sing N N 168 
LEU CB  HB2  sing N N 169 
LEU CB  HB3  sing N N 170 
LEU CG  CD1  sing N N 171 
LEU CG  CD2  sing N N 172 
LEU CG  HG   sing N N 173 
LEU CD1 HD11 sing N N 174 
LEU CD1 HD12 sing N N 175 
LEU CD1 HD13 sing N N 176 
LEU CD2 HD21 sing N N 177 
LEU CD2 HD22 sing N N 178 
LEU CD2 HD23 sing N N 179 
LEU OXT HXT  sing N N 180 
LYS N   CA   sing N N 181 
LYS N   H    sing N N 182 
LYS N   H2   sing N N 183 
LYS CA  C    sing N N 184 
LYS CA  CB   sing N N 185 
LYS CA  HA   sing N N 186 
LYS C   O    doub N N 187 
LYS C   OXT  sing N N 188 
LYS CB  CG   sing N N 189 
LYS CB  HB2  sing N N 190 
LYS CB  HB3  sing N N 191 
LYS CG  CD   sing N N 192 
LYS CG  HG2  sing N N 193 
LYS CG  HG3  sing N N 194 
LYS CD  CE   sing N N 195 
LYS CD  HD2  sing N N 196 
LYS CD  HD3  sing N N 197 
LYS CE  NZ   sing N N 198 
LYS CE  HE2  sing N N 199 
LYS CE  HE3  sing N N 200 
LYS NZ  HZ1  sing N N 201 
LYS NZ  HZ2  sing N N 202 
LYS NZ  HZ3  sing N N 203 
LYS OXT HXT  sing N N 204 
MSE N   CA   sing N N 205 
MSE N   H    sing N N 206 
MSE N   H2   sing N N 207 
MSE CA  C    sing N N 208 
MSE CA  CB   sing N N 209 
MSE CA  HA   sing N N 210 
MSE C   O    doub N N 211 
MSE C   OXT  sing N N 212 
MSE OXT HXT  sing N N 213 
MSE CB  CG   sing N N 214 
MSE CB  HB2  sing N N 215 
MSE CB  HB3  sing N N 216 
MSE CG  SE   sing N N 217 
MSE CG  HG2  sing N N 218 
MSE CG  HG3  sing N N 219 
MSE SE  CE   sing N N 220 
MSE CE  HE1  sing N N 221 
MSE CE  HE2  sing N N 222 
MSE CE  HE3  sing N N 223 
PHE N   CA   sing N N 224 
PHE N   H    sing N N 225 
PHE N   H2   sing N N 226 
PHE CA  C    sing N N 227 
PHE CA  CB   sing N N 228 
PHE CA  HA   sing N N 229 
PHE C   O    doub N N 230 
PHE C   OXT  sing N N 231 
PHE CB  CG   sing N N 232 
PHE CB  HB2  sing N N 233 
PHE CB  HB3  sing N N 234 
PHE CG  CD1  doub Y N 235 
PHE CG  CD2  sing Y N 236 
PHE CD1 CE1  sing Y N 237 
PHE CD1 HD1  sing N N 238 
PHE CD2 CE2  doub Y N 239 
PHE CD2 HD2  sing N N 240 
PHE CE1 CZ   doub Y N 241 
PHE CE1 HE1  sing N N 242 
PHE CE2 CZ   sing Y N 243 
PHE CE2 HE2  sing N N 244 
PHE CZ  HZ   sing N N 245 
PHE OXT HXT  sing N N 246 
PRO N   CA   sing N N 247 
PRO N   CD   sing N N 248 
PRO N   H    sing N N 249 
PRO CA  C    sing N N 250 
PRO CA  CB   sing N N 251 
PRO CA  HA   sing N N 252 
PRO C   O    doub N N 253 
PRO C   OXT  sing N N 254 
PRO CB  CG   sing N N 255 
PRO CB  HB2  sing N N 256 
PRO CB  HB3  sing N N 257 
PRO CG  CD   sing N N 258 
PRO CG  HG2  sing N N 259 
PRO CG  HG3  sing N N 260 
PRO CD  HD2  sing N N 261 
PRO CD  HD3  sing N N 262 
PRO OXT HXT  sing N N 263 
SER N   CA   sing N N 264 
SER N   H    sing N N 265 
SER N   H2   sing N N 266 
SER CA  C    sing N N 267 
SER CA  CB   sing N N 268 
SER CA  HA   sing N N 269 
SER C   O    doub N N 270 
SER C   OXT  sing N N 271 
SER CB  OG   sing N N 272 
SER CB  HB2  sing N N 273 
SER CB  HB3  sing N N 274 
SER OG  HG   sing N N 275 
SER OXT HXT  sing N N 276 
SO4 S   O1   doub N N 277 
SO4 S   O2   doub N N 278 
SO4 S   O3   sing N N 279 
SO4 S   O4   sing N N 280 
THR N   CA   sing N N 281 
THR N   H    sing N N 282 
THR N   H2   sing N N 283 
THR CA  C    sing N N 284 
THR CA  CB   sing N N 285 
THR CA  HA   sing N N 286 
THR C   O    doub N N 287 
THR C   OXT  sing N N 288 
THR CB  OG1  sing N N 289 
THR CB  CG2  sing N N 290 
THR CB  HB   sing N N 291 
THR OG1 HG1  sing N N 292 
THR CG2 HG21 sing N N 293 
THR CG2 HG22 sing N N 294 
THR CG2 HG23 sing N N 295 
THR OXT HXT  sing N N 296 
TRP N   CA   sing N N 297 
TRP N   H    sing N N 298 
TRP N   H2   sing N N 299 
TRP CA  C    sing N N 300 
TRP CA  CB   sing N N 301 
TRP CA  HA   sing N N 302 
TRP C   O    doub N N 303 
TRP C   OXT  sing N N 304 
TRP CB  CG   sing N N 305 
TRP CB  HB2  sing N N 306 
TRP CB  HB3  sing N N 307 
TRP CG  CD1  doub Y N 308 
TRP CG  CD2  sing Y N 309 
TRP CD1 NE1  sing Y N 310 
TRP CD1 HD1  sing N N 311 
TRP CD2 CE2  doub Y N 312 
TRP CD2 CE3  sing Y N 313 
TRP NE1 CE2  sing Y N 314 
TRP NE1 HE1  sing N N 315 
TRP CE2 CZ2  sing Y N 316 
TRP CE3 CZ3  doub Y N 317 
TRP CE3 HE3  sing N N 318 
TRP CZ2 CH2  doub Y N 319 
TRP CZ2 HZ2  sing N N 320 
TRP CZ3 CH2  sing Y N 321 
TRP CZ3 HZ3  sing N N 322 
TRP CH2 HH2  sing N N 323 
TRP OXT HXT  sing N N 324 
TYR N   CA   sing N N 325 
TYR N   H    sing N N 326 
TYR N   H2   sing N N 327 
TYR CA  C    sing N N 328 
TYR CA  CB   sing N N 329 
TYR CA  HA   sing N N 330 
TYR C   O    doub N N 331 
TYR C   OXT  sing N N 332 
TYR CB  CG   sing N N 333 
TYR CB  HB2  sing N N 334 
TYR CB  HB3  sing N N 335 
TYR CG  CD1  doub Y N 336 
TYR CG  CD2  sing Y N 337 
TYR CD1 CE1  sing Y N 338 
TYR CD1 HD1  sing N N 339 
TYR CD2 CE2  doub Y N 340 
TYR CD2 HD2  sing N N 341 
TYR CE1 CZ   doub Y N 342 
TYR CE1 HE1  sing N N 343 
TYR CE2 CZ   sing Y N 344 
TYR CE2 HE2  sing N N 345 
TYR CZ  OH   sing N N 346 
TYR OH  HH   sing N N 347 
TYR OXT HXT  sing N N 348 
VAL N   CA   sing N N 349 
VAL N   H    sing N N 350 
VAL N   H2   sing N N 351 
VAL CA  C    sing N N 352 
VAL CA  CB   sing N N 353 
VAL CA  HA   sing N N 354 
VAL C   O    doub N N 355 
VAL C   OXT  sing N N 356 
VAL CB  CG1  sing N N 357 
VAL CB  CG2  sing N N 358 
VAL CB  HB   sing N N 359 
VAL CG1 HG11 sing N N 360 
VAL CG1 HG12 sing N N 361 
VAL CG1 HG13 sing N N 362 
VAL CG2 HG21 sing N N 363 
VAL CG2 HG22 sing N N 364 
VAL CG2 HG23 sing N N 365 
VAL OXT HXT  sing N N 366 
# 
_atom_sites.entry_id                    4JEL 
_atom_sites.fract_transf_matrix[1][1]   -0.00082626 
_atom_sites.fract_transf_matrix[1][2]   -0.00502214 
_atom_sites.fract_transf_matrix[1][3]   -0.01065076 
_atom_sites.fract_transf_matrix[2][1]   -0.00183479 
_atom_sites.fract_transf_matrix[2][2]   0.00668765 
_atom_sites.fract_transf_matrix[2][3]   -0.00955214 
_atom_sites.fract_transf_matrix[3][1]   0.01595997 
_atom_sites.fract_transf_matrix[3][2]   0.00155975 
_atom_sites.fract_transf_matrix[3][3]   -0.00197360 
_atom_sites.fract_transf_vector[1]      0.315849 
_atom_sites.fract_transf_vector[2]      0.398310 
_atom_sites.fract_transf_vector[3]      0.593229 
# 
loop_
_atom_type.symbol 
C  
N  
O  
S  
SE 
# 
loop_
_atom_site.group_PDB 
_atom_site.id 
_atom_site.type_symbol 
_atom_site.label_atom_id 
_atom_site.label_alt_id 
_atom_site.label_comp_id 
_atom_site.label_asym_id 
_atom_site.label_entity_id 
_atom_site.label_seq_id 
_atom_site.pdbx_PDB_ins_code 
_atom_site.Cartn_x 
_atom_site.Cartn_y 
_atom_site.Cartn_z 
_atom_site.occupancy 
_atom_site.B_iso_or_equiv 
_atom_site.pdbx_formal_charge 
_atom_site.auth_seq_id 
_atom_site.auth_comp_id 
_atom_site.auth_asym_id 
_atom_site.auth_atom_id 
_atom_site.pdbx_PDB_model_num 
ATOM   1    N  N   . PRO A 1 34  ? 8.834   -18.349 3.240   1.00 37.57 ? 11  PRO A N   1 
ATOM   2    C  CA  . PRO A 1 34  ? 9.302   -17.040 2.769   1.00 33.64 ? 11  PRO A CA  1 
ATOM   3    C  C   . PRO A 1 34  ? 9.786   -16.179 3.925   1.00 32.22 ? 11  PRO A C   1 
ATOM   4    O  O   . PRO A 1 34  ? 9.341   -16.359 5.062   1.00 34.14 ? 11  PRO A O   1 
ATOM   5    C  CB  . PRO A 1 34  ? 8.044   -16.418 2.157   1.00 34.26 ? 11  PRO A CB  1 
ATOM   6    C  CG  . PRO A 1 34  ? 6.914   -17.068 2.890   1.00 35.01 ? 11  PRO A CG  1 
ATOM   7    C  CD  . PRO A 1 34  ? 7.366   -18.472 3.182   1.00 35.03 ? 11  PRO A CD  1 
ATOM   8    N  N   . ALA A 1 35  ? 10.686  -15.246 3.640   1.00 33.43 ? 12  ALA A N   1 
ATOM   9    C  CA  . ALA A 1 35  ? 11.146  -14.311 4.659   1.00 32.16 ? 12  ALA A CA  1 
ATOM   10   C  C   . ALA A 1 35  ? 9.980   -13.467 5.166   1.00 33.68 ? 12  ALA A C   1 
ATOM   11   O  O   . ALA A 1 35  ? 9.826   -13.251 6.371   1.00 36.48 ? 12  ALA A O   1 
ATOM   12   C  CB  . ALA A 1 35  ? 12.229  -13.417 4.096   1.00 32.94 ? 12  ALA A CB  1 
ATOM   13   N  N   . VAL A 1 36  ? 9.171   -12.978 4.234   1.00 32.04 ? 13  VAL A N   1 
ATOM   14   C  CA  . VAL A 1 36  ? 7.991   -12.204 4.584   1.00 29.66 ? 13  VAL A CA  1 
ATOM   15   C  C   . VAL A 1 36  ? 6.755   -13.073 4.423   1.00 27.28 ? 13  VAL A C   1 
ATOM   16   O  O   . VAL A 1 36  ? 6.473   -13.550 3.325   1.00 28.23 ? 13  VAL A O   1 
ATOM   17   C  CB  . VAL A 1 36  ? 7.874   -10.953 3.707   1.00 30.61 ? 13  VAL A CB  1 
ATOM   18   C  CG1 . VAL A 1 36  ? 6.775   -10.045 4.234   1.00 29.10 ? 13  VAL A CG1 1 
ATOM   19   C  CG2 . VAL A 1 36  ? 9.197   -10.210 3.691   1.00 33.21 ? 13  VAL A CG2 1 
ATOM   20   N  N   . GLY A 1 37  ? 6.032   -13.292 5.519   1.00 28.00 ? 14  GLY A N   1 
ATOM   21   C  CA  . GLY A 1 37  ? 4.876   -14.170 5.502   1.00 26.58 ? 14  GLY A CA  1 
ATOM   22   C  C   . GLY A 1 37  ? 3.699   -13.563 4.767   1.00 26.89 ? 14  GLY A C   1 
ATOM   23   O  O   . GLY A 1 37  ? 3.062   -14.228 3.953   1.00 24.55 ? 14  GLY A O   1 
ATOM   24   N  N   . SER A 1 38  ? 3.409   -12.295 5.055   1.00 25.38 ? 15  SER A N   1 
ATOM   25   C  CA  . SER A 1 38  ? 2.297   -11.609 4.414   1.00 22.51 ? 15  SER A CA  1 
ATOM   26   C  C   . SER A 1 38  ? 2.511   -10.100 4.371   1.00 23.60 ? 15  SER A C   1 
ATOM   27   O  O   . SER A 1 38  ? 3.189   -9.528  5.228   1.00 22.11 ? 15  SER A O   1 
ATOM   28   C  CB  . SER A 1 38  ? 0.981   -11.923 5.123   1.00 23.57 ? 15  SER A CB  1 
ATOM   29   O  OG  . SER A 1 38  ? 1.042   -11.593 6.500   1.00 24.85 ? 15  SER A OG  1 
ATOM   30   N  N   . VAL A 1 39  ? 1.912   -9.460  3.372   1.00 22.05 ? 16  VAL A N   1 
ATOM   31   C  CA  . VAL A 1 39  ? 1.963   -8.010  3.250   1.00 20.74 ? 16  VAL A CA  1 
ATOM   32   C  C   . VAL A 1 39  ? 0.556   -7.513  2.941   1.00 21.10 ? 16  VAL A C   1 
ATOM   33   O  O   . VAL A 1 39  ? -0.216  -8.206  2.273   1.00 20.33 ? 16  VAL A O   1 
ATOM   34   C  CB  . VAL A 1 39  ? 2.961   -7.589  2.133   1.00 23.23 ? 16  VAL A CB  1 
ATOM   35   C  CG1 . VAL A 1 39  ? 2.765   -8.434  0.918   1.00 26.01 ? 16  VAL A CG1 1 
ATOM   36   C  CG2 . VAL A 1 39  ? 2.800   -6.127  1.749   1.00 21.93 ? 16  VAL A CG2 1 
ATOM   37   N  N   . PHE A 1 40  ? 0.207   -6.337  3.457   1.00 21.18 ? 17  PHE A N   1 
ATOM   38   C  CA  . PHE A 1 40  ? -0.974  -5.639  2.974   1.00 19.74 ? 17  PHE A CA  1 
ATOM   39   C  C   . PHE A 1 40  ? -0.498  -4.499  2.092   1.00 19.73 ? 17  PHE A C   1 
ATOM   40   O  O   . PHE A 1 40  ? 0.279   -3.663  2.549   1.00 17.11 ? 17  PHE A O   1 
ATOM   41   C  CB  . PHE A 1 40  ? -1.785  -5.085  4.139   1.00 21.07 ? 17  PHE A CB  1 
ATOM   42   C  CG  . PHE A 1 40  ? -3.064  -4.415  3.713   1.00 20.46 ? 17  PHE A CG  1 
ATOM   43   C  CD1 . PHE A 1 40  ? -3.065  -3.087  3.291   1.00 19.69 ? 17  PHE A CD1 1 
ATOM   44   C  CD2 . PHE A 1 40  ? -4.264  -5.115  3.731   1.00 20.13 ? 17  PHE A CD2 1 
ATOM   45   C  CE1 . PHE A 1 40  ? -4.249  -2.466  2.895   1.00 21.20 ? 17  PHE A CE1 1 
ATOM   46   C  CE2 . PHE A 1 40  ? -5.451  -4.501  3.332   1.00 24.06 ? 17  PHE A CE2 1 
ATOM   47   C  CZ  . PHE A 1 40  ? -5.438  -3.165  2.921   1.00 20.61 ? 17  PHE A CZ  1 
ATOM   48   N  N   . LEU A 1 41  ? -0.953  -4.470  0.838   1.00 17.57 ? 18  LEU A N   1 
ATOM   49   C  CA  . LEU A 1 41  ? -0.557  -3.419  -0.105  1.00 20.97 ? 18  LEU A CA  1 
ATOM   50   C  C   . LEU A 1 41  ? -1.689  -2.406  -0.263  1.00 20.85 ? 18  LEU A C   1 
ATOM   51   O  O   . LEU A 1 41  ? -2.804  -2.760  -0.657  1.00 21.23 ? 18  LEU A O   1 
ATOM   52   C  CB  . LEU A 1 41  ? -0.194  -4.028  -1.470  1.00 21.22 ? 18  LEU A CB  1 
ATOM   53   C  CG  . LEU A 1 41  ? 0.242   -3.139  -2.640  1.00 22.09 ? 18  LEU A CG  1 
ATOM   54   C  CD1 . LEU A 1 41  ? 1.519   -2.366  -2.318  1.00 23.44 ? 18  LEU A CD1 1 
ATOM   55   C  CD2 . LEU A 1 41  ? 0.457   -3.982  -3.900  1.00 23.81 ? 18  LEU A CD2 1 
ATOM   56   N  N   . GLY A 1 42  ? -1.404  -1.148  0.060   1.00 20.84 ? 19  GLY A N   1 
ATOM   57   C  CA  . GLY A 1 42  ? -2.405  -0.103  -0.022  1.00 19.20 ? 19  GLY A CA  1 
ATOM   58   C  C   . GLY A 1 42  ? -2.050  0.978   -1.028  1.00 18.58 ? 19  GLY A C   1 
ATOM   59   O  O   . GLY A 1 42  ? -0.919  1.059   -1.528  1.00 18.42 ? 19  GLY A O   1 
ATOM   60   N  N   . GLY A 1 43  ? -3.028  1.815   -1.340  1.00 18.82 ? 20  GLY A N   1 
ATOM   61   C  CA  . GLY A 1 43  ? -2.809  2.881   -2.295  1.00 19.75 ? 20  GLY A CA  1 
ATOM   62   C  C   . GLY A 1 43  ? -4.119  3.489   -2.732  1.00 21.71 ? 20  GLY A C   1 
ATOM   63   O  O   . GLY A 1 43  ? -5.189  2.955   -2.399  1.00 20.16 ? 20  GLY A O   1 
ATOM   64   N  N   . PRO A 1 44  ? -4.049  4.603   -3.484  1.00 21.99 ? 21  PRO A N   1 
ATOM   65   C  CA  . PRO A 1 44  ? -5.277  5.236   -3.975  1.00 24.22 ? 21  PRO A CA  1 
ATOM   66   C  C   . PRO A 1 44  ? -6.098  4.190   -4.697  1.00 26.40 ? 21  PRO A C   1 
ATOM   67   O  O   . PRO A 1 44  ? -5.534  3.355   -5.421  1.00 24.02 ? 21  PRO A O   1 
ATOM   68   C  CB  . PRO A 1 44  ? -4.770  6.260   -4.995  1.00 23.92 ? 21  PRO A CB  1 
ATOM   69   C  CG  . PRO A 1 44  ? -3.370  6.548   -4.583  1.00 24.05 ? 21  PRO A CG  1 
ATOM   70   C  CD  . PRO A 1 44  ? -2.840  5.237   -4.033  1.00 22.52 ? 21  PRO A CD  1 
ATOM   71   N  N   . PHE A 1 45  ? -7.406  4.228   -4.497  1.00 26.14 ? 22  PHE A N   1 
ATOM   72   C  CA  . PHE A 1 45  ? -8.286  3.280   -5.139  1.00 26.58 ? 22  PHE A CA  1 
ATOM   73   C  C   . PHE A 1 45  ? -9.371  4.069   -5.886  1.00 27.52 ? 22  PHE A C   1 
ATOM   74   O  O   . PHE A 1 45  ? -9.287  4.232   -7.096  1.00 28.03 ? 22  PHE A O   1 
ATOM   75   C  CB  . PHE A 1 45  ? -8.851  2.321   -4.083  1.00 26.10 ? 22  PHE A CB  1 
ATOM   76   C  CG  . PHE A 1 45  ? -9.570  1.127   -4.653  1.00 26.81 ? 22  PHE A CG  1 
ATOM   77   C  CD1 . PHE A 1 45  ? -9.669  0.936   -6.028  1.00 27.41 ? 22  PHE A CD1 1 
ATOM   78   C  CD2 . PHE A 1 45  ? -10.169 0.207   -3.808  1.00 27.10 ? 22  PHE A CD2 1 
ATOM   79   C  CE1 . PHE A 1 45  ? -10.345 -0.159  -6.552  1.00 27.06 ? 22  PHE A CE1 1 
ATOM   80   C  CE2 . PHE A 1 45  ? -10.844 -0.893  -4.323  1.00 27.59 ? 22  PHE A CE2 1 
ATOM   81   C  CZ  . PHE A 1 45  ? -10.931 -1.068  -5.702  1.00 26.65 ? 22  PHE A CZ  1 
ATOM   82   N  N   . ARG A 1 46  ? -10.358 4.597   -5.171  1.00 30.11 ? 23  ARG A N   1 
ATOM   83   C  CA  . ARG A 1 46  ? -11.465 5.306   -5.830  1.00 31.78 ? 23  ARG A CA  1 
ATOM   84   C  C   . ARG A 1 46  ? -11.035 6.410   -6.815  1.00 34.39 ? 23  ARG A C   1 
ATOM   85   O  O   . ARG A 1 46  ? -11.624 6.553   -7.892  1.00 34.52 ? 23  ARG A O   1 
ATOM   86   C  CB  . ARG A 1 46  ? -12.432 5.881   -4.796  1.00 35.57 ? 23  ARG A CB  1 
ATOM   87   C  CG  . ARG A 1 46  ? -13.529 6.727   -5.418  1.00 38.46 ? 23  ARG A CG  1 
ATOM   88   C  CD  . ARG A 1 46  ? -14.462 7.270   -4.365  1.00 40.21 ? 23  ARG A CD  1 
ATOM   89   N  NE  . ARG A 1 46  ? -15.000 6.184   -3.553  1.00 42.44 ? 23  ARG A NE  1 
ATOM   90   C  CZ  . ARG A 1 46  ? -15.996 5.394   -3.937  1.00 41.98 ? 23  ARG A CZ  1 
ATOM   91   N  NH1 . ARG A 1 46  ? -16.572 5.568   -5.124  1.00 41.22 ? 23  ARG A NH1 1 
ATOM   92   N  NH2 . ARG A 1 46  ? -16.415 4.431   -3.135  1.00 39.93 ? 23  ARG A NH2 1 
ATOM   93   N  N   . GLN A 1 47  ? -10.002 7.171   -6.459  1.00 32.32 ? 24  GLN A N   1 
ATOM   94   C  CA  . GLN A 1 47  ? -9.535  8.275   -7.302  1.00 30.84 ? 24  GLN A CA  1 
ATOM   95   C  C   . GLN A 1 47  ? -8.857  7.778   -8.570  1.00 32.23 ? 24  GLN A C   1 
ATOM   96   O  O   . GLN A 1 47  ? -8.648  8.546   -9.511  1.00 33.87 ? 24  GLN A O   1 
ATOM   97   C  CB  . GLN A 1 47  ? -8.570  9.181   -6.523  1.00 32.33 ? 24  GLN A CB  1 
ATOM   98   C  CG  . GLN A 1 47  ? -7.172  8.598   -6.320  1.00 28.73 ? 24  GLN A CG  1 
ATOM   99   C  CD  . GLN A 1 47  ? -6.406  9.297   -5.184  1.00 30.28 ? 24  GLN A CD  1 
ATOM   100  O  OE1 . GLN A 1 47  ? -6.906  9.394   -4.054  1.00 24.89 ? 24  GLN A OE1 1 
ATOM   101  N  NE2 . GLN A 1 47  ? -5.190  9.787   -5.488  1.00 27.24 ? 24  GLN A NE2 1 
ATOM   102  N  N   . LEU A 1 48  ? -8.505  6.498   -8.597  1.00 28.00 ? 25  LEU A N   1 
ATOM   103  C  CA  . LEU A 1 48  ? -7.926  5.917   -9.803  1.00 30.46 ? 25  LEU A CA  1 
ATOM   104  C  C   . LEU A 1 48  ? -9.010  5.305   -10.684 1.00 32.67 ? 25  LEU A C   1 
ATOM   105  O  O   . LEU A 1 48  ? -8.727  4.906   -11.813 1.00 31.85 ? 25  LEU A O   1 
ATOM   106  C  CB  . LEU A 1 48  ? -6.894  4.840   -9.480  1.00 28.02 ? 25  LEU A CB  1 
ATOM   107  C  CG  . LEU A 1 48  ? -5.640  5.237   -8.708  1.00 30.62 ? 25  LEU A CG  1 
ATOM   108  C  CD1 . LEU A 1 48  ? -4.637  4.082   -8.734  1.00 29.88 ? 25  LEU A CD1 1 
ATOM   109  C  CD2 . LEU A 1 48  ? -5.026  6.515   -9.271  1.00 30.07 ? 25  LEU A CD2 1 
ATOM   110  N  N   . VAL A 1 49  ? -10.233 5.227   -10.158 1.00 31.71 ? 26  VAL A N   1 
ATOM   111  C  CA  . VAL A 1 49  ? -11.352 4.636   -10.894 1.00 33.61 ? 26  VAL A CA  1 
ATOM   112  C  C   . VAL A 1 49  ? -11.990 5.627   -11.866 1.00 36.86 ? 26  VAL A C   1 
ATOM   113  O  O   . VAL A 1 49  ? -12.696 6.559   -11.455 1.00 38.00 ? 26  VAL A O   1 
ATOM   114  C  CB  . VAL A 1 49  ? -12.435 4.049   -9.945  1.00 34.69 ? 26  VAL A CB  1 
ATOM   115  C  CG1 . VAL A 1 49  ? -13.590 3.468   -10.745 1.00 35.15 ? 26  VAL A CG1 1 
ATOM   116  C  CG2 . VAL A 1 49  ? -11.839 2.967   -9.071  1.00 31.82 ? 26  VAL A CG2 1 
ATOM   117  N  N   . ASP A 1 50  ? -11.707 5.419   -13.152 1.00 38.29 ? 27  ASP A N   1 
ATOM   118  C  CA  . ASP A 1 50  ? -12.306 6.168   -14.254 1.00 39.41 ? 27  ASP A CA  1 
ATOM   119  C  C   . ASP A 1 50  ? -13.815 5.921   -14.251 1.00 40.84 ? 27  ASP A C   1 
ATOM   120  O  O   . ASP A 1 50  ? -14.270 4.820   -14.582 1.00 40.64 ? 27  ASP A O   1 
ATOM   121  C  CB  . ASP A 1 50  ? -11.692 5.664   -15.563 1.00 39.37 ? 27  ASP A CB  1 
ATOM   122  C  CG  . ASP A 1 50  ? -11.916 6.604   -16.738 1.00 41.77 ? 27  ASP A CG  1 
ATOM   123  O  OD1 . ASP A 1 50  ? -12.893 7.386   -16.729 1.00 41.95 ? 27  ASP A OD1 1 
ATOM   124  O  OD2 . ASP A 1 50  ? -11.102 6.543   -17.690 1.00 42.19 ? 27  ASP A OD2 1 
ATOM   125  N  N   . PRO A 1 51  ? -14.603 6.943   -13.874 1.00 41.69 ? 28  PRO A N   1 
ATOM   126  C  CA  . PRO A 1 51  ? -16.056 6.795   -13.726 1.00 42.19 ? 28  PRO A CA  1 
ATOM   127  C  C   . PRO A 1 51  ? -16.745 6.634   -15.080 1.00 44.97 ? 28  PRO A C   1 
ATOM   128  O  O   . PRO A 1 51  ? -17.944 6.333   -15.142 1.00 44.02 ? 28  PRO A O   1 
ATOM   129  C  CB  . PRO A 1 51  ? -16.468 8.117   -13.082 1.00 44.24 ? 28  PRO A CB  1 
ATOM   130  C  CG  . PRO A 1 51  ? -15.480 9.094   -13.618 1.00 42.10 ? 28  PRO A CG  1 
ATOM   131  C  CD  . PRO A 1 51  ? -14.174 8.341   -13.694 1.00 41.51 ? 28  PRO A CD  1 
ATOM   132  N  N   . ARG A 1 52  ? -15.985 6.840   -16.153 1.00 43.21 ? 29  ARG A N   1 
ATOM   133  C  CA  . ARG A 1 52  ? -16.472 6.602   -17.502 1.00 41.62 ? 29  ARG A CA  1 
ATOM   134  C  C   . ARG A 1 52  ? -16.335 5.124   -17.859 1.00 43.19 ? 29  ARG A C   1 
ATOM   135  O  O   . ARG A 1 52  ? -17.106 4.596   -18.659 1.00 42.67 ? 29  ARG A O   1 
ATOM   136  C  CB  . ARG A 1 52  ? -15.714 7.476   -18.503 1.00 40.95 ? 29  ARG A CB  1 
ATOM   137  C  CG  . ARG A 1 52  ? -16.134 8.947   -18.474 1.00 40.73 ? 29  ARG A CG  1 
ATOM   138  C  CD  . ARG A 1 52  ? -15.313 9.786   -19.447 1.00 41.54 ? 29  ARG A CD  1 
ATOM   139  N  NE  . ARG A 1 52  ? -15.076 9.088   -20.713 1.00 41.69 ? 29  ARG A NE  1 
ATOM   140  C  CZ  . ARG A 1 52  ? -15.937 9.052   -21.728 1.00 41.15 ? 29  ARG A CZ  1 
ATOM   141  N  NH1 . ARG A 1 52  ? -17.112 9.671   -21.631 1.00 38.47 ? 29  ARG A NH1 1 
ATOM   142  N  NH2 . ARG A 1 52  ? -15.628 8.391   -22.844 1.00 38.34 ? 29  ARG A NH2 1 
ATOM   143  N  N   . THR A 1 53  ? -15.361 4.454   -17.246 1.00 42.16 ? 30  THR A N   1 
ATOM   144  C  CA  . THR A 1 53  ? -15.123 3.038   -17.500 1.00 38.47 ? 30  THR A CA  1 
ATOM   145  C  C   . THR A 1 53  ? -15.522 2.173   -16.309 1.00 39.13 ? 30  THR A C   1 
ATOM   146  O  O   . THR A 1 53  ? -15.780 0.974   -16.458 1.00 39.94 ? 30  THR A O   1 
ATOM   147  C  CB  . THR A 1 53  ? -13.647 2.773   -17.853 1.00 42.96 ? 30  THR A CB  1 
ATOM   148  O  OG1 . THR A 1 53  ? -12.832 2.937   -16.683 1.00 42.22 ? 30  THR A OG1 1 
ATOM   149  C  CG2 . THR A 1 53  ? -13.183 3.744   -18.928 1.00 41.76 ? 30  THR A CG2 1 
ATOM   150  N  N   . GLY A 1 54  ? -15.556 2.775   -15.123 1.00 40.46 ? 31  GLY A N   1 
ATOM   151  C  CA  . GLY A 1 54  ? -15.957 2.059   -13.926 1.00 38.69 ? 31  GLY A CA  1 
ATOM   152  C  C   . GLY A 1 54  ? -14.842 1.244   -13.292 1.00 38.04 ? 31  GLY A C   1 
ATOM   153  O  O   . GLY A 1 54  ? -15.056 0.594   -12.266 1.00 37.23 ? 31  GLY A O   1 
ATOM   154  N  N   . VAL A 1 55  ? -13.662 1.261   -13.910 1.00 35.45 ? 32  VAL A N   1 
ATOM   155  C  CA  . VAL A 1 55  ? -12.482 0.610   -13.345 1.00 33.59 ? 32  VAL A CA  1 
ATOM   156  C  C   . VAL A 1 55  ? -11.260 1.504   -13.454 1.00 35.31 ? 32  VAL A C   1 
ATOM   157  O  O   . VAL A 1 55  ? -11.282 2.541   -14.128 1.00 33.44 ? 32  VAL A O   1 
ATOM   158  C  CB  . VAL A 1 55  ? -12.096 -0.706  -14.075 1.00 35.58 ? 32  VAL A CB  1 
ATOM   159  C  CG1 . VAL A 1 55  ? -13.103 -1.806  -13.825 1.00 34.98 ? 32  VAL A CG1 1 
ATOM   160  C  CG2 . VAL A 1 55  ? -11.894 -0.452  -15.572 1.00 33.43 ? 32  VAL A CG2 1 
HETATM 161  N  N   . MSE A 1 56  ? -10.191 1.070   -12.791 1.00 34.20 ? 33  MSE A N   1 
HETATM 162  C  CA  . MSE A 1 56  ? -8.874  1.666   -12.939 1.00 33.11 ? 33  MSE A CA  1 
HETATM 163  C  C   . MSE A 1 56  ? -8.319  1.326   -14.317 1.00 34.76 ? 33  MSE A C   1 
HETATM 164  O  O   . MSE A 1 56  ? -8.607  0.254   -14.863 1.00 33.55 ? 33  MSE A O   1 
HETATM 165  C  CB  . MSE A 1 56  ? -7.942  1.108   -11.869 1.00 31.17 ? 33  MSE A CB  1 
HETATM 166  C  CG  . MSE A 1 56  ? -8.444  1.358   -10.455 1.00 30.92 ? 33  MSE A CG  1 
HETATM 167  SE SE  . MSE A 1 56  ? -7.459  0.287   -9.150  1.00 39.85 ? 33  MSE A SE  1 
HETATM 168  C  CE  . MSE A 1 56  ? -5.675  0.544   -9.911  1.00 28.00 ? 33  MSE A CE  1 
ATOM   169  N  N   . SER A 1 57  ? -7.512  2.228   -14.870 1.00 31.73 ? 34  SER A N   1 
ATOM   170  C  CA  . SER A 1 57  ? -6.850  1.972   -16.143 1.00 32.60 ? 34  SER A CA  1 
ATOM   171  C  C   . SER A 1 57  ? -5.880  0.812   -15.981 1.00 35.51 ? 34  SER A C   1 
ATOM   172  O  O   . SER A 1 57  ? -5.492  0.472   -14.860 1.00 31.12 ? 34  SER A O   1 
ATOM   173  C  CB  . SER A 1 57  ? -6.080  3.202   -16.600 1.00 32.98 ? 34  SER A CB  1 
ATOM   174  O  OG  . SER A 1 57  ? -4.941  3.403   -15.787 1.00 36.04 ? 34  SER A OG  1 
ATOM   175  N  N   . SER A 1 58  ? -5.468  0.213   -17.094 1.00 33.54 ? 35  SER A N   1 
ATOM   176  C  CA  . SER A 1 58  ? -4.610  -0.962  -17.016 1.00 32.92 ? 35  SER A CA  1 
ATOM   177  C  C   . SER A 1 58  ? -3.191  -0.562  -16.607 1.00 34.81 ? 35  SER A C   1 
ATOM   178  O  O   . SER A 1 58  ? -2.456  -1.356  -16.008 1.00 34.68 ? 35  SER A O   1 
ATOM   179  C  CB  . SER A 1 58  ? -4.645  -1.770  -18.324 1.00 33.71 ? 35  SER A CB  1 
ATOM   180  O  OG  . SER A 1 58  ? -4.956  -0.955  -19.436 1.00 34.02 ? 35  SER A OG  1 
ATOM   181  N  N   . GLY A 1 59  ? -2.821  0.681   -16.906 1.00 33.50 ? 36  GLY A N   1 
ATOM   182  C  CA  . GLY A 1 59  ? -1.553  1.228   -16.463 1.00 33.30 ? 36  GLY A CA  1 
ATOM   183  C  C   . GLY A 1 59  ? -1.483  1.331   -14.944 1.00 31.30 ? 36  GLY A C   1 
ATOM   184  O  O   . GLY A 1 59  ? -0.465  0.989   -14.338 1.00 32.96 ? 36  GLY A O   1 
ATOM   185  N  N   . ASP A 1 60  ? -2.566  1.794   -14.327 1.00 31.34 ? 37  ASP A N   1 
ATOM   186  C  CA  . ASP A 1 60  ? -2.648  1.858   -12.871 1.00 31.59 ? 37  ASP A CA  1 
ATOM   187  C  C   . ASP A 1 60  ? -2.741  0.466   -12.254 1.00 30.58 ? 37  ASP A C   1 
ATOM   188  O  O   . ASP A 1 60  ? -2.113  0.203   -11.233 1.00 29.29 ? 37  ASP A O   1 
ATOM   189  C  CB  . ASP A 1 60  ? -3.834  2.719   -12.434 1.00 31.71 ? 37  ASP A CB  1 
ATOM   190  C  CG  . ASP A 1 60  ? -3.543  4.206   -12.536 1.00 33.69 ? 37  ASP A CG  1 
ATOM   191  O  OD1 . ASP A 1 60  ? -2.361  4.584   -12.402 1.00 34.86 ? 37  ASP A OD1 1 
ATOM   192  O  OD2 . ASP A 1 60  ? -4.495  4.994   -12.743 1.00 36.10 ? 37  ASP A OD2 1 
ATOM   193  N  N   . GLN A 1 61  ? -3.515  -0.428  -12.872 1.00 30.02 ? 38  GLN A N   1 
ATOM   194  C  CA  . GLN A 1 61  ? -3.600  -1.810  -12.391 1.00 29.30 ? 38  GLN A CA  1 
ATOM   195  C  C   . GLN A 1 61  ? -2.233  -2.484  -12.466 1.00 28.98 ? 38  GLN A C   1 
ATOM   196  O  O   . GLN A 1 61  ? -1.885  -3.308  -11.625 1.00 27.70 ? 38  GLN A O   1 
ATOM   197  C  CB  . GLN A 1 61  ? -4.605  -2.638  -13.207 1.00 31.37 ? 38  GLN A CB  1 
ATOM   198  C  CG  . GLN A 1 61  ? -6.062  -2.213  -13.099 1.00 30.57 ? 38  GLN A CG  1 
ATOM   199  C  CD  . GLN A 1 61  ? -6.972  -3.072  -13.969 1.00 33.19 ? 38  GLN A CD  1 
ATOM   200  O  OE1 . GLN A 1 61  ? -6.595  -4.174  -14.384 1.00 32.57 ? 38  GLN A OE1 1 
ATOM   201  N  NE2 . GLN A 1 61  ? -8.161  -2.560  -14.272 1.00 31.74 ? 38  GLN A NE2 1 
ATOM   202  N  N   . ASN A 1 62  ? -1.460  -2.118  -13.480 1.00 28.95 ? 39  ASN A N   1 
ATOM   203  C  CA  . ASN A 1 62  ? -0.140  -2.694  -13.695 1.00 30.17 ? 39  ASN A CA  1 
ATOM   204  C  C   . ASN A 1 62  ? 0.834   -2.431  -12.548 1.00 27.45 ? 39  ASN A C   1 
ATOM   205  O  O   . ASN A 1 62  ? 1.613   -3.308  -12.186 1.00 26.54 ? 39  ASN A O   1 
ATOM   206  C  CB  . ASN A 1 62  ? 0.447   -2.167  -15.002 1.00 33.05 ? 39  ASN A CB  1 
ATOM   207  C  CG  . ASN A 1 62  ? 1.690   -2.895  -15.409 1.00 34.76 ? 39  ASN A CG  1 
ATOM   208  O  OD1 . ASN A 1 62  ? 1.681   -4.121  -15.573 1.00 36.92 ? 39  ASN A OD1 1 
ATOM   209  N  ND2 . ASN A 1 62  ? 2.775   -2.154  -15.597 1.00 37.87 ? 39  ASN A ND2 1 
ATOM   210  N  N   . VAL A 1 63  ? 0.804   -1.221  -11.992 1.00 26.93 ? 40  VAL A N   1 
ATOM   211  C  CA  . VAL A 1 63  ? 1.654   -0.915  -10.845 1.00 27.62 ? 40  VAL A CA  1 
ATOM   212  C  C   . VAL A 1 63  ? 1.380   -1.901  -9.705  1.00 25.72 ? 40  VAL A C   1 
ATOM   213  O  O   . VAL A 1 63  ? 2.307   -2.504  -9.153  1.00 25.04 ? 40  VAL A O   1 
ATOM   214  C  CB  . VAL A 1 63  ? 1.458   0.527   -10.340 1.00 28.90 ? 40  VAL A CB  1 
ATOM   215  C  CG1 . VAL A 1 63  ? 2.257   0.743   -9.075  1.00 27.90 ? 40  VAL A CG1 1 
ATOM   216  C  CG2 . VAL A 1 63  ? 1.887   1.529   -11.403 1.00 31.07 ? 40  VAL A CG2 1 
ATOM   217  N  N   . PHE A 1 64  ? 0.105   -2.088  -9.379  1.00 24.40 ? 41  PHE A N   1 
ATOM   218  C  CA  . PHE A 1 64  ? -0.272  -2.954  -8.269  1.00 25.32 ? 41  PHE A CA  1 
ATOM   219  C  C   . PHE A 1 64  ? -0.037  -4.442  -8.555  1.00 25.99 ? 41  PHE A C   1 
ATOM   220  O  O   . PHE A 1 64  ? 0.546   -5.153  -7.732  1.00 27.29 ? 41  PHE A O   1 
ATOM   221  C  CB  . PHE A 1 64  ? -1.727  -2.694  -7.853  1.00 23.18 ? 41  PHE A CB  1 
ATOM   222  C  CG  . PHE A 1 64  ? -1.938  -1.360  -7.187  1.00 25.70 ? 41  PHE A CG  1 
ATOM   223  C  CD1 . PHE A 1 64  ? -1.623  -1.184  -5.846  1.00 23.97 ? 41  PHE A CD1 1 
ATOM   224  C  CD2 . PHE A 1 64  ? -2.467  -0.285  -7.900  1.00 25.70 ? 41  PHE A CD2 1 
ATOM   225  C  CE1 . PHE A 1 64  ? -1.818  0.047   -5.220  1.00 22.23 ? 41  PHE A CE1 1 
ATOM   226  C  CE2 . PHE A 1 64  ? -2.664  0.954   -7.286  1.00 24.01 ? 41  PHE A CE2 1 
ATOM   227  C  CZ  . PHE A 1 64  ? -2.343  1.119   -5.947  1.00 25.24 ? 41  PHE A CZ  1 
ATOM   228  N  N   . SER A 1 65  ? -0.482  -4.917  -9.716  1.00 26.23 ? 42  SER A N   1 
ATOM   229  C  CA  . SER A 1 65  ? -0.320  -6.335  -10.050 1.00 27.41 ? 42  SER A CA  1 
ATOM   230  C  C   . SER A 1 65  ? 1.155   -6.719  -10.115 1.00 27.60 ? 42  SER A C   1 
ATOM   231  O  O   . SER A 1 65  ? 1.533   -7.839  -9.789  1.00 27.71 ? 42  SER A O   1 
ATOM   232  C  CB  . SER A 1 65  ? -1.023  -6.674  -11.367 1.00 28.98 ? 42  SER A CB  1 
ATOM   233  O  OG  . SER A 1 65  ? -0.269  -6.199  -12.472 1.00 32.78 ? 42  SER A OG  1 
ATOM   234  N  N   . ARG A 1 66  ? 2.004   -5.777  -10.505 1.00 27.85 ? 43  ARG A N   1 
ATOM   235  C  CA  . ARG A 1 66  ? 3.433   -6.065  -10.529 1.00 27.44 ? 43  ARG A CA  1 
ATOM   236  C  C   . ARG A 1 66  ? 4.027   -6.208  -9.123  1.00 27.11 ? 43  ARG A C   1 
ATOM   237  O  O   . ARG A 1 66  ? 4.866   -7.083  -8.887  1.00 25.41 ? 43  ARG A O   1 
ATOM   238  C  CB  . ARG A 1 66  ? 4.188   -5.010  -11.324 1.00 29.50 ? 43  ARG A CB  1 
ATOM   239  C  CG  . ARG A 1 66  ? 5.673   -5.294  -11.439 1.00 36.50 ? 43  ARG A CG  1 
ATOM   240  C  CD  . ARG A 1 66  ? 6.333   -4.307  -12.376 1.00 41.97 ? 43  ARG A CD  1 
ATOM   241  N  NE  . ARG A 1 66  ? 7.792   -4.405  -12.353 1.00 47.14 ? 43  ARG A NE  1 
ATOM   242  C  CZ  . ARG A 1 66  ? 8.591   -3.650  -13.101 1.00 44.13 ? 43  ARG A CZ  1 
ATOM   243  N  NH1 . ARG A 1 66  ? 8.066   -2.755  -13.927 1.00 45.74 ? 43  ARG A NH1 1 
ATOM   244  N  NH2 . ARG A 1 66  ? 9.908   -3.788  -13.029 1.00 43.17 ? 43  ARG A NH2 1 
ATOM   245  N  N   . LEU A 1 67  ? 3.597   -5.354  -8.194  1.00 24.64 ? 44  LEU A N   1 
ATOM   246  C  CA  . LEU A 1 67  ? 4.052   -5.454  -6.808  1.00 24.04 ? 44  LEU A CA  1 
ATOM   247  C  C   . LEU A 1 67  ? 3.473   -6.699  -6.135  1.00 24.10 ? 44  LEU A C   1 
ATOM   248  O  O   . LEU A 1 67  ? 4.153   -7.355  -5.339  1.00 24.41 ? 44  LEU A O   1 
ATOM   249  C  CB  . LEU A 1 67  ? 3.688   -4.195  -6.009  1.00 23.40 ? 44  LEU A CB  1 
ATOM   250  C  CG  . LEU A 1 67  ? 4.536   -2.964  -6.336  1.00 25.75 ? 44  LEU A CG  1 
ATOM   251  C  CD1 . LEU A 1 67  ? 4.128   -1.784  -5.474  1.00 24.52 ? 44  LEU A CD1 1 
ATOM   252  C  CD2 . LEU A 1 67  ? 6.007   -3.279  -6.134  1.00 25.53 ? 44  LEU A CD2 1 
ATOM   253  N  N   . ILE A 1 68  ? 2.224   -7.025  -6.453  1.00 24.58 ? 45  ILE A N   1 
ATOM   254  C  CA  . ILE A 1 68  ? 1.601   -8.242  -5.922  1.00 25.20 ? 45  ILE A CA  1 
ATOM   255  C  C   . ILE A 1 68  ? 2.401   -9.481  -6.347  1.00 26.23 ? 45  ILE A C   1 
ATOM   256  O  O   . ILE A 1 68  ? 2.716   -10.354 -5.535  1.00 25.17 ? 45  ILE A O   1 
ATOM   257  C  CB  . ILE A 1 68  ? 0.139   -8.390  -6.388  1.00 25.57 ? 45  ILE A CB  1 
ATOM   258  C  CG1 . ILE A 1 68  ? -0.754  -7.341  -5.723  1.00 25.02 ? 45  ILE A CG1 1 
ATOM   259  C  CG2 . ILE A 1 68  ? -0.395  -9.772  -6.036  1.00 27.75 ? 45  ILE A CG2 1 
ATOM   260  C  CD1 . ILE A 1 68  ? -2.156  -7.245  -6.353  1.00 21.91 ? 45  ILE A CD1 1 
ATOM   261  N  N   . GLU A 1 69  ? 2.729   -9.543  -7.626  1.00 26.10 ? 46  GLU A N   1 
ATOM   262  C  CA  . GLU A 1 69  ? 3.499   -10.660 -8.178  1.00 28.71 ? 46  GLU A CA  1 
ATOM   263  C  C   . GLU A 1 69  ? 4.904   -10.700 -7.577  1.00 29.67 ? 46  GLU A C   1 
ATOM   264  O  O   . GLU A 1 69  ? 5.469   -11.774 -7.372  1.00 28.24 ? 46  GLU A O   1 
ATOM   265  C  CB  . GLU A 1 69  ? 3.586   -10.494 -9.687  1.00 30.17 ? 46  GLU A CB  1 
ATOM   266  C  CG  . GLU A 1 69  ? 4.346   -11.565 -10.424 1.00 33.71 ? 46  GLU A CG  1 
ATOM   267  C  CD  . GLU A 1 69  ? 4.442   -11.238 -11.895 1.00 39.97 ? 46  GLU A CD  1 
ATOM   268  O  OE1 . GLU A 1 69  ? 3.891   -10.183 -12.296 1.00 43.77 ? 46  GLU A OE1 1 
ATOM   269  O  OE2 . GLU A 1 69  ? 5.060   -12.020 -12.652 1.00 45.83 ? 46  GLU A OE2 1 
ATOM   270  N  N   . HIS A 1 70  ? 5.461   -9.521  -7.294  1.00 27.90 ? 47  HIS A N   1 
ATOM   271  C  CA  . HIS A 1 70  ? 6.777   -9.437  -6.667  1.00 27.75 ? 47  HIS A CA  1 
ATOM   272  C  C   . HIS A 1 70  ? 6.780   -10.232 -5.369  1.00 27.54 ? 47  HIS A C   1 
ATOM   273  O  O   . HIS A 1 70  ? 7.719   -10.984 -5.089  1.00 29.77 ? 47  HIS A O   1 
ATOM   274  C  CB  . HIS A 1 70  ? 7.171   -7.974  -6.429  1.00 27.83 ? 47  HIS A CB  1 
ATOM   275  C  CG  . HIS A 1 70  ? 8.386   -7.806  -5.571  1.00 27.82 ? 47  HIS A CG  1 
ATOM   276  N  ND1 . HIS A 1 70  ? 9.664   -8.035  -6.036  1.00 29.24 ? 47  HIS A ND1 1 
ATOM   277  C  CD2 . HIS A 1 70  ? 8.516   -7.424  -4.280  1.00 25.89 ? 47  HIS A CD2 1 
ATOM   278  C  CE1 . HIS A 1 70  ? 10.528  -7.811  -5.063  1.00 28.31 ? 47  HIS A CE1 1 
ATOM   279  N  NE2 . HIS A 1 70  ? 9.859   -7.439  -3.986  1.00 30.25 ? 47  HIS A NE2 1 
ATOM   280  N  N   . PHE A 1 71  ? 5.711   -10.109 -4.590  1.00 24.09 ? 48  PHE A N   1 
ATOM   281  C  CA  . PHE A 1 71  ? 5.631   -10.840 -3.327  1.00 26.44 ? 48  PHE A CA  1 
ATOM   282  C  C   . PHE A 1 71  ? 5.150   -12.293 -3.481  1.00 26.51 ? 48  PHE A C   1 
ATOM   283  O  O   . PHE A 1 71  ? 5.713   -13.217 -2.884  1.00 25.20 ? 48  PHE A O   1 
ATOM   284  C  CB  . PHE A 1 71  ? 4.737   -10.095 -2.334  1.00 24.05 ? 48  PHE A CB  1 
ATOM   285  C  CG  . PHE A 1 71  ? 5.345   -8.833  -1.784  1.00 25.29 ? 48  PHE A CG  1 
ATOM   286  C  CD1 . PHE A 1 71  ? 6.370   -8.893  -0.849  1.00 25.69 ? 48  PHE A CD1 1 
ATOM   287  C  CD2 . PHE A 1 71  ? 4.872   -7.588  -2.180  1.00 24.47 ? 48  PHE A CD2 1 
ATOM   288  C  CE1 . PHE A 1 71  ? 6.922   -7.732  -0.320  1.00 27.55 ? 48  PHE A CE1 1 
ATOM   289  C  CE2 . PHE A 1 71  ? 5.418   -6.419  -1.658  1.00 23.90 ? 48  PHE A CE2 1 
ATOM   290  C  CZ  . PHE A 1 71  ? 6.442   -6.488  -0.737  1.00 24.37 ? 48  PHE A CZ  1 
ATOM   291  N  N   . GLU A 1 72  ? 4.109   -12.494 -4.283  1.00 25.58 ? 49  GLU A N   1 
ATOM   292  C  CA  . GLU A 1 72  ? 3.534   -13.829 -4.432  1.00 25.44 ? 49  GLU A CA  1 
ATOM   293  C  C   . GLU A 1 72  ? 4.521   -14.807 -5.074  1.00 28.76 ? 49  GLU A C   1 
ATOM   294  O  O   . GLU A 1 72  ? 4.504   -15.996 -4.775  1.00 29.31 ? 49  GLU A O   1 
ATOM   295  C  CB  . GLU A 1 72  ? 2.210   -13.767 -5.208  1.00 28.84 ? 49  GLU A CB  1 
ATOM   296  C  CG  . GLU A 1 72  ? 1.109   -13.003 -4.459  1.00 28.02 ? 49  GLU A CG  1 
ATOM   297  C  CD  . GLU A 1 72  ? -0.250  -13.073 -5.153  1.00 29.80 ? 49  GLU A CD  1 
ATOM   298  O  OE1 . GLU A 1 72  ? -0.283  -13.258 -6.386  1.00 31.09 ? 49  GLU A OE1 1 
ATOM   299  O  OE2 . GLU A 1 72  ? -1.285  -12.942 -4.460  1.00 30.45 ? 49  GLU A OE2 1 
ATOM   300  N  N   . SER A 1 73  ? 5.401   -14.297 -5.933  1.00 26.54 ? 50  SER A N   1 
ATOM   301  C  CA  . SER A 1 73  ? 6.411   -15.138 -6.566  1.00 30.71 ? 50  SER A CA  1 
ATOM   302  C  C   . SER A 1 73  ? 7.372   -15.770 -5.551  1.00 31.67 ? 50  SER A C   1 
ATOM   303  O  O   . SER A 1 73  ? 8.121   -16.691 -5.891  1.00 31.15 ? 50  SER A O   1 
ATOM   304  C  CB  . SER A 1 73  ? 7.193   -14.348 -7.613  1.00 30.46 ? 50  SER A CB  1 
ATOM   305  O  OG  . SER A 1 73  ? 7.995   -13.370 -6.983  1.00 30.04 ? 50  SER A OG  1 
ATOM   306  N  N   . ARG A 1 74  ? 7.347   -15.289 -4.311  1.00 26.92 ? 51  ARG A N   1 
ATOM   307  C  CA  . ARG A 1 74  ? 8.174   -15.863 -3.256  1.00 28.73 ? 51  ARG A CA  1 
ATOM   308  C  C   . ARG A 1 74  ? 7.320   -16.569 -2.204  1.00 27.87 ? 51  ARG A C   1 
ATOM   309  O  O   . ARG A 1 74  ? 7.818   -16.965 -1.151  1.00 30.06 ? 51  ARG A O   1 
ATOM   310  C  CB  . ARG A 1 74  ? 9.036   -14.785 -2.587  1.00 31.17 ? 51  ARG A CB  1 
ATOM   311  C  CG  . ARG A 1 74  ? 9.932   -13.999 -3.541  1.00 29.51 ? 51  ARG A CG  1 
ATOM   312  C  CD  . ARG A 1 74  ? 10.862  -14.918 -4.323  1.00 28.88 ? 51  ARG A CD  1 
ATOM   313  N  NE  . ARG A 1 74  ? 11.653  -15.765 -3.430  1.00 30.53 ? 51  ARG A NE  1 
ATOM   314  C  CZ  . ARG A 1 74  ? 12.337  -16.833 -3.833  1.00 31.70 ? 51  ARG A CZ  1 
ATOM   315  N  NH1 . ARG A 1 74  ? 12.312  -17.188 -5.114  1.00 30.96 ? 51  ARG A NH1 1 
ATOM   316  N  NH2 . ARG A 1 74  ? 13.033  -17.546 -2.960  1.00 30.57 ? 51  ARG A NH2 1 
ATOM   317  N  N   . GLY A 1 75  ? 6.031   -16.727 -2.478  1.00 26.49 ? 52  GLY A N   1 
ATOM   318  C  CA  . GLY A 1 75  ? 5.163   -17.411 -1.534  1.00 28.88 ? 52  GLY A CA  1 
ATOM   319  C  C   . GLY A 1 75  ? 4.644   -16.520 -0.420  1.00 28.05 ? 52  GLY A C   1 
ATOM   320  O  O   . GLY A 1 75  ? 4.063   -16.997 0.555   1.00 27.59 ? 52  GLY A O   1 
ATOM   321  N  N   . THR A 1 76  ? 4.847   -15.216 -0.559  1.00 27.72 ? 53  THR A N   1 
ATOM   322  C  CA  . THR A 1 76  ? 4.310   -14.264 0.413   1.00 28.67 ? 53  THR A CA  1 
ATOM   323  C  C   . THR A 1 76  ? 2.836   -13.992 0.093   1.00 26.19 ? 53  THR A C   1 
ATOM   324  O  O   . THR A 1 76  ? 2.480   -13.778 -1.066  1.00 26.51 ? 53  THR A O   1 
ATOM   325  C  CB  . THR A 1 76  ? 5.117   -12.943 0.404   1.00 27.96 ? 53  THR A CB  1 
ATOM   326  O  OG1 . THR A 1 76  ? 6.418   -13.187 0.943   1.00 29.58 ? 53  THR A OG1 1 
ATOM   327  C  CG2 . THR A 1 76  ? 4.427   -11.869 1.246   1.00 26.60 ? 53  THR A CG2 1 
ATOM   328  N  N   . THR A 1 77  ? 1.981   -14.034 1.111   1.00 23.87 ? 54  THR A N   1 
ATOM   329  C  CA  . THR A 1 77  ? 0.556   -13.749 0.921   1.00 26.17 ? 54  THR A CA  1 
ATOM   330  C  C   . THR A 1 77  ? 0.365   -12.238 0.830   1.00 24.60 ? 54  THR A C   1 
ATOM   331  O  O   . THR A 1 77  ? 0.876   -11.498 1.670   1.00 25.05 ? 54  THR A O   1 
ATOM   332  C  CB  . THR A 1 77  ? -0.286  -14.264 2.094   1.00 29.84 ? 54  THR A CB  1 
ATOM   333  O  OG1 . THR A 1 77  ? -0.278  -15.697 2.101   1.00 34.72 ? 54  THR A OG1 1 
ATOM   334  C  CG2 . THR A 1 77  ? -1.729  -13.777 1.963   1.00 29.43 ? 54  THR A CG2 1 
ATOM   335  N  N   . VAL A 1 78  ? -0.368  -11.778 -0.178  1.00 24.09 ? 55  VAL A N   1 
ATOM   336  C  CA  . VAL A 1 78  ? -0.611  -10.349 -0.333  1.00 25.39 ? 55  VAL A CA  1 
ATOM   337  C  C   . VAL A 1 78  ? -2.090  -10.058 -0.147  1.00 25.10 ? 55  VAL A C   1 
ATOM   338  O  O   . VAL A 1 78  ? -2.942  -10.736 -0.736  1.00 24.66 ? 55  VAL A O   1 
ATOM   339  C  CB  . VAL A 1 78  ? -0.163  -9.847  -1.710  1.00 24.58 ? 55  VAL A CB  1 
ATOM   340  C  CG1 . VAL A 1 78  ? -0.454  -8.345  -1.868  1.00 24.52 ? 55  VAL A CG1 1 
ATOM   341  C  CG2 . VAL A 1 78  ? 1.298   -10.105 -1.900  1.00 24.95 ? 55  VAL A CG2 1 
ATOM   342  N  N   . TYR A 1 79  ? -2.391  -9.086  0.709   1.00 22.93 ? 56  TYR A N   1 
ATOM   343  C  CA  . TYR A 1 79  ? -3.745  -8.570  0.822   1.00 22.92 ? 56  TYR A CA  1 
ATOM   344  C  C   . TYR A 1 79  ? -3.754  -7.227  0.101   1.00 23.61 ? 56  TYR A C   1 
ATOM   345  O  O   . TYR A 1 79  ? -2.825  -6.438  0.246   1.00 20.86 ? 56  TYR A O   1 
ATOM   346  C  CB  . TYR A 1 79  ? -4.135  -8.370  2.284   1.00 24.50 ? 56  TYR A CB  1 
ATOM   347  C  CG  . TYR A 1 79  ? -3.997  -9.609  3.151   1.00 26.66 ? 56  TYR A CG  1 
ATOM   348  C  CD1 . TYR A 1 79  ? -4.801  -10.721 2.944   1.00 26.53 ? 56  TYR A CD1 1 
ATOM   349  C  CD2 . TYR A 1 79  ? -3.076  -9.651  4.191   1.00 26.46 ? 56  TYR A CD2 1 
ATOM   350  C  CE1 . TYR A 1 79  ? -4.678  -11.849 3.746   1.00 27.96 ? 56  TYR A CE1 1 
ATOM   351  C  CE2 . TYR A 1 79  ? -2.945  -10.767 4.987   1.00 27.20 ? 56  TYR A CE2 1 
ATOM   352  C  CZ  . TYR A 1 79  ? -3.751  -11.861 4.761   1.00 30.18 ? 56  TYR A CZ  1 
ATOM   353  O  OH  . TYR A 1 79  ? -3.623  -12.972 5.566   1.00 32.29 ? 56  TYR A OH  1 
ATOM   354  N  N   . ASN A 1 80  ? -4.802  -6.967  -0.671  1.00 23.50 ? 57  ASN A N   1 
ATOM   355  C  CA  . ASN A 1 80  ? -4.844  -5.771  -1.506  1.00 24.09 ? 57  ASN A CA  1 
ATOM   356  C  C   . ASN A 1 80  ? -6.260  -5.554  -1.987  1.00 24.56 ? 57  ASN A C   1 
ATOM   357  O  O   . ASN A 1 80  ? -6.833  -6.430  -2.646  1.00 23.24 ? 57  ASN A O   1 
ATOM   358  C  CB  . ASN A 1 80  ? -3.919  -5.925  -2.712  1.00 22.94 ? 57  ASN A CB  1 
ATOM   359  C  CG  . ASN A 1 80  ? -4.062  -4.782  -3.715  1.00 24.72 ? 57  ASN A CG  1 
ATOM   360  O  OD1 . ASN A 1 80  ? -4.607  -4.963  -4.809  1.00 23.57 ? 57  ASN A OD1 1 
ATOM   361  N  ND2 . ASN A 1 80  ? -3.581  -3.594  -3.338  1.00 21.92 ? 57  ASN A ND2 1 
ATOM   362  N  N   . ALA A 1 81  ? -6.811  -4.389  -1.661  1.00 22.87 ? 58  ALA A N   1 
ATOM   363  C  CA  . ALA A 1 81  ? -8.210  -4.095  -1.930  1.00 25.07 ? 58  ALA A CA  1 
ATOM   364  C  C   . ALA A 1 81  ? -8.469  -3.904  -3.417  1.00 26.28 ? 58  ALA A C   1 
ATOM   365  O  O   . ALA A 1 81  ? -9.560  -4.229  -3.919  1.00 24.78 ? 58  ALA A O   1 
ATOM   366  C  CB  . ALA A 1 81  ? -8.663  -2.865  -1.139  1.00 24.03 ? 58  ALA A CB  1 
ATOM   367  N  N   . HIS A 1 82  ? -7.471  -3.378  -4.121  1.00 22.76 ? 59  HIS A N   1 
ATOM   368  C  CA  . HIS A 1 82  ? -7.622  -3.115  -5.546  1.00 25.90 ? 59  HIS A CA  1 
ATOM   369  C  C   . HIS A 1 82  ? -7.903  -4.408  -6.305  1.00 25.97 ? 59  HIS A C   1 
ATOM   370  O  O   . HIS A 1 82  ? -8.863  -4.491  -7.070  1.00 28.09 ? 59  HIS A O   1 
ATOM   371  C  CB  . HIS A 1 82  ? -6.372  -2.437  -6.111  1.00 25.97 ? 59  HIS A CB  1 
ATOM   372  C  CG  . HIS A 1 82  ? -5.970  -1.195  -5.372  1.00 24.90 ? 59  HIS A CG  1 
ATOM   373  N  ND1 . HIS A 1 82  ? -5.399  -1.225  -4.123  1.00 24.69 ? 59  HIS A ND1 1 
ATOM   374  C  CD2 . HIS A 1 82  ? -6.061  0.112   -5.720  1.00 26.10 ? 59  HIS A CD2 1 
ATOM   375  C  CE1 . HIS A 1 82  ? -5.152  0.017   -3.724  1.00 24.55 ? 59  HIS A CE1 1 
ATOM   376  N  NE2 . HIS A 1 82  ? -5.550  0.842   -4.670  1.00 23.50 ? 59  HIS A NE2 1 
ATOM   377  N  N   . ARG A 1 83  ? -7.060  -5.415  -6.102  1.00 25.03 ? 60  ARG A N   1 
ATOM   378  C  CA  . ARG A 1 83  ? -7.278  -6.704  -6.750  1.00 25.31 ? 60  ARG A CA  1 
ATOM   379  C  C   . ARG A 1 83  ? -8.543  -7.354  -6.207  1.00 25.29 ? 60  ARG A C   1 
ATOM   380  O  O   . ARG A 1 83  ? -9.317  -7.965  -6.951  1.00 23.94 ? 60  ARG A O   1 
ATOM   381  C  CB  . ARG A 1 83  ? -6.082  -7.637  -6.543  1.00 26.50 ? 60  ARG A CB  1 
ATOM   382  C  CG  . ARG A 1 83  ? -6.327  -9.038  -7.105  1.00 29.23 ? 60  ARG A CG  1 
ATOM   383  C  CD  . ARG A 1 83  ? -5.142  -9.952  -6.910  1.00 29.46 ? 60  ARG A CD  1 
ATOM   384  N  NE  . ARG A 1 83  ? -4.742  -10.089 -5.508  1.00 28.50 ? 60  ARG A NE  1 
ATOM   385  C  CZ  . ARG A 1 83  ? -3.806  -10.942 -5.106  1.00 30.45 ? 60  ARG A CZ  1 
ATOM   386  N  NH1 . ARG A 1 83  ? -3.212  -11.709 -6.007  1.00 28.47 ? 60  ARG A NH1 1 
ATOM   387  N  NH2 . ARG A 1 83  ? -3.469  -11.029 -3.823  1.00 30.07 ? 60  ARG A NH2 1 
ATOM   388  N  N   . ARG A 1 84  ? -8.750  -7.200  -4.904  1.00 22.94 ? 61  ARG A N   1 
ATOM   389  C  CA  . ARG A 1 84  ? -9.868  -7.823  -4.215  1.00 26.12 ? 61  ARG A CA  1 
ATOM   390  C  C   . ARG A 1 84  ? -11.191 -7.360  -4.788  1.00 27.21 ? 61  ARG A C   1 
ATOM   391  O  O   . ARG A 1 84  ? -12.117 -8.155  -4.948  1.00 28.31 ? 61  ARG A O   1 
ATOM   392  C  CB  . ARG A 1 84  ? -9.825  -7.453  -2.735  1.00 24.52 ? 61  ARG A CB  1 
ATOM   393  C  CG  . ARG A 1 84  ? -10.927 -8.040  -1.891  1.00 26.58 ? 61  ARG A CG  1 
ATOM   394  C  CD  . ARG A 1 84  ? -10.655 -7.715  -0.425  1.00 29.50 ? 61  ARG A CD  1 
ATOM   395  N  NE  . ARG A 1 84  ? -11.002 -6.342  -0.138  1.00 31.20 ? 61  ARG A NE  1 
ATOM   396  C  CZ  . ARG A 1 84  ? -10.428 -5.582  0.783   1.00 25.01 ? 61  ARG A CZ  1 
ATOM   397  N  NH1 . ARG A 1 84  ? -9.435  -6.036  1.542   1.00 24.10 ? 61  ARG A NH1 1 
ATOM   398  N  NH2 . ARG A 1 84  ? -10.868 -4.355  0.938   1.00 23.29 ? 61  ARG A NH2 1 
ATOM   399  N  N   . GLU A 1 85  ? -11.278 -6.071  -5.103  1.00 25.61 ? 62  GLU A N   1 
ATOM   400  C  CA  . GLU A 1 85  ? -12.538 -5.494  -5.549  1.00 27.46 ? 62  GLU A CA  1 
ATOM   401  C  C   . GLU A 1 85  ? -12.569 -5.233  -7.064  1.00 27.66 ? 62  GLU A C   1 
ATOM   402  O  O   . GLU A 1 85  ? -13.165 -4.257  -7.527  1.00 28.69 ? 62  GLU A O   1 
ATOM   403  C  CB  . GLU A 1 85  ? -12.881 -4.251  -4.708  1.00 26.01 ? 62  GLU A CB  1 
ATOM   404  C  CG  . GLU A 1 85  ? -13.280 -4.625  -3.273  1.00 27.82 ? 62  GLU A CG  1 
ATOM   405  C  CD  . GLU A 1 85  ? -13.272 -3.458  -2.288  1.00 28.44 ? 62  GLU A CD  1 
ATOM   406  O  OE1 . GLU A 1 85  ? -14.067 -2.516  -2.470  1.00 28.42 ? 62  GLU A OE1 1 
ATOM   407  O  OE2 . GLU A 1 85  ? -12.481 -3.489  -1.314  1.00 29.36 ? 62  GLU A OE2 1 
ATOM   408  N  N   . ALA A 1 86  ? -11.918 -6.126  -7.811  1.00 26.69 ? 63  ALA A N   1 
ATOM   409  C  CA  . ALA A 1 86  ? -12.006 -6.166  -9.271  1.00 28.99 ? 63  ALA A CA  1 
ATOM   410  C  C   . ALA A 1 86  ? -11.538 -4.869  -9.930  1.00 29.55 ? 63  ALA A C   1 
ATOM   411  O  O   . ALA A 1 86  ? -12.054 -4.466  -10.976 1.00 27.04 ? 63  ALA A O   1 
ATOM   412  C  CB  . ALA A 1 86  ? -13.436 -6.502  -9.700  1.00 29.32 ? 63  ALA A CB  1 
ATOM   413  N  N   . TRP A 1 87  ? -10.549 -4.232  -9.311  1.00 27.81 ? 64  TRP A N   1 
ATOM   414  C  CA  . TRP A 1 87  ? -9.983  -2.978  -9.808  1.00 30.21 ? 64  TRP A CA  1 
ATOM   415  C  C   . TRP A 1 87  ? -11.015 -1.846  -9.886  1.00 29.82 ? 64  TRP A C   1 
ATOM   416  O  O   . TRP A 1 87  ? -10.879 -0.915  -10.683 1.00 32.14 ? 64  TRP A O   1 
ATOM   417  C  CB  . TRP A 1 87  ? -9.276  -3.194  -11.150 1.00 28.64 ? 64  TRP A CB  1 
ATOM   418  C  CG  . TRP A 1 87  ? -8.365  -4.404  -11.150 1.00 29.38 ? 64  TRP A CG  1 
ATOM   419  C  CD1 . TRP A 1 87  ? -8.584  -5.598  -11.784 1.00 30.52 ? 64  TRP A CD1 1 
ATOM   420  C  CD2 . TRP A 1 87  ? -7.097  -4.535  -10.482 1.00 29.66 ? 64  TRP A CD2 1 
ATOM   421  N  NE1 . TRP A 1 87  ? -7.530  -6.453  -11.559 1.00 31.03 ? 64  TRP A NE1 1 
ATOM   422  C  CE2 . TRP A 1 87  ? -6.609  -5.830  -10.758 1.00 28.48 ? 64  TRP A CE2 1 
ATOM   423  C  CE3 . TRP A 1 87  ? -6.327  -3.677  -9.682  1.00 29.58 ? 64  TRP A CE3 1 
ATOM   424  C  CZ2 . TRP A 1 87  ? -5.389  -6.294  -10.260 1.00 30.43 ? 64  TRP A CZ2 1 
ATOM   425  C  CZ3 . TRP A 1 87  ? -5.111  -4.139  -9.185  1.00 28.01 ? 64  TRP A CZ3 1 
ATOM   426  C  CH2 . TRP A 1 87  ? -4.656  -5.435  -9.474  1.00 30.32 ? 64  TRP A CH2 1 
ATOM   427  N  N   . GLY A 1 88  ? -12.036 -1.923  -9.040  1.00 27.44 ? 65  GLY A N   1 
ATOM   428  C  CA  . GLY A 1 88  ? -13.044 -0.878  -8.968  1.00 30.75 ? 65  GLY A CA  1 
ATOM   429  C  C   . GLY A 1 88  ? -14.407 -1.296  -9.486  1.00 31.60 ? 65  GLY A C   1 
ATOM   430  O  O   . GLY A 1 88  ? -15.402 -0.620  -9.251  1.00 31.56 ? 65  GLY A O   1 
ATOM   431  N  N   . ALA A 1 89  ? -14.462 -2.416  -10.193 1.00 32.35 ? 66  ALA A N   1 
ATOM   432  C  CA  . ALA A 1 89  ? -15.724 -2.868  -10.762 1.00 33.01 ? 66  ALA A CA  1 
ATOM   433  C  C   . ALA A 1 89  ? -16.710 -3.278  -9.672  1.00 36.18 ? 66  ALA A C   1 
ATOM   434  O  O   . ALA A 1 89  ? -17.915 -3.071  -9.812  1.00 41.82 ? 66  ALA A O   1 
ATOM   435  C  CB  . ALA A 1 89  ? -15.496 -4.011  -11.746 1.00 32.64 ? 66  ALA A CB  1 
ATOM   436  N  N   . GLU A 1 90  ? -16.194 -3.839  -8.582  1.00 35.63 ? 67  GLU A N   1 
ATOM   437  C  CA  . GLU A 1 90  ? -17.033 -4.446  -7.550  1.00 33.11 ? 67  GLU A CA  1 
ATOM   438  C  C   . GLU A 1 90  ? -16.695 -3.991  -6.127  1.00 32.73 ? 67  GLU A C   1 
ATOM   439  O  O   . GLU A 1 90  ? -16.207 -4.792  -5.316  1.00 31.59 ? 67  GLU A O   1 
ATOM   440  C  CB  . GLU A 1 90  ? -16.920 -5.977  -7.632  1.00 34.47 ? 67  GLU A CB  1 
ATOM   441  N  N   . PHE A 1 91  ? -16.989 -2.726  -5.814  1.00 30.45 ? 68  PHE A N   1 
ATOM   442  C  CA  . PHE A 1 91  ? -16.762 -2.195  -4.469  1.00 32.10 ? 68  PHE A CA  1 
ATOM   443  C  C   . PHE A 1 91  ? -17.562 -2.953  -3.402  1.00 31.15 ? 68  PHE A C   1 
ATOM   444  O  O   . PHE A 1 91  ? -18.734 -3.275  -3.599  1.00 32.14 ? 68  PHE A O   1 
ATOM   445  C  CB  . PHE A 1 91  ? -17.129 -0.707  -4.400  1.00 31.27 ? 68  PHE A CB  1 
ATOM   446  C  CG  . PHE A 1 91  ? -16.139 0.209   -5.064  1.00 31.08 ? 68  PHE A CG  1 
ATOM   447  C  CD1 . PHE A 1 91  ? -14.778 -0.032  -4.983  1.00 29.79 ? 68  PHE A CD1 1 
ATOM   448  C  CD2 . PHE A 1 91  ? -16.577 1.334   -5.762  1.00 34.97 ? 68  PHE A CD2 1 
ATOM   449  C  CE1 . PHE A 1 91  ? -13.865 0.827   -5.588  1.00 30.55 ? 68  PHE A CE1 1 
ATOM   450  C  CE2 . PHE A 1 91  ? -15.670 2.195   -6.373  1.00 35.35 ? 68  PHE A CE2 1 
ATOM   451  C  CZ  . PHE A 1 91  ? -14.313 1.940   -6.286  1.00 32.76 ? 68  PHE A CZ  1 
ATOM   452  N  N   . LEU A 1 92  ? -16.929 -3.246  -2.272  1.00 26.81 ? 69  LEU A N   1 
ATOM   453  C  CA  . LEU A 1 92  ? -17.668 -3.744  -1.105  1.00 27.14 ? 69  LEU A CA  1 
ATOM   454  C  C   . LEU A 1 92  ? -18.386 -2.567  -0.442  1.00 25.28 ? 69  LEU A C   1 
ATOM   455  O  O   . LEU A 1 92  ? -18.113 -1.420  -0.782  1.00 27.36 ? 69  LEU A O   1 
ATOM   456  C  CB  . LEU A 1 92  ? -16.704 -4.368  -0.103  1.00 24.20 ? 69  LEU A CB  1 
ATOM   457  C  CG  . LEU A 1 92  ? -16.030 -5.657  -0.548  1.00 26.41 ? 69  LEU A CG  1 
ATOM   458  C  CD1 . LEU A 1 92  ? -14.870 -5.987  0.382   1.00 24.93 ? 69  LEU A CD1 1 
ATOM   459  C  CD2 . LEU A 1 92  ? -17.061 -6.789  -0.557  1.00 24.33 ? 69  LEU A CD2 1 
ATOM   460  N  N   . SER A 1 93  ? -19.283 -2.842  0.504   1.00 22.04 ? 70  SER A N   1 
ATOM   461  C  CA  . SER A 1 93  ? -19.908 -1.773  1.292   1.00 24.17 ? 70  SER A CA  1 
ATOM   462  C  C   . SER A 1 93  ? -18.851 -1.066  2.134   1.00 20.68 ? 70  SER A C   1 
ATOM   463  O  O   . SER A 1 93  ? -17.791 -1.642  2.405   1.00 19.89 ? 70  SER A O   1 
ATOM   464  C  CB  . SER A 1 93  ? -20.999 -2.332  2.203   1.00 23.16 ? 70  SER A CB  1 
ATOM   465  O  OG  . SER A 1 93  ? -20.452 -3.055  3.293   1.00 23.74 ? 70  SER A OG  1 
ATOM   466  N  N   . PRO A 1 94  ? -19.126 0.179   2.556   1.00 21.27 ? 71  PRO A N   1 
ATOM   467  C  CA  . PRO A 1 94  ? -18.160 0.852   3.439   1.00 20.07 ? 71  PRO A CA  1 
ATOM   468  C  C   . PRO A 1 94  ? -17.846 0.060   4.709   1.00 19.71 ? 71  PRO A C   1 
ATOM   469  O  O   . PRO A 1 94  ? -16.683 -0.013  5.095   1.00 19.21 ? 71  PRO A O   1 
ATOM   470  C  CB  . PRO A 1 94  ? -18.860 2.175   3.782   1.00 20.90 ? 71  PRO A CB  1 
ATOM   471  C  CG  . PRO A 1 94  ? -19.681 2.471   2.528   1.00 21.92 ? 71  PRO A CG  1 
ATOM   472  C  CD  . PRO A 1 94  ? -20.197 1.093   2.104   1.00 22.12 ? 71  PRO A CD  1 
ATOM   473  N  N   . ALA A 1 95  ? -18.847 -0.531  5.343   1.00 19.64 ? 72  ALA A N   1 
ATOM   474  C  CA  . ALA A 1 95  ? -18.598 -1.312  6.551   1.00 20.49 ? 72  ALA A CA  1 
ATOM   475  C  C   . ALA A 1 95  ? -17.724 -2.520  6.256   1.00 20.56 ? 72  ALA A C   1 
ATOM   476  O  O   . ALA A 1 95  ? -16.853 -2.884  7.056   1.00 19.31 ? 72  ALA A O   1 
ATOM   477  C  CB  . ALA A 1 95  ? -19.902 -1.760  7.180   1.00 22.99 ? 72  ALA A CB  1 
ATOM   478  N  N   . GLU A 1 96  ? -17.974 -3.164  5.122   1.00 20.75 ? 73  GLU A N   1 
ATOM   479  C  CA  . GLU A 1 96  ? -17.203 -4.354  4.751   1.00 20.34 ? 73  GLU A CA  1 
ATOM   480  C  C   . GLU A 1 96  ? -15.766 -4.020  4.383   1.00 20.47 ? 73  GLU A C   1 
ATOM   481  O  O   . GLU A 1 96  ? -14.829 -4.712  4.808   1.00 19.61 ? 73  GLU A O   1 
ATOM   482  C  CB  . GLU A 1 96  ? -17.889 -5.106  3.600   1.00 20.82 ? 73  GLU A CB  1 
ATOM   483  C  CG  . GLU A 1 96  ? -19.161 -5.825  4.006   1.00 19.19 ? 73  GLU A CG  1 
ATOM   484  C  CD  . GLU A 1 96  ? -19.988 -6.283  2.790   1.00 27.14 ? 73  GLU A CD  1 
ATOM   485  O  OE1 . GLU A 1 96  ? -19.787 -5.749  1.677   1.00 25.88 ? 73  GLU A OE1 1 
ATOM   486  O  OE2 . GLU A 1 96  ? -20.845 -7.177  2.945   1.00 26.85 ? 73  GLU A OE2 1 
ATOM   487  N  N   . ALA A 1 97  ? -15.586 -2.970  3.588   1.00 17.85 ? 74  ALA A N   1 
ATOM   488  C  CA  . ALA A 1 97  ? -14.240 -2.540  3.210   1.00 19.48 ? 74  ALA A CA  1 
ATOM   489  C  C   . ALA A 1 97  ? -13.434 -2.197  4.454   1.00 18.81 ? 74  ALA A C   1 
ATOM   490  O  O   . ALA A 1 97  ? -12.269 -2.594  4.580   1.00 19.15 ? 74  ALA A O   1 
ATOM   491  C  CB  . ALA A 1 97  ? -14.288 -1.348  2.270   1.00 20.24 ? 74  ALA A CB  1 
ATOM   492  N  N   . THR A 1 98  ? -14.070 -1.479  5.378   1.00 17.97 ? 75  THR A N   1 
ATOM   493  C  CA  . THR A 1 98  ? -13.395 -1.011  6.591   1.00 20.38 ? 75  THR A CA  1 
ATOM   494  C  C   . THR A 1 98  ? -12.953 -2.201  7.430   1.00 21.55 ? 75  THR A C   1 
ATOM   495  O  O   . THR A 1 98  ? -11.803 -2.280  7.869   1.00 18.61 ? 75  THR A O   1 
ATOM   496  C  CB  . THR A 1 98  ? -14.317 -0.072  7.415   1.00 21.74 ? 75  THR A CB  1 
ATOM   497  O  OG1 . THR A 1 98  ? -14.627 1.091   6.635   1.00 18.45 ? 75  THR A OG1 1 
ATOM   498  C  CG2 . THR A 1 98  ? -13.650 0.379   8.717   1.00 20.28 ? 75  THR A CG2 1 
ATOM   499  N  N   . ARG A 1 99  ? -13.872 -3.144  7.628   1.00 21.45 ? 76  ARG A N   1 
ATOM   500  C  CA  . ARG A 1 99  ? -13.581 -4.341  8.413   1.00 21.22 ? 76  ARG A CA  1 
ATOM   501  C  C   . ARG A 1 99  ? -12.462 -5.195  7.799   1.00 21.93 ? 76  ARG A C   1 
ATOM   502  O  O   . ARG A 1 99  ? -11.516 -5.578  8.497   1.00 22.89 ? 76  ARG A O   1 
ATOM   503  C  CB  . ARG A 1 99  ? -14.863 -5.176  8.590   1.00 24.79 ? 76  ARG A CB  1 
ATOM   504  N  N   . LEU A 1 100 ? -12.557 -5.507  6.511   1.00 21.39 ? 77  LEU A N   1 
ATOM   505  C  CA  . LEU A 1 100 ? -11.536 -6.351  5.877   1.00 21.68 ? 77  LEU A CA  1 
ATOM   506  C  C   . LEU A 1 100 ? -10.186 -5.653  5.833   1.00 22.50 ? 77  LEU A C   1 
ATOM   507  O  O   . LEU A 1 100 ? -9.156  -6.268  6.116   1.00 22.48 ? 77  LEU A O   1 
ATOM   508  C  CB  . LEU A 1 100 ? -11.932 -6.768  4.460   1.00 22.88 ? 77  LEU A CB  1 
ATOM   509  C  CG  . LEU A 1 100 ? -13.097 -7.739  4.292   1.00 21.51 ? 77  LEU A CG  1 
ATOM   510  C  CD1 . LEU A 1 100 ? -13.237 -8.109  2.825   1.00 22.51 ? 77  LEU A CD1 1 
ATOM   511  C  CD2 . LEU A 1 100 ? -12.857 -8.987  5.131   1.00 23.39 ? 77  LEU A CD2 1 
ATOM   512  N  N   . ASP A 1 101 ? -10.183 -4.371  5.478   1.00 18.80 ? 78  ASP A N   1 
ATOM   513  C  CA  . ASP A 1 101 ? -8.928  -3.634  5.410   1.00 20.87 ? 78  ASP A CA  1 
ATOM   514  C  C   . ASP A 1 101 ? -8.247  -3.632  6.773   1.00 20.96 ? 78  ASP A C   1 
ATOM   515  O  O   . ASP A 1 101 ? -7.082  -4.001  6.894   1.00 21.70 ? 78  ASP A O   1 
ATOM   516  C  CB  . ASP A 1 101 ? -9.162  -2.199  4.931   1.00 20.44 ? 78  ASP A CB  1 
ATOM   517  C  CG  . ASP A 1 101 ? -9.498  -2.115  3.442   1.00 22.60 ? 78  ASP A CG  1 
ATOM   518  O  OD1 . ASP A 1 101 ? -9.346  -3.114  2.695   1.00 20.89 ? 78  ASP A OD1 1 
ATOM   519  O  OD2 . ASP A 1 101 ? -9.924  -1.029  3.009   1.00 22.31 ? 78  ASP A OD2 1 
ATOM   520  N  N   . HIS A 1 102 ? -8.976  -3.230  7.809   1.00 20.61 ? 79  HIS A N   1 
ATOM   521  C  CA  . HIS A 1 102 ? -8.394  -3.224  9.146   1.00 21.98 ? 79  HIS A CA  1 
ATOM   522  C  C   . HIS A 1 102 ? -7.888  -4.603  9.583   1.00 23.73 ? 79  HIS A C   1 
ATOM   523  O  O   . HIS A 1 102 ? -6.764  -4.724  10.101  1.00 22.44 ? 79  HIS A O   1 
ATOM   524  C  CB  . HIS A 1 102 ? -9.378  -2.670  10.178  1.00 21.97 ? 79  HIS A CB  1 
ATOM   525  C  CG  . HIS A 1 102 ? -8.802  -2.580  11.551  1.00 23.57 ? 79  HIS A CG  1 
ATOM   526  N  ND1 . HIS A 1 102 ? -8.871  -3.622  12.453  1.00 24.08 ? 79  HIS A ND1 1 
ATOM   527  C  CD2 . HIS A 1 102 ? -8.131  -1.584  12.177  1.00 23.99 ? 79  HIS A CD2 1 
ATOM   528  C  CE1 . HIS A 1 102 ? -8.276  -3.267  13.577  1.00 25.30 ? 79  HIS A CE1 1 
ATOM   529  N  NE2 . HIS A 1 102 ? -7.814  -2.035  13.435  1.00 24.52 ? 79  HIS A NE2 1 
ATOM   530  N  N   . ASP A 1 103 ? -8.700  -5.638  9.366   1.00 23.67 ? 80  ASP A N   1 
ATOM   531  C  CA  . ASP A 1 103 ? -8.335  -6.997  9.767   1.00 23.73 ? 80  ASP A CA  1 
ATOM   532  C  C   . ASP A 1 103 ? -7.081  -7.493  9.042   1.00 22.93 ? 80  ASP A C   1 
ATOM   533  O  O   . ASP A 1 103 ? -6.222  -8.152  9.638   1.00 22.50 ? 80  ASP A O   1 
ATOM   534  C  CB  . ASP A 1 103 ? -9.477  -7.981  9.476   1.00 26.36 ? 80  ASP A CB  1 
ATOM   535  C  CG  . ASP A 1 103 ? -10.655 -7.851  10.448  1.00 30.79 ? 80  ASP A CG  1 
ATOM   536  O  OD1 . ASP A 1 103 ? -10.478 -7.408  11.604  1.00 36.15 ? 80  ASP A OD1 1 
ATOM   537  O  OD2 . ASP A 1 103 ? -11.775 -8.230  10.037  1.00 37.48 ? 80  ASP A OD2 1 
ATOM   538  N  N   . GLU A 1 104 ? -6.981  -7.198  7.753   1.00 20.50 ? 81  GLU A N   1 
ATOM   539  C  CA  . GLU A 1 104 ? -5.873  -7.713  6.965   1.00 21.88 ? 81  GLU A CA  1 
ATOM   540  C  C   . GLU A 1 104 ? -4.570  -6.951  7.219   1.00 22.86 ? 81  GLU A C   1 
ATOM   541  O  O   . GLU A 1 104 ? -3.483  -7.532  7.178   1.00 21.74 ? 81  GLU A O   1 
ATOM   542  C  CB  . GLU A 1 104 ? -6.248  -7.763  5.485   1.00 22.32 ? 81  GLU A CB  1 
ATOM   543  C  CG  . GLU A 1 104 ? -7.267  -8.852  5.242   1.00 22.94 ? 81  GLU A CG  1 
ATOM   544  C  CD  . GLU A 1 104 ? -7.842  -8.866  3.840   1.00 26.15 ? 81  GLU A CD  1 
ATOM   545  O  OE1 . GLU A 1 104 ? -7.510  -7.991  3.009   1.00 23.17 ? 81  GLU A OE1 1 
ATOM   546  O  OE2 . GLU A 1 104 ? -8.639  -9.782  3.573   1.00 23.79 ? 81  GLU A OE2 1 
ATOM   547  N  N   . ILE A 1 105 ? -4.686  -5.660  7.503   1.00 20.26 ? 82  ILE A N   1 
ATOM   548  C  CA  . ILE A 1 105 ? -3.520  -4.883  7.915   1.00 19.79 ? 82  ILE A CA  1 
ATOM   549  C  C   . ILE A 1 105 ? -2.999  -5.443  9.242   1.00 20.73 ? 82  ILE A C   1 
ATOM   550  O  O   . ILE A 1 105 ? -1.800  -5.650  9.418   1.00 22.09 ? 82  ILE A O   1 
ATOM   551  C  CB  . ILE A 1 105 ? -3.876  -3.397  8.069   1.00 22.22 ? 82  ILE A CB  1 
ATOM   552  C  CG1 . ILE A 1 105 ? -4.033  -2.773  6.686   1.00 18.76 ? 82  ILE A CG1 1 
ATOM   553  C  CG2 . ILE A 1 105 ? -2.793  -2.654  8.862   1.00 20.60 ? 82  ILE A CG2 1 
ATOM   554  C  CD1 . ILE A 1 105 ? -4.704  -1.425  6.706   1.00 19.92 ? 82  ILE A CD1 1 
ATOM   555  N  N   . LYS A 1 106 ? -3.918  -5.739  10.154  1.00 20.63 ? 83  LYS A N   1 
ATOM   556  C  CA  . LYS A 1 106 ? -3.549  -6.315  11.446  1.00 23.13 ? 83  LYS A CA  1 
ATOM   557  C  C   . LYS A 1 106 ? -2.909  -7.705  11.309  1.00 23.05 ? 83  LYS A C   1 
ATOM   558  O  O   . LYS A 1 106 ? -1.973  -8.041  12.045  1.00 23.40 ? 83  LYS A O   1 
ATOM   559  C  CB  . LYS A 1 106 ? -4.771  -6.352  12.367  1.00 25.47 ? 83  LYS A CB  1 
ATOM   560  C  CG  . LYS A 1 106 ? -4.507  -6.816  13.801  1.00 27.01 ? 83  LYS A CG  1 
ATOM   561  C  CD  . LYS A 1 106 ? -5.740  -6.537  14.661  1.00 30.71 ? 83  LYS A CD  1 
ATOM   562  C  CE  . LYS A 1 106 ? -6.230  -7.780  15.385  1.00 40.36 ? 83  LYS A CE  1 
ATOM   563  N  NZ  . LYS A 1 106 ? -7.636  -7.590  15.884  1.00 45.31 ? 83  LYS A NZ  1 
ATOM   564  N  N   . ALA A 1 107 ? -3.395  -8.500  10.356  1.00 21.21 ? 84  ALA A N   1 
ATOM   565  C  CA  . ALA A 1 107 ? -2.893  -9.858  10.160  1.00 24.15 ? 84  ALA A CA  1 
ATOM   566  C  C   . ALA A 1 107 ? -1.539  -9.858  9.463   1.00 23.46 ? 84  ALA A C   1 
ATOM   567  O  O   . ALA A 1 107 ? -0.701  -10.731 9.702   1.00 23.35 ? 84  ALA A O   1 
ATOM   568  C  CB  . ALA A 1 107 ? -3.890  -10.679 9.345   1.00 24.00 ? 84  ALA A CB  1 
ATOM   569  N  N   . ALA A 1 108 ? -1.322  -8.884  8.588   1.00 21.27 ? 85  ALA A N   1 
ATOM   570  C  CA  . ALA A 1 108 ? -0.106  -8.871  7.777   1.00 23.22 ? 85  ALA A CA  1 
ATOM   571  C  C   . ALA A 1 108 ? 1.144   -8.559  8.601   1.00 21.35 ? 85  ALA A C   1 
ATOM   572  O  O   . ALA A 1 108 ? 1.089   -7.829  9.598   1.00 22.43 ? 85  ALA A O   1 
ATOM   573  C  CB  . ALA A 1 108 ? -0.241  -7.877  6.631   1.00 21.08 ? 85  ALA A CB  1 
ATOM   574  N  N   . ASP A 1 109 ? 2.285   -9.083  8.157   1.00 21.93 ? 86  ASP A N   1 
ATOM   575  C  CA  . ASP A 1 109 ? 3.544   -8.789  8.828   1.00 22.57 ? 86  ASP A CA  1 
ATOM   576  C  C   . ASP A 1 109 ? 4.026   -7.373  8.535   1.00 21.00 ? 86  ASP A C   1 
ATOM   577  O  O   . ASP A 1 109 ? 4.684   -6.752  9.372   1.00 21.64 ? 86  ASP A O   1 
ATOM   578  C  CB  . ASP A 1 109 ? 4.612   -9.785  8.391   1.00 23.51 ? 86  ASP A CB  1 
ATOM   579  C  CG  . ASP A 1 109 ? 4.271   -11.201 8.787   1.00 27.04 ? 86  ASP A CG  1 
ATOM   580  O  OD1 . ASP A 1 109 ? 3.995   -11.424 9.979   1.00 32.19 ? 86  ASP A OD1 1 
ATOM   581  O  OD2 . ASP A 1 109 ? 4.254   -12.081 7.908   1.00 27.05 ? 86  ASP A OD2 1 
ATOM   582  N  N   . VAL A 1 110 ? 3.714   -6.875  7.341   1.00 19.55 ? 87  VAL A N   1 
ATOM   583  C  CA  . VAL A 1 110 ? 4.169   -5.543  6.928   1.00 18.10 ? 87  VAL A CA  1 
ATOM   584  C  C   . VAL A 1 110 ? 3.086   -4.819  6.120   1.00 18.99 ? 87  VAL A C   1 
ATOM   585  O  O   . VAL A 1 110 ? 2.332   -5.448  5.367   1.00 18.84 ? 87  VAL A O   1 
ATOM   586  C  CB  . VAL A 1 110 ? 5.492   -5.613  6.122   1.00 19.07 ? 87  VAL A CB  1 
ATOM   587  C  CG1 . VAL A 1 110 ? 5.334   -6.452  4.868   1.00 21.93 ? 87  VAL A CG1 1 
ATOM   588  C  CG2 . VAL A 1 110 ? 5.997   -4.215  5.752   1.00 20.30 ? 87  VAL A CG2 1 
ATOM   589  N  N   . PHE A 1 111 ? 3.004   -3.502  6.308   1.00 17.00 ? 88  PHE A N   1 
ATOM   590  C  CA  . PHE A 1 111 ? 2.072   -2.661  5.556   1.00 18.99 ? 88  PHE A CA  1 
ATOM   591  C  C   . PHE A 1 111 ? 2.855   -1.817  4.546   1.00 18.64 ? 88  PHE A C   1 
ATOM   592  O  O   . PHE A 1 111 ? 3.723   -1.027  4.933   1.00 18.83 ? 88  PHE A O   1 
ATOM   593  C  CB  . PHE A 1 111 ? 1.293   -1.785  6.529   1.00 18.62 ? 88  PHE A CB  1 
ATOM   594  C  CG  . PHE A 1 111 ? 0.417   -0.734  5.875   1.00 19.71 ? 88  PHE A CG  1 
ATOM   595  C  CD1 . PHE A 1 111 ? -0.751  -1.082  5.224   1.00 20.11 ? 88  PHE A CD1 1 
ATOM   596  C  CD2 . PHE A 1 111 ? 0.754   0.613   5.969   1.00 20.06 ? 88  PHE A CD2 1 
ATOM   597  C  CE1 . PHE A 1 111 ? -1.580  -0.096  4.641   1.00 19.74 ? 88  PHE A CE1 1 
ATOM   598  C  CE2 . PHE A 1 111 ? -0.058  1.603   5.399   1.00 20.85 ? 88  PHE A CE2 1 
ATOM   599  C  CZ  . PHE A 1 111 ? -1.228  1.245   4.744   1.00 19.85 ? 88  PHE A CZ  1 
ATOM   600  N  N   . VAL A 1 112 ? 2.578   -2.019  3.254   1.00 16.79 ? 89  VAL A N   1 
ATOM   601  C  CA  . VAL A 1 112 ? 3.256   -1.263  2.190   1.00 17.44 ? 89  VAL A CA  1 
ATOM   602  C  C   . VAL A 1 112 ? 2.231   -0.428  1.429   1.00 18.48 ? 89  VAL A C   1 
ATOM   603  O  O   . VAL A 1 112 ? 1.282   -0.984  0.901   1.00 18.55 ? 89  VAL A O   1 
ATOM   604  C  CB  . VAL A 1 112 ? 3.925   -2.195  1.173   1.00 19.24 ? 89  VAL A CB  1 
ATOM   605  C  CG1 . VAL A 1 112 ? 4.496   -1.380  0.011   1.00 17.11 ? 89  VAL A CG1 1 
ATOM   606  C  CG2 . VAL A 1 112 ? 5.035   -2.996  1.830   1.00 20.34 ? 89  VAL A CG2 1 
ATOM   607  N  N   . ALA A 1 113 ? 2.393   0.897   1.378   1.00 19.00 ? 90  ALA A N   1 
ATOM   608  C  CA  . ALA A 1 113 ? 1.375   1.717   0.714   1.00 18.60 ? 90  ALA A CA  1 
ATOM   609  C  C   . ALA A 1 113 ? 1.872   2.973   0.004   1.00 16.22 ? 90  ALA A C   1 
ATOM   610  O  O   . ALA A 1 113 ? 2.832   3.612   0.440   1.00 15.23 ? 90  ALA A O   1 
ATOM   611  C  CB  . ALA A 1 113 ? 0.267   2.081   1.706   1.00 17.77 ? 90  ALA A CB  1 
ATOM   612  N  N   . PHE A 1 114 ? 1.184   3.325   -1.082  1.00 16.80 ? 91  PHE A N   1 
ATOM   613  C  CA  . PHE A 1 114 ? 1.318   4.643   -1.706  1.00 15.42 ? 91  PHE A CA  1 
ATOM   614  C  C   . PHE A 1 114 ? 0.331   5.592   -1.029  1.00 16.89 ? 91  PHE A C   1 
ATOM   615  O  O   . PHE A 1 114 ? -0.877  5.367   -1.127  1.00 15.38 ? 91  PHE A O   1 
ATOM   616  C  CB  . PHE A 1 114 ? 0.852   4.563   -3.160  1.00 16.86 ? 91  PHE A CB  1 
ATOM   617  C  CG  . PHE A 1 114 ? 1.646   3.621   -4.029  1.00 17.97 ? 91  PHE A CG  1 
ATOM   618  C  CD1 . PHE A 1 114 ? 2.723   4.083   -4.761  1.00 17.37 ? 91  PHE A CD1 1 
ATOM   619  C  CD2 . PHE A 1 114 ? 1.257   2.291   -4.175  1.00 17.60 ? 91  PHE A CD2 1 
ATOM   620  C  CE1 . PHE A 1 114 ? 3.434   3.233   -5.583  1.00 18.93 ? 91  PHE A CE1 1 
ATOM   621  C  CE2 . PHE A 1 114 ? 1.965   1.431   -4.995  1.00 19.60 ? 91  PHE A CE2 1 
ATOM   622  C  CZ  . PHE A 1 114 ? 3.051   1.896   -5.698  1.00 20.01 ? 91  PHE A CZ  1 
ATOM   623  N  N   . PRO A 1 115 ? 0.811   6.662   -0.370  1.00 15.48 ? 92  PRO A N   1 
ATOM   624  C  CA  . PRO A 1 115 ? -0.195  7.564   0.197   1.00 15.78 ? 92  PRO A CA  1 
ATOM   625  C  C   . PRO A 1 115 ? -0.993  8.262   -0.911  1.00 17.40 ? 92  PRO A C   1 
ATOM   626  O  O   . PRO A 1 115 ? -2.155  8.622   -0.705  1.00 17.80 ? 92  PRO A O   1 
ATOM   627  C  CB  . PRO A 1 115 ? 0.648   8.581   0.988   1.00 17.28 ? 92  PRO A CB  1 
ATOM   628  C  CG  . PRO A 1 115 ? 1.899   7.832   1.328   1.00 19.02 ? 92  PRO A CG  1 
ATOM   629  C  CD  . PRO A 1 115 ? 2.169   6.999   0.092   1.00 16.58 ? 92  PRO A CD  1 
ATOM   630  N  N   . GLY A 1 116 ? -0.373  8.434   -2.077  1.00 17.07 ? 93  GLY A N   1 
ATOM   631  C  CA  . GLY A 1 116 ? -1.055  8.966   -3.237  1.00 18.27 ? 93  GLY A CA  1 
ATOM   632  C  C   . GLY A 1 116 ? -0.913  10.468  -3.452  1.00 22.36 ? 93  GLY A C   1 
ATOM   633  O  O   . GLY A 1 116 ? -0.837  11.253  -2.493  1.00 21.30 ? 93  GLY A O   1 
ATOM   634  N  N   . VAL A 1 117 ? -0.878  10.865  -4.721  1.00 21.70 ? 94  VAL A N   1 
ATOM   635  C  CA  . VAL A 1 117 ? -0.924  12.282  -5.096  1.00 25.07 ? 94  VAL A CA  1 
ATOM   636  C  C   . VAL A 1 117 ? -2.012  12.484  -6.152  1.00 24.24 ? 94  VAL A C   1 
ATOM   637  O  O   . VAL A 1 117 ? -1.873  12.013  -7.275  1.00 27.97 ? 94  VAL A O   1 
ATOM   638  C  CB  . VAL A 1 117 ? 0.411   12.795  -5.658  1.00 27.92 ? 94  VAL A CB  1 
ATOM   639  C  CG1 . VAL A 1 117 ? 0.320   14.301  -5.897  1.00 27.46 ? 94  VAL A CG1 1 
ATOM   640  C  CG2 . VAL A 1 117 ? 1.550   12.490  -4.698  1.00 26.81 ? 94  VAL A CG2 1 
ATOM   641  N  N   . PRO A 1 118 ? -3.115  13.158  -5.785  1.00 24.37 ? 95  PRO A N   1 
ATOM   642  C  CA  . PRO A 1 118 ? -3.399  13.686  -4.447  1.00 23.59 ? 95  PRO A CA  1 
ATOM   643  C  C   . PRO A 1 118 ? -3.681  12.566  -3.448  1.00 23.54 ? 95  PRO A C   1 
ATOM   644  O  O   . PRO A 1 118 ? -3.797  11.408  -3.845  1.00 22.51 ? 95  PRO A O   1 
ATOM   645  C  CB  . PRO A 1 118 ? -4.663  14.525  -4.664  1.00 26.70 ? 95  PRO A CB  1 
ATOM   646  C  CG  . PRO A 1 118 ? -5.324  13.898  -5.828  1.00 29.16 ? 95  PRO A CG  1 
ATOM   647  C  CD  . PRO A 1 118 ? -4.216  13.428  -6.725  1.00 27.08 ? 95  PRO A CD  1 
ATOM   648  N  N   . ALA A 1 119 ? -3.776  12.923  -2.172  1.00 22.20 ? 96  ALA A N   1 
ATOM   649  C  CA  . ALA A 1 119 ? -3.865  11.952  -1.089  1.00 20.50 ? 96  ALA A CA  1 
ATOM   650  C  C   . ALA A 1 119 ? -5.082  11.051  -1.204  1.00 21.11 ? 96  ALA A C   1 
ATOM   651  O  O   . ALA A 1 119 ? -6.211  11.519  -1.429  1.00 21.95 ? 96  ALA A O   1 
ATOM   652  C  CB  . ALA A 1 119 ? -3.899  12.676  0.245   1.00 21.27 ? 96  ALA A CB  1 
ATOM   653  N  N   . SER A 1 120 ? -4.847  9.756   -1.024  1.00 19.56 ? 97  SER A N   1 
ATOM   654  C  CA  . SER A 1 120 ? -5.911  8.776   -0.861  1.00 18.45 ? 97  SER A CA  1 
ATOM   655  C  C   . SER A 1 120 ? -6.438  8.786   0.576   1.00 18.09 ? 97  SER A C   1 
ATOM   656  O  O   . SER A 1 120 ? -5.714  8.424   1.517   1.00 17.33 ? 97  SER A O   1 
ATOM   657  C  CB  . SER A 1 120 ? -5.381  7.385   -1.183  1.00 20.86 ? 97  SER A CB  1 
ATOM   658  O  OG  . SER A 1 120 ? -6.294  6.391   -0.757  1.00 20.70 ? 97  SER A OG  1 
ATOM   659  N  N   . PRO A 1 121 ? -7.708  9.184   0.748   1.00 19.07 ? 98  PRO A N   1 
ATOM   660  C  CA  . PRO A 1 121 ? -8.346  9.267   2.067   1.00 18.70 ? 98  PRO A CA  1 
ATOM   661  C  C   . PRO A 1 121 ? -8.283  7.934   2.800   1.00 17.00 ? 98  PRO A C   1 
ATOM   662  O  O   . PRO A 1 121 ? -7.848  7.918   3.952   1.00 15.87 ? 98  PRO A O   1 
ATOM   663  C  CB  . PRO A 1 121 ? -9.803  9.600   1.729   1.00 20.00 ? 98  PRO A CB  1 
ATOM   664  C  CG  . PRO A 1 121 ? -9.754  10.229  0.383   1.00 22.65 ? 98  PRO A CG  1 
ATOM   665  C  CD  . PRO A 1 121 ? -8.628  9.557   -0.342  1.00 20.19 ? 98  PRO A CD  1 
ATOM   666  N  N   . GLY A 1 122 ? -8.706  6.850   2.146   1.00 17.34 ? 99  GLY A N   1 
ATOM   667  C  CA  . GLY A 1 122 ? -8.688  5.516   2.736   1.00 17.59 ? 99  GLY A CA  1 
ATOM   668  C  C   . GLY A 1 122 ? -7.300  5.039   3.134   1.00 16.69 ? 99  GLY A C   1 
ATOM   669  O  O   . GLY A 1 122 ? -7.115  4.464   4.215   1.00 15.98 ? 99  GLY A O   1 
ATOM   670  N  N   . THR A 1 123 ? -6.315  5.269   2.268   1.00 16.74 ? 100 THR A N   1 
ATOM   671  C  CA  . THR A 1 123 ? -4.939  4.884   2.572   1.00 15.82 ? 100 THR A CA  1 
ATOM   672  C  C   . THR A 1 123 ? -4.400  5.678   3.759   1.00 15.15 ? 100 THR A C   1 
ATOM   673  O  O   . THR A 1 123 ? -3.641  5.157   4.575   1.00 14.30 ? 100 THR A O   1 
ATOM   674  C  CB  . THR A 1 123 ? -4.027  5.081   1.351   1.00 17.45 ? 100 THR A CB  1 
ATOM   675  O  OG1 . THR A 1 123 ? -4.588  4.369   0.250   1.00 18.64 ? 100 THR A OG1 1 
ATOM   676  C  CG2 . THR A 1 123 ? -2.645  4.535   1.622   1.00 18.37 ? 100 THR A CG2 1 
ATOM   677  N  N   . HIS A 1 124 ? -4.794  6.939   3.871   1.00 15.03 ? 101 HIS A N   1 
ATOM   678  C  CA  . HIS A 1 124 ? -4.369  7.730   5.024   1.00 14.47 ? 101 HIS A CA  1 
ATOM   679  C  C   . HIS A 1 124 ? -4.985  7.209   6.328   1.00 14.11 ? 101 HIS A C   1 
ATOM   680  O  O   . HIS A 1 124 ? -4.301  7.160   7.350   1.00 15.00 ? 101 HIS A O   1 
ATOM   681  C  CB  . HIS A 1 124 ? -4.622  9.225   4.795   1.00 14.35 ? 101 HIS A CB  1 
ATOM   682  C  CG  . HIS A 1 124 ? -3.571  9.867   3.940   1.00 16.08 ? 101 HIS A CG  1 
ATOM   683  N  ND1 . HIS A 1 124 ? -3.485  9.648   2.582   1.00 16.43 ? 101 HIS A ND1 1 
ATOM   684  C  CD2 . HIS A 1 124 ? -2.537  10.689  4.252   1.00 17.18 ? 101 HIS A CD2 1 
ATOM   685  C  CE1 . HIS A 1 124 ? -2.468  10.329  2.087   1.00 16.75 ? 101 HIS A CE1 1 
ATOM   686  N  NE2 . HIS A 1 124 ? -1.868  10.964  3.080   1.00 16.48 ? 101 HIS A NE2 1 
ATOM   687  N  N   . VAL A 1 125 ? -6.245  6.778   6.294   1.00 15.12 ? 102 VAL A N   1 
ATOM   688  C  CA  . VAL A 1 125 ? -6.827  6.112   7.478   1.00 14.12 ? 102 VAL A CA  1 
ATOM   689  C  C   . VAL A 1 125 ? -5.989  4.881   7.824   1.00 15.50 ? 102 VAL A C   1 
ATOM   690  O  O   . VAL A 1 125 ? -5.641  4.659   8.990   1.00 15.42 ? 102 VAL A O   1 
ATOM   691  C  CB  . VAL A 1 125 ? -8.303  5.699   7.260   1.00 15.92 ? 102 VAL A CB  1 
ATOM   692  C  CG1 . VAL A 1 125 ? -8.834  4.870   8.448   1.00 14.70 ? 102 VAL A CG1 1 
ATOM   693  C  CG2 . VAL A 1 125 ? -9.176  6.943   7.052   1.00 15.95 ? 102 VAL A CG2 1 
ATOM   694  N  N   . GLU A 1 126 ? -5.641  4.098   6.806   1.00 13.84 ? 103 GLU A N   1 
ATOM   695  C  CA  . GLU A 1 126 ? -4.844  2.888   7.010   1.00 15.53 ? 103 GLU A CA  1 
ATOM   696  C  C   . GLU A 1 126 ? -3.455  3.174   7.560   1.00 15.30 ? 103 GLU A C   1 
ATOM   697  O  O   . GLU A 1 126 ? -2.941  2.413   8.378   1.00 16.23 ? 103 GLU A O   1 
ATOM   698  C  CB  . GLU A 1 126 ? -4.720  2.104   5.697   1.00 16.88 ? 103 GLU A CB  1 
ATOM   699  C  CG  . GLU A 1 126 ? -6.045  1.555   5.199   1.00 16.53 ? 103 GLU A CG  1 
ATOM   700  C  CD  . GLU A 1 126 ? -5.943  0.942   3.821   1.00 19.53 ? 103 GLU A CD  1 
ATOM   701  O  OE1 . GLU A 1 126 ? -4.965  1.244   3.096   1.00 18.43 ? 103 GLU A OE1 1 
ATOM   702  O  OE2 . GLU A 1 126 ? -6.842  0.143   3.461   1.00 20.35 ? 103 GLU A OE2 1 
ATOM   703  N  N   . ILE A 1 127 ? -2.837  4.248   7.078   1.00 13.63 ? 104 ILE A N   1 
ATOM   704  C  CA  . ILE A 1 127 ? -1.555  4.687   7.608   1.00 16.22 ? 104 ILE A CA  1 
ATOM   705  C  C   . ILE A 1 127 ? -1.686  5.000   9.112   1.00 15.34 ? 104 ILE A C   1 
ATOM   706  O  O   . ILE A 1 127 ? -0.793  4.697   9.907   1.00 16.53 ? 104 ILE A O   1 
ATOM   707  C  CB  . ILE A 1 127 ? -1.051  5.907   6.823   1.00 15.88 ? 104 ILE A CB  1 
ATOM   708  C  CG1 . ILE A 1 127 ? -0.525  5.447   5.452   1.00 14.15 ? 104 ILE A CG1 1 
ATOM   709  C  CG2 . ILE A 1 127 ? 0.020   6.654   7.608   1.00 14.53 ? 104 ILE A CG2 1 
ATOM   710  C  CD1 . ILE A 1 127 ? -0.295  6.612   4.462   1.00 13.23 ? 104 ILE A CD1 1 
ATOM   711  N  N   . GLY A 1 128 ? -2.806  5.596   9.503   1.00 16.39 ? 105 GLY A N   1 
ATOM   712  C  CA  . GLY A 1 128 ? -3.102  5.792   10.913  1.00 14.97 ? 105 GLY A CA  1 
ATOM   713  C  C   . GLY A 1 128 ? -3.244  4.488   11.682  1.00 15.96 ? 105 GLY A C   1 
ATOM   714  O  O   . GLY A 1 128 ? -2.671  4.314   12.767  1.00 15.18 ? 105 GLY A O   1 
ATOM   715  N  N   . TRP A 1 129 ? -4.005  3.552   11.127  1.00 15.02 ? 106 TRP A N   1 
ATOM   716  C  CA  . TRP A 1 129 ? -4.184  2.257   11.779  1.00 16.99 ? 106 TRP A CA  1 
ATOM   717  C  C   . TRP A 1 129 ? -2.838  1.577   11.981  1.00 17.62 ? 106 TRP A C   1 
ATOM   718  O  O   . TRP A 1 129 ? -2.512  1.134   13.084  1.00 20.03 ? 106 TRP A O   1 
ATOM   719  C  CB  . TRP A 1 129 ? -5.061  1.347   10.924  1.00 16.24 ? 106 TRP A CB  1 
ATOM   720  C  CG  . TRP A 1 129 ? -6.529  1.655   10.975  1.00 16.39 ? 106 TRP A CG  1 
ATOM   721  C  CD1 . TRP A 1 129 ? -7.206  2.315   11.956  1.00 17.31 ? 106 TRP A CD1 1 
ATOM   722  C  CD2 . TRP A 1 129 ? -7.500  1.280   9.993   1.00 17.30 ? 106 TRP A CD2 1 
ATOM   723  N  NE1 . TRP A 1 129 ? -8.552  2.385   11.636  1.00 18.12 ? 106 TRP A NE1 1 
ATOM   724  C  CE2 . TRP A 1 129 ? -8.752  1.756   10.438  1.00 19.55 ? 106 TRP A CE2 1 
ATOM   725  C  CE3 . TRP A 1 129 ? -7.429  0.592   8.782   1.00 17.48 ? 106 TRP A CE3 1 
ATOM   726  C  CZ2 . TRP A 1 129 ? -9.930  1.554   9.708   1.00 19.80 ? 106 TRP A CZ2 1 
ATOM   727  C  CZ3 . TRP A 1 129 ? -8.605  0.398   8.054   1.00 18.06 ? 106 TRP A CZ3 1 
ATOM   728  C  CH2 . TRP A 1 129 ? -9.832  0.884   8.521   1.00 18.54 ? 106 TRP A CH2 1 
ATOM   729  N  N   . ALA A 1 130 ? -2.066  1.501   10.902  1.00 16.78 ? 107 ALA A N   1 
ATOM   730  C  CA  . ALA A 1 130 ? -0.789  0.799   10.912  1.00 18.10 ? 107 ALA A CA  1 
ATOM   731  C  C   . ALA A 1 130 ? 0.226   1.426   11.868  1.00 18.85 ? 107 ALA A C   1 
ATOM   732  O  O   . ALA A 1 130 ? 0.854   0.724   12.659  1.00 19.08 ? 107 ALA A O   1 
ATOM   733  C  CB  . ALA A 1 130 ? -0.209  0.751   9.497   1.00 19.37 ? 107 ALA A CB  1 
ATOM   734  N  N   . SER A 1 131 ? 0.423   2.736   11.756  1.00 17.51 ? 108 SER A N   1 
ATOM   735  C  CA  . SER A 1 131 ? 1.358   3.433   12.640  1.00 20.56 ? 108 SER A CA  1 
ATOM   736  C  C   . SER A 1 131 ? 0.900   3.404   14.094  1.00 20.57 ? 108 SER A C   1 
ATOM   737  O  O   . SER A 1 131 ? 1.729   3.288   15.004  1.00 22.97 ? 108 SER A O   1 
ATOM   738  C  CB  . SER A 1 131 ? 1.612   4.872   12.181  1.00 20.94 ? 108 SER A CB  1 
ATOM   739  O  OG  . SER A 1 131 ? 0.421   5.642   12.142  1.00 17.71 ? 108 SER A OG  1 
ATOM   740  N  N   . GLY A 1 132 ? -0.408  3.497   14.324  1.00 19.80 ? 109 GLY A N   1 
ATOM   741  C  CA  . GLY A 1 132 ? -0.936  3.473   15.689  1.00 20.20 ? 109 GLY A CA  1 
ATOM   742  C  C   . GLY A 1 132 ? -0.799  2.108   16.344  1.00 23.21 ? 109 GLY A C   1 
ATOM   743  O  O   . GLY A 1 132 ? -0.774  1.987   17.573  1.00 25.34 ? 109 GLY A O   1 
HETATM 744  N  N   . MSE A 1 133 ? -0.704  1.085   15.499  1.00 21.79 ? 110 MSE A N   1 
HETATM 745  C  CA  . MSE A 1 133 ? -0.597  -0.313  15.893  1.00 23.18 ? 110 MSE A CA  1 
HETATM 746  C  C   . MSE A 1 133 ? 0.855   -0.744  16.057  1.00 24.19 ? 110 MSE A C   1 
HETATM 747  O  O   . MSE A 1 133 ? 1.125   -1.840  16.551  1.00 22.52 ? 110 MSE A O   1 
HETATM 748  C  CB  . MSE A 1 133 ? -1.144  -1.141  14.740  1.00 26.57 ? 110 MSE A CB  1 
HETATM 749  C  CG  . MSE A 1 133 ? -2.004  -2.277  15.104  1.00 31.40 ? 110 MSE A CG  1 
HETATM 750  SE SE  . MSE A 1 133 ? -2.418  -3.074  13.382  1.00 36.87 ? 110 MSE A SE  1 
HETATM 751  C  CE  . MSE A 1 133 ? -3.723  -1.774  12.801  1.00 28.97 ? 110 MSE A CE  1 
ATOM   752  N  N   . GLY A 1 134 ? 1.791   0.081   15.599  1.00 21.85 ? 111 GLY A N   1 
ATOM   753  C  CA  . GLY A 1 134 ? 3.191   -0.326  15.587  1.00 23.26 ? 111 GLY A CA  1 
ATOM   754  C  C   . GLY A 1 134 ? 3.463   -1.386  14.532  1.00 25.49 ? 111 GLY A C   1 
ATOM   755  O  O   . GLY A 1 134 ? 4.350   -2.240  14.678  1.00 24.60 ? 111 GLY A O   1 
ATOM   756  N  N   . LYS A 1 135 ? 2.692   -1.339  13.454  1.00 21.71 ? 112 LYS A N   1 
ATOM   757  C  CA  . LYS A 1 135 ? 2.903   -2.247  12.334  1.00 23.84 ? 112 LYS A CA  1 
ATOM   758  C  C   . LYS A 1 135 ? 4.094   -1.759  11.508  1.00 23.07 ? 112 LYS A C   1 
ATOM   759  O  O   . LYS A 1 135 ? 4.182   -0.564  11.180  1.00 26.68 ? 112 LYS A O   1 
ATOM   760  C  CB  . LYS A 1 135 ? 1.629   -2.295  11.483  1.00 22.63 ? 112 LYS A CB  1 
ATOM   761  C  CG  . LYS A 1 135 ? 1.642   -3.281  10.318  1.00 24.06 ? 112 LYS A CG  1 
ATOM   762  C  CD  . LYS A 1 135 ? 1.672   -4.738  10.792  1.00 22.82 ? 112 LYS A CD  1 
ATOM   763  C  CE  . LYS A 1 135 ? 0.444   -5.084  11.615  1.00 25.77 ? 112 LYS A CE  1 
ATOM   764  N  NZ  . LYS A 1 135 ? 0.383   -6.560  11.878  1.00 23.20 ? 112 LYS A NZ  1 
ATOM   765  N  N   . PRO A 1 136 ? 5.030   -2.667  11.176  1.00 22.43 ? 113 PRO A N   1 
ATOM   766  C  CA  . PRO A 1 136 ? 6.123   -2.275  10.273  1.00 21.92 ? 113 PRO A CA  1 
ATOM   767  C  C   . PRO A 1 136 ? 5.551   -1.759  8.960   1.00 21.06 ? 113 PRO A C   1 
ATOM   768  O  O   . PRO A 1 136 ? 4.653   -2.395  8.396   1.00 19.26 ? 113 PRO A O   1 
ATOM   769  C  CB  . PRO A 1 136 ? 6.861   -3.596  10.016  1.00 22.93 ? 113 PRO A CB  1 
ATOM   770  C  CG  . PRO A 1 136 ? 6.545   -4.446  11.236  1.00 23.67 ? 113 PRO A CG  1 
ATOM   771  C  CD  . PRO A 1 136 ? 5.136   -4.076  11.613  1.00 21.38 ? 113 PRO A CD  1 
HETATM 772  N  N   . MSE A 1 137 ? 6.052   -0.630  8.465   1.00 20.52 ? 114 MSE A N   1 
HETATM 773  C  CA  . MSE A 1 137 ? 5.448   -0.056  7.267   1.00 20.00 ? 114 MSE A CA  1 
HETATM 774  C  C   . MSE A 1 137 ? 6.435   0.576   6.320   1.00 18.67 ? 114 MSE A C   1 
HETATM 775  O  O   . MSE A 1 137 ? 7.418   1.188   6.737   1.00 21.31 ? 114 MSE A O   1 
HETATM 776  C  CB  . MSE A 1 137 ? 4.358   0.964   7.630   1.00 20.19 ? 114 MSE A CB  1 
HETATM 777  C  CG  . MSE A 1 137 ? 4.756   1.940   8.699   1.00 25.82 ? 114 MSE A CG  1 
HETATM 778  SE SE  . MSE A 1 137 ? 3.162   2.880   9.388   1.00 51.42 ? 114 MSE A SE  1 
HETATM 779  C  CE  . MSE A 1 137 ? 2.277   3.218   7.668   1.00 12.43 ? 114 MSE A CE  1 
ATOM   780  N  N   . VAL A 1 138 ? 6.155   0.429   5.033   1.00 17.99 ? 115 VAL A N   1 
ATOM   781  C  CA  . VAL A 1 138 ? 6.929   1.109   4.018   1.00 18.66 ? 115 VAL A CA  1 
ATOM   782  C  C   . VAL A 1 138 ? 6.016   2.028   3.241   1.00 18.79 ? 115 VAL A C   1 
ATOM   783  O  O   . VAL A 1 138 ? 4.981   1.596   2.711   1.00 18.26 ? 115 VAL A O   1 
ATOM   784  C  CB  . VAL A 1 138 ? 7.594   0.129   3.060   1.00 20.37 ? 115 VAL A CB  1 
ATOM   785  C  CG1 . VAL A 1 138 ? 8.396   0.900   2.029   1.00 18.25 ? 115 VAL A CG1 1 
ATOM   786  C  CG2 . VAL A 1 138 ? 8.508   -0.821  3.847   1.00 20.28 ? 115 VAL A CG2 1 
ATOM   787  N  N   . LEU A 1 139 ? 6.387   3.301   3.187   1.00 16.34 ? 116 LEU A N   1 
ATOM   788  C  CA  . LEU A 1 139 ? 5.586   4.276   2.464   1.00 18.76 ? 116 LEU A CA  1 
ATOM   789  C  C   . LEU A 1 139 ? 6.256   4.615   1.143   1.00 18.36 ? 116 LEU A C   1 
ATOM   790  O  O   . LEU A 1 139 ? 7.434   4.971   1.110   1.00 18.90 ? 116 LEU A O   1 
ATOM   791  C  CB  . LEU A 1 139 ? 5.378   5.525   3.314   1.00 19.11 ? 116 LEU A CB  1 
ATOM   792  C  CG  . LEU A 1 139 ? 4.542   5.250   4.571   1.00 20.95 ? 116 LEU A CG  1 
ATOM   793  C  CD1 . LEU A 1 139 ? 4.135   6.549   5.225   1.00 23.65 ? 116 LEU A CD1 1 
ATOM   794  C  CD2 . LEU A 1 139 ? 3.295   4.441   4.242   1.00 23.86 ? 116 LEU A CD2 1 
ATOM   795  N  N   . LEU A 1 140 ? 5.503   4.485   0.056   1.00 16.67 ? 117 LEU A N   1 
ATOM   796  C  CA  . LEU A 1 140 ? 6.032   4.682   -1.289  1.00 16.42 ? 117 LEU A CA  1 
ATOM   797  C  C   . LEU A 1 140 ? 5.643   6.069   -1.762  1.00 18.60 ? 117 LEU A C   1 
ATOM   798  O  O   . LEU A 1 140 ? 4.475   6.317   -2.072  1.00 17.29 ? 117 LEU A O   1 
ATOM   799  C  CB  . LEU A 1 140 ? 5.414   3.640   -2.229  1.00 17.33 ? 117 LEU A CB  1 
ATOM   800  C  CG  . LEU A 1 140 ? 5.605   2.192   -1.774  1.00 18.27 ? 117 LEU A CG  1 
ATOM   801  C  CD1 . LEU A 1 140 ? 4.928   1.217   -2.739  1.00 18.90 ? 117 LEU A CD1 1 
ATOM   802  C  CD2 . LEU A 1 140 ? 7.093   1.860   -1.655  1.00 19.19 ? 117 LEU A CD2 1 
ATOM   803  N  N   . LEU A 1 141 ? 6.615   6.977   -1.810  1.00 18.64 ? 118 LEU A N   1 
ATOM   804  C  CA  . LEU A 1 141 ? 6.325   8.380   -2.096  1.00 19.22 ? 118 LEU A CA  1 
ATOM   805  C  C   . LEU A 1 141 ? 6.942   8.804   -3.423  1.00 20.72 ? 118 LEU A C   1 
ATOM   806  O  O   . LEU A 1 141 ? 8.121   8.560   -3.665  1.00 20.27 ? 118 LEU A O   1 
ATOM   807  C  CB  . LEU A 1 141 ? 6.881   9.268   -0.978  1.00 20.37 ? 118 LEU A CB  1 
ATOM   808  C  CG  . LEU A 1 141 ? 5.998   9.555   0.239   1.00 21.36 ? 118 LEU A CG  1 
ATOM   809  C  CD1 . LEU A 1 141 ? 5.503   8.288   0.917   1.00 20.25 ? 118 LEU A CD1 1 
ATOM   810  C  CD2 . LEU A 1 141 ? 6.753   10.442  1.246   1.00 23.38 ? 118 LEU A CD2 1 
ATOM   811  N  N   . GLU A 1 142 ? 6.152   9.444   -4.277  1.00 19.71 ? 119 GLU A N   1 
ATOM   812  C  CA  . GLU A 1 142 ? 6.680   9.944   -5.542  1.00 22.84 ? 119 GLU A CA  1 
ATOM   813  C  C   . GLU A 1 142 ? 7.765   10.979  -5.283  1.00 25.32 ? 119 GLU A C   1 
ATOM   814  O  O   . GLU A 1 142 ? 7.578   11.894  -4.473  1.00 23.68 ? 119 GLU A O   1 
ATOM   815  C  CB  . GLU A 1 142 ? 5.556   10.536  -6.403  1.00 23.25 ? 119 GLU A CB  1 
ATOM   816  C  CG  . GLU A 1 142 ? 4.515   9.503   -6.804  1.00 25.86 ? 119 GLU A CG  1 
ATOM   817  C  CD  . GLU A 1 142 ? 3.338   10.086  -7.577  1.00 29.80 ? 119 GLU A CD  1 
ATOM   818  O  OE1 . GLU A 1 142 ? 3.497   11.149  -8.213  1.00 29.11 ? 119 GLU A OE1 1 
ATOM   819  O  OE2 . GLU A 1 142 ? 2.249   9.469   -7.543  1.00 31.15 ? 119 GLU A OE2 1 
ATOM   820  N  N   . ARG A 1 143 ? 8.905   10.825  -5.952  1.00 24.10 ? 120 ARG A N   1 
ATOM   821  C  CA  . ARG A 1 143 ? 10.004  11.763  -5.760  1.00 28.26 ? 120 ARG A CA  1 
ATOM   822  C  C   . ARG A 1 143 ? 9.563   13.165  -6.197  1.00 29.02 ? 120 ARG A C   1 
ATOM   823  O  O   . ARG A 1 143 ? 8.843   13.320  -7.196  1.00 28.32 ? 120 ARG A O   1 
ATOM   824  C  CB  . ARG A 1 143 ? 11.258  11.305  -6.526  1.00 29.46 ? 120 ARG A CB  1 
ATOM   825  C  CG  . ARG A 1 143 ? 12.536  12.076  -6.172  1.00 30.44 ? 120 ARG A CG  1 
ATOM   826  C  CD  . ARG A 1 143 ? 13.786  11.422  -6.784  1.00 30.63 ? 120 ARG A CD  1 
ATOM   827  N  NE  . ARG A 1 143 ? 14.353  10.355  -5.957  1.00 29.09 ? 120 ARG A NE  1 
ATOM   828  C  CZ  . ARG A 1 143 ? 14.275  9.058   -6.253  1.00 28.31 ? 120 ARG A CZ  1 
ATOM   829  N  NH1 . ARG A 1 143 ? 13.643  8.669   -7.350  1.00 27.63 ? 120 ARG A NH1 1 
ATOM   830  N  NH2 . ARG A 1 143 ? 14.823  8.152   -5.453  1.00 29.90 ? 120 ARG A NH2 1 
ATOM   831  N  N   . ASP A 1 144 ? 9.961   14.167  -5.415  1.00 30.15 ? 121 ASP A N   1 
ATOM   832  C  CA  . ASP A 1 144 ? 9.648   15.580  -5.698  1.00 31.73 ? 121 ASP A CA  1 
ATOM   833  C  C   . ASP A 1 144 ? 8.155   15.929  -5.647  1.00 32.49 ? 121 ASP A C   1 
ATOM   834  O  O   . ASP A 1 144 ? 7.729   16.919  -6.249  1.00 32.02 ? 121 ASP A O   1 
ATOM   835  C  CB  . ASP A 1 144 ? 10.215  16.012  -7.060  1.00 34.33 ? 121 ASP A CB  1 
ATOM   836  C  CG  . ASP A 1 144 ? 11.707  15.767  -7.187  1.00 36.14 ? 121 ASP A CG  1 
ATOM   837  O  OD1 . ASP A 1 144 ? 12.452  16.007  -6.211  1.00 38.02 ? 121 ASP A OD1 1 
ATOM   838  O  OD2 . ASP A 1 144 ? 12.131  15.337  -8.282  1.00 40.44 ? 121 ASP A OD2 1 
ATOM   839  N  N   . GLU A 1 145 ? 7.358   15.114  -4.958  1.00 28.90 ? 122 GLU A N   1 
ATOM   840  C  CA  . GLU A 1 145 ? 5.964   15.472  -4.710  1.00 28.69 ? 122 GLU A CA  1 
ATOM   841  C  C   . GLU A 1 145 ? 5.789   15.745  -3.226  1.00 27.17 ? 122 GLU A C   1 
ATOM   842  O  O   . GLU A 1 145 ? 6.515   15.188  -2.396  1.00 23.69 ? 122 GLU A O   1 
ATOM   843  C  CB  . GLU A 1 145 ? 4.991   14.382  -5.184  1.00 27.78 ? 122 GLU A CB  1 
ATOM   844  C  CG  . GLU A 1 145 ? 4.981   14.138  -6.691  1.00 29.78 ? 122 GLU A CG  1 
ATOM   845  C  CD  . GLU A 1 145 ? 4.397   15.293  -7.509  1.00 34.13 ? 122 GLU A CD  1 
ATOM   846  O  OE1 . GLU A 1 145 ? 3.773   16.214  -6.932  1.00 34.00 ? 122 GLU A OE1 1 
ATOM   847  O  OE2 . GLU A 1 145 ? 4.559   15.269  -8.752  1.00 36.49 ? 122 GLU A OE2 1 
ATOM   848  N  N   . ASP A 1 146 ? 4.830   16.603  -2.890  1.00 27.39 ? 123 ASP A N   1 
ATOM   849  C  CA  . ASP A 1 146 ? 4.634   17.001  -1.498  1.00 28.28 ? 123 ASP A CA  1 
ATOM   850  C  C   . ASP A 1 146 ? 3.618   16.089  -0.829  1.00 26.70 ? 123 ASP A C   1 
ATOM   851  O  O   . ASP A 1 146 ? 2.518   15.900  -1.350  1.00 25.96 ? 123 ASP A O   1 
ATOM   852  C  CB  . ASP A 1 146 ? 4.132   18.448  -1.399  1.00 31.20 ? 123 ASP A CB  1 
ATOM   853  C  CG  . ASP A 1 146 ? 5.196   19.473  -1.751  1.00 36.44 ? 123 ASP A CG  1 
ATOM   854  O  OD1 . ASP A 1 146 ? 6.401   19.227  -1.497  1.00 35.75 ? 123 ASP A OD1 1 
ATOM   855  O  OD2 . ASP A 1 146 ? 4.815   20.541  -2.279  1.00 42.87 ? 123 ASP A OD2 1 
ATOM   856  N  N   . TYR A 1 147 ? 3.981   15.544  0.325   1.00 22.08 ? 124 TYR A N   1 
ATOM   857  C  CA  . TYR A 1 147 ? 3.078   14.675  1.070   1.00 19.64 ? 124 TYR A CA  1 
ATOM   858  C  C   . TYR A 1 147 ? 2.739   15.321  2.402   1.00 21.67 ? 124 TYR A C   1 
ATOM   859  O  O   . TYR A 1 147 ? 3.422   16.249  2.833   1.00 19.13 ? 124 TYR A O   1 
ATOM   860  C  CB  . TYR A 1 147 ? 3.719   13.296  1.274   1.00 19.36 ? 124 TYR A CB  1 
ATOM   861  C  CG  . TYR A 1 147 ? 3.686   12.461  0.018   1.00 19.13 ? 124 TYR A CG  1 
ATOM   862  C  CD1 . TYR A 1 147 ? 4.669   12.590  -0.957  1.00 21.00 ? 124 TYR A CD1 1 
ATOM   863  C  CD2 . TYR A 1 147 ? 2.646   11.560  -0.207  1.00 19.01 ? 124 TYR A CD2 1 
ATOM   864  C  CE1 . TYR A 1 147 ? 4.616   11.832  -2.124  1.00 20.26 ? 124 TYR A CE1 1 
ATOM   865  C  CE2 . TYR A 1 147 ? 2.593   10.802  -1.356  1.00 19.39 ? 124 TYR A CE2 1 
ATOM   866  C  CZ  . TYR A 1 147 ? 3.583   10.942  -2.306  1.00 19.67 ? 124 TYR A CZ  1 
ATOM   867  O  OH  . TYR A 1 147 ? 3.525   10.189  -3.452  1.00 18.91 ? 124 TYR A OH  1 
ATOM   868  N  N   . ALA A 1 148 ? 1.696   14.818  3.057   1.00 20.49 ? 125 ALA A N   1 
ATOM   869  C  CA  . ALA A 1 148 ? 1.228   15.392  4.315   1.00 20.28 ? 125 ALA A CA  1 
ATOM   870  C  C   . ALA A 1 148 ? 2.307   15.355  5.400   1.00 20.19 ? 125 ALA A C   1 
ATOM   871  O  O   . ALA A 1 148 ? 3.143   14.442  5.430   1.00 17.27 ? 125 ALA A O   1 
ATOM   872  C  CB  . ALA A 1 148 ? -0.020  14.646  4.783   1.00 19.36 ? 125 ALA A CB  1 
ATOM   873  N  N   . PHE A 1 149 ? 2.287   16.340  6.295   1.00 19.49 ? 126 PHE A N   1 
ATOM   874  C  CA  . PHE A 1 149 ? 3.197   16.342  7.435   1.00 19.47 ? 126 PHE A CA  1 
ATOM   875  C  C   . PHE A 1 149 ? 3.017   15.103  8.302   1.00 19.60 ? 126 PHE A C   1 
ATOM   876  O  O   . PHE A 1 149 ? 3.993   14.587  8.849   1.00 18.87 ? 126 PHE A O   1 
ATOM   877  C  CB  . PHE A 1 149 ? 3.014   17.609  8.290   1.00 21.38 ? 126 PHE A CB  1 
ATOM   878  C  CG  . PHE A 1 149 ? 3.762   18.795  7.762   1.00 23.32 ? 126 PHE A CG  1 
ATOM   879  C  CD1 . PHE A 1 149 ? 4.135   18.849  6.430   1.00 24.52 ? 126 PHE A CD1 1 
ATOM   880  C  CD2 . PHE A 1 149 ? 4.133   19.834  8.603   1.00 24.93 ? 126 PHE A CD2 1 
ATOM   881  C  CE1 . PHE A 1 149 ? 4.845   19.928  5.931   1.00 31.02 ? 126 PHE A CE1 1 
ATOM   882  C  CE2 . PHE A 1 149 ? 4.844   20.917  8.116   1.00 28.36 ? 126 PHE A CE2 1 
ATOM   883  C  CZ  . PHE A 1 149 ? 5.200   20.962  6.775   1.00 30.82 ? 126 PHE A CZ  1 
ATOM   884  N  N   . LEU A 1 150 ? 1.783   14.617  8.424   1.00 17.58 ? 127 LEU A N   1 
ATOM   885  C  CA  . LEU A 1 150 ? 1.529   13.444  9.278   1.00 17.06 ? 127 LEU A CA  1 
ATOM   886  C  C   . LEU A 1 150 ? 1.831   12.134  8.582   1.00 18.93 ? 127 LEU A C   1 
ATOM   887  O  O   . LEU A 1 150 ? 1.563   11.055  9.121   1.00 18.25 ? 127 LEU A O   1 
ATOM   888  C  CB  . LEU A 1 150 ? 0.095   13.420  9.803   1.00 17.30 ? 127 LEU A CB  1 
ATOM   889  C  CG  . LEU A 1 150 ? -0.049  14.058  11.186  1.00 20.96 ? 127 LEU A CG  1 
ATOM   890  C  CD1 . LEU A 1 150 ? 0.546   15.473  11.196  1.00 19.71 ? 127 LEU A CD1 1 
ATOM   891  C  CD2 . LEU A 1 150 ? -1.509  14.083  11.611  1.00 21.26 ? 127 LEU A CD2 1 
ATOM   892  N  N   . VAL A 1 151 ? 2.377   12.232  7.377   1.00 18.98 ? 128 VAL A N   1 
ATOM   893  C  CA  . VAL A 1 151 ? 2.899   11.069  6.672   1.00 17.13 ? 128 VAL A CA  1 
ATOM   894  C  C   . VAL A 1 151 ? 4.422   11.086  6.746   1.00 20.08 ? 128 VAL A C   1 
ATOM   895  O  O   . VAL A 1 151 ? 5.040   10.166  7.292   1.00 20.31 ? 128 VAL A O   1 
ATOM   896  C  CB  . VAL A 1 151 ? 2.422   11.068  5.221   1.00 18.92 ? 128 VAL A CB  1 
ATOM   897  C  CG1 . VAL A 1 151 ? 3.226   10.071  4.397   1.00 20.57 ? 128 VAL A CG1 1 
ATOM   898  C  CG2 . VAL A 1 151 ? 0.933   10.728  5.179   1.00 19.37 ? 128 VAL A CG2 1 
ATOM   899  N  N   . THR A 1 152 ? 5.042   12.146  6.239   1.00 19.40 ? 129 THR A N   1 
ATOM   900  C  CA  . THR A 1 152 ? 6.503   12.212  6.266   1.00 20.48 ? 129 THR A CA  1 
ATOM   901  C  C   . THR A 1 152 ? 7.048   12.309  7.695   1.00 21.79 ? 129 THR A C   1 
ATOM   902  O  O   . THR A 1 152 ? 8.159   11.848  7.979   1.00 19.22 ? 129 THR A O   1 
ATOM   903  C  CB  . THR A 1 152 ? 7.050   13.353  5.386   1.00 22.65 ? 129 THR A CB  1 
ATOM   904  O  OG1 . THR A 1 152 ? 6.632   14.616  5.920   1.00 21.97 ? 129 THR A OG1 1 
ATOM   905  C  CG2 . THR A 1 152 ? 6.521   13.210  3.967   1.00 23.79 ? 129 THR A CG2 1 
ATOM   906  N  N   . GLY A 1 153 ? 6.252   12.879  8.597   1.00 19.39 ? 130 GLY A N   1 
ATOM   907  C  CA  . GLY A 1 153 ? 6.671   13.037  9.976   1.00 20.68 ? 130 GLY A CA  1 
ATOM   908  C  C   . GLY A 1 153 ? 6.709   11.733  10.755  1.00 21.21 ? 130 GLY A C   1 
ATOM   909  O  O   . GLY A 1 153 ? 7.180   11.685  11.889  1.00 20.98 ? 130 GLY A O   1 
ATOM   910  N  N   . LEU A 1 154 ? 6.204   10.659  10.152  1.00 21.32 ? 131 LEU A N   1 
ATOM   911  C  CA  . LEU A 1 154 ? 6.249   9.352   10.797  1.00 21.56 ? 131 LEU A CA  1 
ATOM   912  C  C   . LEU A 1 154 ? 7.652   8.758   10.797  1.00 26.10 ? 131 LEU A C   1 
ATOM   913  O  O   . LEU A 1 154 ? 7.954   7.866   11.592  1.00 27.80 ? 131 LEU A O   1 
ATOM   914  C  CB  . LEU A 1 154 ? 5.293   8.380   10.102  1.00 19.04 ? 131 LEU A CB  1 
ATOM   915  C  CG  . LEU A 1 154 ? 3.816   8.720   10.199  1.00 17.87 ? 131 LEU A CG  1 
ATOM   916  C  CD1 . LEU A 1 154 ? 3.024   7.769   9.303   1.00 20.64 ? 131 LEU A CD1 1 
ATOM   917  C  CD2 . LEU A 1 154 ? 3.355   8.610   11.641  1.00 20.96 ? 131 LEU A CD2 1 
ATOM   918  N  N   . GLU A 1 155 ? 8.497   9.243   9.890   1.00 25.06 ? 132 GLU A N   1 
ATOM   919  C  CA  . GLU A 1 155 ? 9.845   8.710   9.723   1.00 29.97 ? 132 GLU A CA  1 
ATOM   920  C  C   . GLU A 1 155 ? 10.643  8.801   11.028  1.00 32.12 ? 132 GLU A C   1 
ATOM   921  O  O   . GLU A 1 155 ? 10.734  9.867   11.631  1.00 32.47 ? 132 GLU A O   1 
ATOM   922  C  CB  . GLU A 1 155 ? 10.563  9.470   8.609   1.00 30.40 ? 132 GLU A CB  1 
ATOM   923  C  CG  . GLU A 1 155 ? 11.841  8.813   8.114   1.00 32.75 ? 132 GLU A CG  1 
ATOM   924  C  CD  . GLU A 1 155 ? 12.416  9.508   6.887   1.00 35.28 ? 132 GLU A CD  1 
ATOM   925  O  OE1 . GLU A 1 155 ? 12.298  10.748  6.779   1.00 37.30 ? 132 GLU A OE1 1 
ATOM   926  O  OE2 . GLU A 1 155 ? 12.984  8.811   6.020   1.00 36.30 ? 132 GLU A OE2 1 
ATOM   927  N  N   . SER A 1 156 ? 11.200  7.677   11.470  1.00 36.21 ? 133 SER A N   1 
ATOM   928  C  CA  . SER A 1 156 ? 11.928  7.625   12.746  1.00 37.12 ? 133 SER A CA  1 
ATOM   929  C  C   . SER A 1 156 ? 11.077  8.075   13.943  1.00 37.74 ? 133 SER A C   1 
ATOM   930  O  O   . SER A 1 156 ? 11.599  8.635   14.912  1.00 40.91 ? 133 SER A O   1 
ATOM   931  C  CB  . SER A 1 156 ? 13.201  8.471   12.680  1.00 39.82 ? 133 SER A CB  1 
ATOM   932  O  OG  . SER A 1 156 ? 12.877  9.842   12.809  1.00 43.93 ? 133 SER A OG  1 
ATOM   933  N  N   . GLN A 1 157 ? 9.771   7.839   13.880  1.00 35.84 ? 134 GLN A N   1 
ATOM   934  C  CA  . GLN A 1 157 ? 8.891   8.099   15.023  1.00 35.18 ? 134 GLN A CA  1 
ATOM   935  C  C   . GLN A 1 157 ? 7.890   6.969   15.121  1.00 33.54 ? 134 GLN A C   1 
ATOM   936  O  O   . GLN A 1 157 ? 7.251   6.761   16.156  1.00 36.44 ? 134 GLN A O   1 
ATOM   937  C  CB  . GLN A 1 157 ? 8.169   9.430   14.873  1.00 32.73 ? 134 GLN A CB  1 
ATOM   938  C  CG  . GLN A 1 157 ? 9.099   10.622  14.923  1.00 35.60 ? 134 GLN A CG  1 
ATOM   939  C  CD  . GLN A 1 157 ? 8.389   11.859  15.386  1.00 32.26 ? 134 GLN A CD  1 
ATOM   940  O  OE1 . GLN A 1 157 ? 8.714   12.425  16.436  1.00 33.78 ? 134 GLN A OE1 1 
ATOM   941  N  NE2 . GLN A 1 157 ? 7.406   12.296  14.605  1.00 28.20 ? 134 GLN A NE2 1 
ATOM   942  N  N   . ALA A 1 158 ? 7.763   6.257   14.012  1.00 30.22 ? 135 ALA A N   1 
ATOM   943  C  CA  . ALA A 1 158 ? 7.017   5.017   13.942  1.00 29.10 ? 135 ALA A CA  1 
ATOM   944  C  C   . ALA A 1 158 ? 7.976   4.058   13.262  1.00 28.74 ? 135 ALA A C   1 
ATOM   945  O  O   . ALA A 1 158 ? 9.011   4.495   12.756  1.00 29.82 ? 135 ALA A O   1 
ATOM   946  C  CB  . ALA A 1 158 ? 5.791   5.203   13.105  1.00 26.05 ? 135 ALA A CB  1 
ATOM   947  N  N   . ASN A 1 159 ? 7.656   2.768   13.244  1.00 25.31 ? 136 ASN A N   1 
ATOM   948  C  CA  . ASN A 1 159 ? 8.493   1.818   12.524  1.00 26.15 ? 136 ASN A CA  1 
ATOM   949  C  C   . ASN A 1 159 ? 8.201   1.871   11.028  1.00 26.53 ? 136 ASN A C   1 
ATOM   950  O  O   . ASN A 1 159 ? 7.481   1.029   10.474  1.00 24.03 ? 136 ASN A O   1 
ATOM   951  C  CB  . ASN A 1 159 ? 8.327   0.397   13.055  1.00 26.63 ? 136 ASN A CB  1 
ATOM   952  C  CG  . ASN A 1 159 ? 9.258   -0.582  12.366  1.00 28.63 ? 136 ASN A CG  1 
ATOM   953  O  OD1 . ASN A 1 159 ? 10.134  -0.172  11.604  1.00 28.44 ? 136 ASN A OD1 1 
ATOM   954  N  ND2 . ASN A 1 159 ? 9.072   -1.875  12.622  1.00 27.95 ? 136 ASN A ND2 1 
ATOM   955  N  N   . VAL A 1 160 ? 8.779   2.865   10.372  1.00 23.73 ? 137 VAL A N   1 
ATOM   956  C  CA  . VAL A 1 160 ? 8.420   3.163   8.995   1.00 24.43 ? 137 VAL A CA  1 
ATOM   957  C  C   . VAL A 1 160 ? 9.691   3.466   8.230   1.00 24.78 ? 137 VAL A C   1 
ATOM   958  O  O   . VAL A 1 160 ? 10.679  3.945   8.805   1.00 25.07 ? 137 VAL A O   1 
ATOM   959  C  CB  . VAL A 1 160 ? 7.458   4.383   8.929   1.00 24.85 ? 137 VAL A CB  1 
ATOM   960  C  CG1 . VAL A 1 160 ? 8.159   5.618   9.368   1.00 26.32 ? 137 VAL A CG1 1 
ATOM   961  C  CG2 . VAL A 1 160 ? 6.941   4.596   7.531   1.00 24.77 ? 137 VAL A CG2 1 
ATOM   962  N  N   . GLU A 1 161 ? 9.684   3.135   6.946   1.00 21.84 ? 138 GLU A N   1 
ATOM   963  C  CA  . GLU A 1 161 ? 10.719  3.591   6.044   1.00 22.76 ? 138 GLU A CA  1 
ATOM   964  C  C   . GLU A 1 161 ? 10.033  4.266   4.869   1.00 23.75 ? 138 GLU A C   1 
ATOM   965  O  O   . GLU A 1 161 ? 9.038   3.759   4.353   1.00 21.58 ? 138 GLU A O   1 
ATOM   966  C  CB  . GLU A 1 161 ? 11.582  2.419   5.564   1.00 24.17 ? 138 GLU A CB  1 
ATOM   967  C  CG  . GLU A 1 161 ? 12.689  2.825   4.608   1.00 27.21 ? 138 GLU A CG  1 
ATOM   968  C  CD  . GLU A 1 161 ? 13.871  1.862   4.609   1.00 29.32 ? 138 GLU A CD  1 
ATOM   969  O  OE1 . GLU A 1 161 ? 14.276  1.403   5.703   1.00 30.81 ? 138 GLU A OE1 1 
ATOM   970  O  OE2 . GLU A 1 161 ? 14.405  1.581   3.511   1.00 30.43 ? 138 GLU A OE2 1 
ATOM   971  N  N   . ILE A 1 162 ? 10.551  5.416   4.455   1.00 22.29 ? 139 ILE A N   1 
ATOM   972  C  CA  . ILE A 1 162 ? 10.014  6.095   3.280   1.00 22.58 ? 139 ILE A CA  1 
ATOM   973  C  C   . ILE A 1 162 ? 10.877  5.763   2.066   1.00 24.32 ? 139 ILE A C   1 
ATOM   974  O  O   . ILE A 1 162 ? 12.105  5.926   2.101   1.00 26.68 ? 139 ILE A O   1 
ATOM   975  C  CB  . ILE A 1 162 ? 9.939   7.615   3.486   1.00 25.93 ? 139 ILE A CB  1 
ATOM   976  C  CG1 . ILE A 1 162 ? 8.826   7.951   4.484   1.00 24.36 ? 139 ILE A CG1 1 
ATOM   977  C  CG2 . ILE A 1 162 ? 9.662   8.326   2.162   1.00 24.97 ? 139 ILE A CG2 1 
ATOM   978  C  CD1 . ILE A 1 162 ? 8.757   9.423   4.817   1.00 30.29 ? 139 ILE A CD1 1 
ATOM   979  N  N   . LEU A 1 163 ? 10.230  5.278   1.008   1.00 20.37 ? 140 LEU A N   1 
ATOM   980  C  CA  . LEU A 1 163 ? 10.907  4.940   -0.239  1.00 22.47 ? 140 LEU A CA  1 
ATOM   981  C  C   . LEU A 1 163 ? 10.438  5.900   -1.320  1.00 21.69 ? 140 LEU A C   1 
ATOM   982  O  O   . LEU A 1 163 ? 9.306   5.793   -1.808  1.00 20.52 ? 140 LEU A O   1 
ATOM   983  C  CB  . LEU A 1 163 ? 10.564  3.493   -0.639  1.00 20.92 ? 140 LEU A CB  1 
ATOM   984  C  CG  . LEU A 1 163 ? 11.390  2.740   -1.686  1.00 22.82 ? 140 LEU A CG  1 
ATOM   985  C  CD1 . LEU A 1 163 ? 11.085  1.254   -1.572  1.00 24.23 ? 140 LEU A CD1 1 
ATOM   986  C  CD2 . LEU A 1 163 ? 11.037  3.197   -3.079  1.00 21.42 ? 140 LEU A CD2 1 
ATOM   987  N  N   . ARG A 1 164 ? 11.295  6.849   -1.688  1.00 23.34 ? 141 ARG A N   1 
ATOM   988  C  CA  . ARG A 1 164 ? 10.980  7.774   -2.765  1.00 22.31 ? 141 ARG A CA  1 
ATOM   989  C  C   . ARG A 1 164 ? 11.326  7.118   -4.090  1.00 24.16 ? 141 ARG A C   1 
ATOM   990  O  O   . ARG A 1 164 ? 12.349  6.428   -4.202  1.00 24.68 ? 141 ARG A O   1 
ATOM   991  C  CB  . ARG A 1 164 ? 11.754  9.095   -2.607  1.00 24.98 ? 141 ARG A CB  1 
ATOM   992  C  CG  . ARG A 1 164 ? 11.357  9.943   -1.378  1.00 24.67 ? 141 ARG A CG  1 
ATOM   993  C  CD  . ARG A 1 164 ? 10.186  10.881  -1.679  1.00 25.33 ? 141 ARG A CD  1 
ATOM   994  N  NE  . ARG A 1 164 ? 9.849   11.760  -0.554  1.00 25.30 ? 141 ARG A NE  1 
ATOM   995  C  CZ  . ARG A 1 164 ? 8.910   12.705  -0.596  1.00 28.34 ? 141 ARG A CZ  1 
ATOM   996  N  NH1 . ARG A 1 164 ? 8.208   12.905  -1.711  1.00 25.81 ? 141 ARG A NH1 1 
ATOM   997  N  NH2 . ARG A 1 164 ? 8.671   13.453  0.477   1.00 26.45 ? 141 ARG A NH2 1 
ATOM   998  N  N   . PHE A 1 165 ? 10.475  7.328   -5.095  1.00 21.96 ? 142 PHE A N   1 
ATOM   999  C  CA  . PHE A 1 165 ? 10.645  6.648   -6.381  1.00 24.78 ? 142 PHE A CA  1 
ATOM   1000 C  C   . PHE A 1 165 ? 10.293  7.526   -7.583  1.00 25.62 ? 142 PHE A C   1 
ATOM   1001 O  O   . PHE A 1 165 ? 9.489   8.454   -7.468  1.00 24.15 ? 142 PHE A O   1 
ATOM   1002 C  CB  . PHE A 1 165 ? 9.807   5.362   -6.413  1.00 23.37 ? 142 PHE A CB  1 
ATOM   1003 C  CG  . PHE A 1 165 ? 8.324   5.604   -6.465  1.00 23.49 ? 142 PHE A CG  1 
ATOM   1004 C  CD1 . PHE A 1 165 ? 7.590   5.730   -5.298  1.00 22.94 ? 142 PHE A CD1 1 
ATOM   1005 C  CD2 . PHE A 1 165 ? 7.663   5.704   -7.681  1.00 24.86 ? 142 PHE A CD2 1 
ATOM   1006 C  CE1 . PHE A 1 165 ? 6.214   5.962   -5.340  1.00 20.55 ? 142 PHE A CE1 1 
ATOM   1007 C  CE2 . PHE A 1 165 ? 6.296   5.933   -7.732  1.00 25.85 ? 142 PHE A CE2 1 
ATOM   1008 C  CZ  . PHE A 1 165 ? 5.567   6.064   -6.550  1.00 22.65 ? 142 PHE A CZ  1 
ATOM   1009 N  N   . SER A 1 166 ? 10.876  7.212   -8.741  1.00 26.27 ? 143 SER A N   1 
ATOM   1010 C  CA  . SER A 1 166 ? 10.562  7.923   -9.980  1.00 28.36 ? 143 SER A CA  1 
ATOM   1011 C  C   . SER A 1 166 ? 9.924   7.033   -11.049 1.00 32.95 ? 143 SER A C   1 
ATOM   1012 O  O   . SER A 1 166 ? 9.584   7.505   -12.137 1.00 36.05 ? 143 SER A O   1 
ATOM   1013 C  CB  . SER A 1 166 ? 11.812  8.583   -10.569 1.00 30.13 ? 143 SER A CB  1 
ATOM   1014 O  OG  . SER A 1 166 ? 12.210  9.699   -9.794  1.00 31.67 ? 143 SER A OG  1 
ATOM   1015 N  N   . GLY A 1 167 ? 9.780   5.750   -10.746 1.00 30.46 ? 144 GLY A N   1 
ATOM   1016 C  CA  . GLY A 1 167 ? 9.143   4.806   -11.648 1.00 31.05 ? 144 GLY A CA  1 
ATOM   1017 C  C   . GLY A 1 167 ? 8.895   3.510   -10.907 1.00 29.86 ? 144 GLY A C   1 
ATOM   1018 O  O   . GLY A 1 167 ? 9.413   3.326   -9.811  1.00 27.78 ? 144 GLY A O   1 
ATOM   1019 N  N   . THR A 1 168 ? 8.104   2.616   -11.496 1.00 30.45 ? 145 THR A N   1 
ATOM   1020 C  CA  . THR A 1 168 ? 7.781   1.340   -10.859 1.00 31.48 ? 145 THR A CA  1 
ATOM   1021 C  C   . THR A 1 168 ? 9.024   0.479   -10.639 1.00 29.96 ? 145 THR A C   1 
ATOM   1022 O  O   . THR A 1 168 ? 9.179   -0.143  -9.585  1.00 28.36 ? 145 THR A O   1 
ATOM   1023 C  CB  . THR A 1 168 ? 6.747   0.551   -11.692 1.00 33.17 ? 145 THR A CB  1 
ATOM   1024 O  OG1 . THR A 1 168 ? 5.520   1.289   -11.748 1.00 34.42 ? 145 THR A OG1 1 
ATOM   1025 C  CG2 . THR A 1 168 ? 6.476   -0.800  -11.069 1.00 33.47 ? 145 THR A CG2 1 
ATOM   1026 N  N   . GLU A 1 169 ? 9.914   0.454   -11.627 1.00 29.19 ? 146 GLU A N   1 
ATOM   1027 C  CA  . GLU A 1 169 ? 11.105  -0.389  -11.549 1.00 29.85 ? 146 GLU A CA  1 
ATOM   1028 C  C   . GLU A 1 169 ? 11.952  -0.093  -10.306 1.00 28.99 ? 146 GLU A C   1 
ATOM   1029 O  O   . GLU A 1 169 ? 12.438  -1.019  -9.645  1.00 29.55 ? 146 GLU A O   1 
ATOM   1030 C  CB  . GLU A 1 169 ? 11.942  -0.263  -12.826 1.00 31.34 ? 146 GLU A CB  1 
ATOM   1031 N  N   . GLU A 1 170 ? 12.098  1.191   -9.973  1.00 26.78 ? 147 GLU A N   1 
ATOM   1032 C  CA  . GLU A 1 170 ? 12.838  1.607   -8.786  1.00 26.58 ? 147 GLU A CA  1 
ATOM   1033 C  C   . GLU A 1 170 ? 12.213  1.083   -7.495  1.00 25.86 ? 147 GLU A C   1 
ATOM   1034 O  O   . GLU A 1 170 ? 12.930  0.747   -6.544  1.00 26.42 ? 147 GLU A O   1 
ATOM   1035 C  CB  . GLU A 1 170 ? 12.955  3.138   -8.715  1.00 26.06 ? 147 GLU A CB  1 
ATOM   1036 C  CG  . GLU A 1 170 ? 13.630  3.610   -7.432  1.00 26.59 ? 147 GLU A CG  1 
ATOM   1037 C  CD  . GLU A 1 170 ? 13.919  5.098   -7.406  1.00 27.07 ? 147 GLU A CD  1 
ATOM   1038 O  OE1 . GLU A 1 170 ? 13.370  5.839   -8.256  1.00 27.49 ? 147 GLU A OE1 1 
ATOM   1039 O  OE2 . GLU A 1 170 ? 14.698  5.520   -6.526  1.00 26.35 ? 147 GLU A OE2 1 
ATOM   1040 N  N   . ILE A 1 171 ? 10.883  1.009   -7.460  1.00 26.11 ? 148 ILE A N   1 
ATOM   1041 C  CA  . ILE A 1 171 ? 10.193  0.446   -6.301  1.00 24.89 ? 148 ILE A CA  1 
ATOM   1042 C  C   . ILE A 1 171 ? 10.538  -1.041  -6.213  1.00 26.55 ? 148 ILE A C   1 
ATOM   1043 O  O   . ILE A 1 171 ? 10.929  -1.536  -5.159  1.00 25.63 ? 148 ILE A O   1 
ATOM   1044 C  CB  . ILE A 1 171 ? 8.660   0.594   -6.404  1.00 26.04 ? 148 ILE A CB  1 
ATOM   1045 C  CG1 . ILE A 1 171 ? 8.246   2.068   -6.494  1.00 23.73 ? 148 ILE A CG1 1 
ATOM   1046 C  CG2 . ILE A 1 171 ? 7.966   -0.082  -5.212  1.00 22.49 ? 148 ILE A CG2 1 
ATOM   1047 C  CD1 . ILE A 1 171 ? 6.771   2.232   -6.834  1.00 25.64 ? 148 ILE A CD1 1 
ATOM   1048 N  N   . VAL A 1 172 ? 10.408  -1.737  -7.338  1.00 26.20 ? 149 VAL A N   1 
ATOM   1049 C  CA  . VAL A 1 172 ? 10.633  -3.180  -7.391  1.00 28.29 ? 149 VAL A CA  1 
ATOM   1050 C  C   . VAL A 1 172 ? 12.055  -3.542  -6.963  1.00 28.52 ? 149 VAL A C   1 
ATOM   1051 O  O   . VAL A 1 172 ? 12.296  -4.564  -6.314  1.00 29.15 ? 149 VAL A O   1 
ATOM   1052 C  CB  . VAL A 1 172 ? 10.315  -3.712  -8.797  1.00 31.61 ? 149 VAL A CB  1 
ATOM   1053 C  CG1 . VAL A 1 172 ? 10.650  -5.165  -8.912  1.00 33.79 ? 149 VAL A CG1 1 
ATOM   1054 C  CG2 . VAL A 1 172 ? 8.843   -3.512  -9.101  1.00 33.80 ? 149 VAL A CG2 1 
ATOM   1055 N  N   . GLU A 1 173 ? 12.987  -2.661  -7.286  1.00 25.65 ? 150 GLU A N   1 
ATOM   1056 C  CA  . GLU A 1 173 ? 14.403  -2.901  -7.061  1.00 28.01 ? 150 GLU A CA  1 
ATOM   1057 C  C   . GLU A 1 173 ? 14.850  -2.570  -5.621  1.00 28.62 ? 150 GLU A C   1 
ATOM   1058 O  O   . GLU A 1 173 ? 15.880  -3.048  -5.158  1.00 27.78 ? 150 GLU A O   1 
ATOM   1059 C  CB  . GLU A 1 173 ? 15.189  -2.128  -8.132  1.00 30.72 ? 150 GLU A CB  1 
ATOM   1060 C  CG  . GLU A 1 173 ? 16.666  -1.936  -7.899  1.00 34.40 ? 150 GLU A CG  1 
ATOM   1061 C  CD  . GLU A 1 173 ? 17.396  -1.525  -9.172  1.00 38.20 ? 150 GLU A CD  1 
ATOM   1062 O  OE1 . GLU A 1 173 ? 16.832  -1.740  -10.271 1.00 40.46 ? 150 GLU A OE1 1 
ATOM   1063 O  OE2 . GLU A 1 173 ? 18.536  -1.005  -9.075  1.00 35.98 ? 150 GLU A OE2 1 
ATOM   1064 N  N   . ARG A 1 174 ? 14.045  -1.796  -4.895  1.00 24.98 ? 151 ARG A N   1 
ATOM   1065 C  CA  . ARG A 1 174 ? 14.438  -1.324  -3.566  1.00 25.43 ? 151 ARG A CA  1 
ATOM   1066 C  C   . ARG A 1 174 ? 13.518  -1.796  -2.436  1.00 23.86 ? 151 ARG A C   1 
ATOM   1067 O  O   . ARG A 1 174 ? 13.880  -1.716  -1.263  1.00 24.22 ? 151 ARG A O   1 
ATOM   1068 C  CB  . ARG A 1 174 ? 14.504  0.211   -3.563  1.00 25.19 ? 151 ARG A CB  1 
ATOM   1069 C  CG  . ARG A 1 174 ? 15.603  0.811   -4.448  1.00 25.41 ? 151 ARG A CG  1 
ATOM   1070 C  CD  . ARG A 1 174 ? 15.532  2.347   -4.441  1.00 26.82 ? 151 ARG A CD  1 
ATOM   1071 N  NE  . ARG A 1 174 ? 15.499  2.870   -3.080  1.00 28.56 ? 151 ARG A NE  1 
ATOM   1072 C  CZ  . ARG A 1 174 ? 14.998  4.053   -2.743  1.00 27.64 ? 151 ARG A CZ  1 
ATOM   1073 N  NH1 . ARG A 1 174 ? 14.495  4.845   -3.672  1.00 26.99 ? 151 ARG A NH1 1 
ATOM   1074 N  NH2 . ARG A 1 174 ? 14.993  4.436   -1.473  1.00 28.75 ? 151 ARG A NH2 1 
ATOM   1075 N  N   . LEU A 1 175 ? 12.332  -2.282  -2.791  1.00 23.68 ? 152 LEU A N   1 
ATOM   1076 C  CA  . LEU A 1 175 ? 11.278  -2.540  -1.803  1.00 23.73 ? 152 LEU A CA  1 
ATOM   1077 C  C   . LEU A 1 175 ? 11.642  -3.567  -0.726  1.00 23.70 ? 152 LEU A C   1 
ATOM   1078 O  O   . LEU A 1 175 ? 11.360  -3.358  0.453   1.00 24.27 ? 152 LEU A O   1 
ATOM   1079 C  CB  . LEU A 1 175 ? 9.970   -2.945  -2.504  1.00 22.18 ? 152 LEU A CB  1 
ATOM   1080 C  CG  . LEU A 1 175 ? 8.751   -3.268  -1.624  1.00 23.42 ? 152 LEU A CG  1 
ATOM   1081 C  CD1 . LEU A 1 175 ? 8.399   -2.098  -0.711  1.00 24.24 ? 152 LEU A CD1 1 
ATOM   1082 C  CD2 . LEU A 1 175 ? 7.538   -3.631  -2.494  1.00 21.81 ? 152 LEU A CD2 1 
ATOM   1083 N  N   . ASP A 1 176 ? 12.262  -4.674  -1.125  1.00 23.84 ? 153 ASP A N   1 
ATOM   1084 C  CA  . ASP A 1 176 ? 12.640  -5.722  -0.173  1.00 24.68 ? 153 ASP A CA  1 
ATOM   1085 C  C   . ASP A 1 176 ? 13.567  -5.230  0.928   1.00 22.03 ? 153 ASP A C   1 
ATOM   1086 O  O   . ASP A 1 176 ? 13.532  -5.735  2.049   1.00 24.63 ? 153 ASP A O   1 
ATOM   1087 C  CB  . ASP A 1 176 ? 13.306  -6.892  -0.906  1.00 25.54 ? 153 ASP A CB  1 
ATOM   1088 C  CG  . ASP A 1 176 ? 12.315  -7.752  -1.638  1.00 29.06 ? 153 ASP A CG  1 
ATOM   1089 O  OD1 . ASP A 1 176 ? 11.095  -7.503  -1.488  1.00 28.38 ? 153 ASP A OD1 1 
ATOM   1090 O  OD2 . ASP A 1 176 ? 12.754  -8.689  -2.344  1.00 29.40 ? 153 ASP A OD2 1 
ATOM   1091 N  N   . GLY A 1 177 ? 14.416  -4.264  0.603   1.00 23.74 ? 154 GLY A N   1 
ATOM   1092 C  CA  . GLY A 1 177 ? 15.315  -3.704  1.600   1.00 24.49 ? 154 GLY A CA  1 
ATOM   1093 C  C   . GLY A 1 177 ? 14.538  -2.949  2.660   1.00 24.85 ? 154 GLY A C   1 
ATOM   1094 O  O   . GLY A 1 177 ? 14.732  -3.151  3.861   1.00 24.38 ? 154 GLY A O   1 
ATOM   1095 N  N   . ALA A 1 178 ? 13.646  -2.069  2.218   1.00 24.13 ? 155 ALA A N   1 
ATOM   1096 C  CA  . ALA A 1 178 ? 12.815  -1.320  3.154   1.00 22.64 ? 155 ALA A CA  1 
ATOM   1097 C  C   . ALA A 1 178 ? 11.985  -2.282  3.990   1.00 21.79 ? 155 ALA A C   1 
ATOM   1098 O  O   . ALA A 1 178 ? 11.895  -2.143  5.213   1.00 24.32 ? 155 ALA A O   1 
ATOM   1099 C  CB  . ALA A 1 178 ? 11.916  -0.357  2.406   1.00 22.25 ? 155 ALA A CB  1 
ATOM   1100 N  N   . VAL A 1 179 ? 11.384  -3.269  3.333   1.00 22.65 ? 156 VAL A N   1 
ATOM   1101 C  CA  . VAL A 1 179 ? 10.562  -4.246  4.046   1.00 21.16 ? 156 VAL A CA  1 
ATOM   1102 C  C   . VAL A 1 179 ? 11.352  -5.001  5.109   1.00 23.91 ? 156 VAL A C   1 
ATOM   1103 O  O   . VAL A 1 179 ? 10.914  -5.143  6.256   1.00 21.75 ? 156 VAL A O   1 
ATOM   1104 C  CB  . VAL A 1 179 ? 9.922   -5.242  3.078   1.00 23.03 ? 156 VAL A CB  1 
ATOM   1105 C  CG1 . VAL A 1 179 ? 9.290   -6.388  3.847   1.00 22.01 ? 156 VAL A CG1 1 
ATOM   1106 C  CG2 . VAL A 1 179 ? 8.884   -4.527  2.218   1.00 21.42 ? 156 VAL A CG2 1 
ATOM   1107 N  N   . ALA A 1 180 ? 12.530  -5.474  4.736   1.00 22.35 ? 157 ALA A N   1 
ATOM   1108 C  CA  . ALA A 1 180 ? 13.346  -6.227  5.678   1.00 24.59 ? 157 ALA A CA  1 
ATOM   1109 C  C   . ALA A 1 180 ? 13.770  -5.379  6.882   1.00 23.02 ? 157 ALA A C   1 
ATOM   1110 O  O   . ALA A 1 180 ? 13.770  -5.861  8.021   1.00 23.81 ? 157 ALA A O   1 
ATOM   1111 C  CB  . ALA A 1 180 ? 14.547  -6.822  4.979   1.00 23.84 ? 157 ALA A CB  1 
ATOM   1112 N  N   . ARG A 1 181 ? 14.112  -4.115  6.636   1.00 23.27 ? 158 ARG A N   1 
ATOM   1113 C  CA  . ARG A 1 181 ? 14.551  -3.222  7.714   1.00 22.99 ? 158 ARG A CA  1 
ATOM   1114 C  C   . ARG A 1 181 ? 13.446  -2.949  8.723   1.00 25.53 ? 158 ARG A C   1 
ATOM   1115 O  O   . ARG A 1 181 ? 13.683  -3.037  9.922   1.00 27.27 ? 158 ARG A O   1 
ATOM   1116 C  CB  . ARG A 1 181 ? 15.114  -1.906  7.155   1.00 25.32 ? 158 ARG A CB  1 
ATOM   1117 C  CG  . ARG A 1 181 ? 16.528  -2.046  6.579   1.00 27.07 ? 158 ARG A CG  1 
ATOM   1118 C  CD  . ARG A 1 181 ? 17.115  -0.691  6.166   1.00 27.82 ? 158 ARG A CD  1 
ATOM   1119 N  NE  . ARG A 1 181 ? 16.510  -0.187  4.940   1.00 28.28 ? 158 ARG A NE  1 
ATOM   1120 C  CZ  . ARG A 1 181 ? 16.928  -0.513  3.719   1.00 29.16 ? 158 ARG A CZ  1 
ATOM   1121 N  NH1 . ARG A 1 181 ? 17.949  -1.346  3.573   1.00 29.96 ? 158 ARG A NH1 1 
ATOM   1122 N  NH2 . ARG A 1 181 ? 16.323  -0.019  2.650   1.00 28.30 ? 158 ARG A NH2 1 
ATOM   1123 N  N   . VAL A 1 182 ? 12.238  -2.625  8.252   1.00 24.17 ? 159 VAL A N   1 
ATOM   1124 C  CA  . VAL A 1 182 ? 11.128  -2.376  9.181   1.00 24.61 ? 159 VAL A CA  1 
ATOM   1125 C  C   . VAL A 1 182 ? 10.703  -3.645  9.923   1.00 25.10 ? 159 VAL A C   1 
ATOM   1126 O  O   . VAL A 1 182 ? 10.361  -3.591  11.104  1.00 27.76 ? 159 VAL A O   1 
ATOM   1127 C  CB  . VAL A 1 182 ? 9.895   -1.693  8.511   1.00 22.38 ? 159 VAL A CB  1 
ATOM   1128 C  CG1 . VAL A 1 182 ? 10.301  -0.360  7.891   1.00 22.90 ? 159 VAL A CG1 1 
ATOM   1129 C  CG2 . VAL A 1 182 ? 9.255   -2.600  7.454   1.00 22.30 ? 159 VAL A CG2 1 
ATOM   1130 N  N   . LEU A 1 183 ? 10.733  -4.781  9.238   1.00 22.33 ? 160 LEU A N   1 
ATOM   1131 C  CA  . LEU A 1 183 ? 10.399  -6.060  9.876   1.00 26.68 ? 160 LEU A CA  1 
ATOM   1132 C  C   . LEU A 1 183 ? 11.415  -6.410  10.966  1.00 27.71 ? 160 LEU A C   1 
ATOM   1133 O  O   . LEU A 1 183 ? 11.062  -6.945  12.021  1.00 28.48 ? 160 LEU A O   1 
ATOM   1134 C  CB  . LEU A 1 183 ? 10.327  -7.177  8.837   1.00 20.00 ? 160 LEU A CB  1 
ATOM   1135 N  N   . GLY A 1 184 ? 12.674  -6.068  10.724  1.00 27.94 ? 161 GLY A N   1 
ATOM   1136 C  CA  . GLY A 1 184 ? 13.727  -6.333  11.687  1.00 30.42 ? 161 GLY A CA  1 
ATOM   1137 C  C   . GLY A 1 184 ? 13.647  -5.466  12.931  1.00 33.81 ? 161 GLY A C   1 
ATOM   1138 O  O   . GLY A 1 184 ? 14.435  -5.644  13.860  1.00 36.02 ? 161 GLY A O   1 
ATOM   1139 N  N   . ARG A 1 185 ? 12.703  -4.525  12.956  1.00 35.02 ? 162 ARG A N   1 
ATOM   1140 C  CA  . ARG A 1 185 ? 12.538  -3.623  14.094  1.00 33.14 ? 162 ARG A CA  1 
ATOM   1141 C  C   . ARG A 1 185 ? 11.178  -3.800  14.773  1.00 31.70 ? 162 ARG A C   1 
ATOM   1142 O  O   . ARG A 1 185 ? 10.403  -4.694  14.407  1.00 35.01 ? 162 ARG A O   1 
ATOM   1143 C  CB  . ARG A 1 185 ? 12.718  -2.169  13.651  1.00 35.90 ? 162 ARG A CB  1 
ATOM   1144 C  CG  . ARG A 1 185 ? 14.030  -1.912  12.932  1.00 35.30 ? 162 ARG A CG  1 
ATOM   1145 C  CD  . ARG A 1 185 ? 14.378  -0.436  12.944  1.00 39.36 ? 162 ARG A CD  1 
ATOM   1146 N  NE  . ARG A 1 185 ? 13.300  0.387   12.400  1.00 38.67 ? 162 ARG A NE  1 
ATOM   1147 C  CZ  . ARG A 1 185 ? 13.303  0.900   11.176  1.00 35.53 ? 162 ARG A CZ  1 
ATOM   1148 N  NH1 . ARG A 1 185 ? 14.338  0.685   10.370  1.00 35.40 ? 162 ARG A NH1 1 
ATOM   1149 N  NH2 . ARG A 1 185 ? 12.277  1.636   10.762  1.00 33.44 ? 162 ARG A NH2 1 
HETATM 1150 S  S   . SO4 B 2 .   ? -9.401  5.380   -1.308  1.00 29.76 ? 201 SO4 A S   1 
HETATM 1151 O  O1  . SO4 B 2 .   ? -10.392 4.783   -2.201  1.00 30.46 ? 201 SO4 A O1  1 
HETATM 1152 O  O2  . SO4 B 2 .   ? -10.053 6.297   -0.381  1.00 25.63 ? 201 SO4 A O2  1 
HETATM 1153 O  O3  . SO4 B 2 .   ? -8.768  4.296   -0.515  1.00 32.39 ? 201 SO4 A O3  1 
HETATM 1154 O  O4  . SO4 B 2 .   ? -8.348  6.043   -2.076  1.00 26.17 ? 201 SO4 A O4  1 
HETATM 1155 S  S   . SO4 C 2 .   ? 15.808  9.810   -2.308  1.00 36.08 ? 202 SO4 A S   1 
HETATM 1156 O  O1  . SO4 C 2 .   ? 15.655  8.402   -2.661  1.00 33.52 ? 202 SO4 A O1  1 
HETATM 1157 O  O2  . SO4 C 2 .   ? 15.080  10.023  -1.053  1.00 38.45 ? 202 SO4 A O2  1 
HETATM 1158 O  O3  . SO4 C 2 .   ? 17.220  10.123  -2.125  1.00 39.77 ? 202 SO4 A O3  1 
HETATM 1159 O  O4  . SO4 C 2 .   ? 15.270  10.672  -3.354  1.00 32.08 ? 202 SO4 A O4  1 
HETATM 1160 O  O   . HOH D 3 .   ? 2.367   7.881   -3.293  1.00 18.41 ? 301 HOH A O   1 
HETATM 1161 O  O   . HOH D 3 .   ? -21.789 -0.042  5.090   1.00 22.81 ? 302 HOH A O   1 
HETATM 1162 O  O   . HOH D 3 .   ? -0.658  16.313  7.814   1.00 19.89 ? 303 HOH A O   1 
HETATM 1163 O  O   . HOH D 3 .   ? -5.842  -9.103  -3.007  1.00 28.24 ? 304 HOH A O   1 
HETATM 1164 O  O   . HOH D 3 .   ? 12.863  6.255   5.834   1.00 26.57 ? 305 HOH A O   1 
HETATM 1165 O  O   . HOH D 3 .   ? 10.067  -8.362  0.818   1.00 34.40 ? 306 HOH A O   1 
HETATM 1166 O  O   . HOH D 3 .   ? -5.486  -2.217  -0.531  1.00 23.73 ? 307 HOH A O   1 
HETATM 1167 O  O   . HOH D 3 .   ? -7.072  -8.698  0.063   1.00 27.50 ? 308 HOH A O   1 
HETATM 1168 O  O   . HOH D 3 .   ? -6.881  -0.647  0.999   1.00 25.57 ? 309 HOH A O   1 
HETATM 1169 O  O   . HOH D 3 .   ? 6.774   15.559  1.005   1.00 26.84 ? 310 HOH A O   1 
HETATM 1170 O  O   . HOH D 3 .   ? 1.864   7.325   -5.771  1.00 24.47 ? 311 HOH A O   1 
HETATM 1171 O  O   . HOH D 3 .   ? 0.576   18.561  5.645   1.00 27.15 ? 312 HOH A O   1 
HETATM 1172 O  O   . HOH D 3 .   ? 14.387  -8.186  8.602   1.00 28.01 ? 313 HOH A O   1 
HETATM 1173 O  O   . HOH D 3 .   ? -1.659  -13.753 -2.178  1.00 30.86 ? 314 HOH A O   1 
HETATM 1174 O  O   . HOH D 3 .   ? -0.425  13.348  -0.827  1.00 26.02 ? 315 HOH A O   1 
HETATM 1175 O  O   . HOH D 3 .   ? -15.025 -0.790  -1.168  1.00 28.79 ? 316 HOH A O   1 
HETATM 1176 O  O   . HOH D 3 .   ? -23.513 -2.128  5.848   1.00 32.21 ? 317 HOH A O   1 
HETATM 1177 O  O   . HOH D 3 .   ? 16.259  -0.966  -0.318  1.00 28.19 ? 318 HOH A O   1 
HETATM 1178 O  O   . HOH D 3 .   ? -5.930  -0.993  15.299  1.00 27.42 ? 319 HOH A O   1 
HETATM 1179 O  O   . HOH D 3 .   ? 12.103  3.413   -12.150 1.00 31.33 ? 320 HOH A O   1 
HETATM 1180 O  O   . HOH D 3 .   ? -1.620  17.831  3.965   1.00 30.69 ? 321 HOH A O   1 
HETATM 1181 O  O   . HOH D 3 .   ? 4.509   1.601   12.090  1.00 27.80 ? 322 HOH A O   1 
HETATM 1182 O  O   . HOH D 3 .   ? 17.435  1.554   -1.238  1.00 32.77 ? 323 HOH A O   1 
HETATM 1183 O  O   . HOH D 3 .   ? 5.066   -7.515  11.844  1.00 25.70 ? 324 HOH A O   1 
HETATM 1184 O  O   . HOH D 3 .   ? 14.061  6.957   -0.794  1.00 26.95 ? 325 HOH A O   1 
HETATM 1185 O  O   . HOH D 3 .   ? -5.287  1.685   0.440   1.00 23.11 ? 326 HOH A O   1 
HETATM 1186 O  O   . HOH D 3 .   ? -4.122  1.328   15.081  1.00 23.87 ? 327 HOH A O   1 
HETATM 1187 O  O   . HOH D 3 .   ? -8.836  7.895   -3.681  1.00 26.90 ? 328 HOH A O   1 
HETATM 1188 O  O   . HOH D 3 .   ? 9.331   15.218  6.676   1.00 27.75 ? 329 HOH A O   1 
HETATM 1189 O  O   . HOH D 3 .   ? -4.892  -6.150  -14.010 0.50 34.16 ? 330 HOH A O   1 
HETATM 1190 O  O   . HOH D 3 .   ? 14.306  2.347   7.713   1.00 34.30 ? 331 HOH A O   1 
HETATM 1191 O  O   . HOH D 3 .   ? 7.071   -2.343  14.864  1.00 29.03 ? 332 HOH A O   1 
HETATM 1192 O  O   . HOH D 3 .   ? -12.072 -5.565  -13.289 1.00 25.19 ? 333 HOH A O   1 
HETATM 1193 O  O   . HOH D 3 .   ? -22.167 -3.958  4.683   1.00 29.11 ? 334 HOH A O   1 
HETATM 1194 O  O   . HOH D 3 .   ? -6.786  -9.790  11.619  1.00 26.86 ? 335 HOH A O   1 
HETATM 1195 O  O   . HOH D 3 .   ? -17.799 9.456   -24.356 1.00 28.27 ? 336 HOH A O   1 
HETATM 1196 O  O   . HOH D 3 .   ? -8.266  -12.248 4.842   1.00 28.21 ? 337 HOH A O   1 
HETATM 1197 O  O   . HOH D 3 .   ? 0.766   -12.776 -8.647  1.00 33.62 ? 338 HOH A O   1 
HETATM 1198 O  O   . HOH D 3 .   ? -0.463  19.479  7.873   1.00 32.98 ? 339 HOH A O   1 
HETATM 1199 O  O   . HOH D 3 .   ? -2.188  -5.886  -14.344 0.50 33.83 ? 340 HOH A O   1 
HETATM 1200 O  O   . HOH D 3 .   ? -6.939  4.722   -13.393 1.00 35.83 ? 341 HOH A O   1 
HETATM 1201 O  O   . HOH D 3 .   ? 7.427   -12.987 8.154   1.00 34.71 ? 342 HOH A O   1 
HETATM 1202 O  O   . HOH D 3 .   ? -20.096 -5.102  -2.901  1.00 28.93 ? 343 HOH A O   1 
HETATM 1203 O  O   . HOH D 3 .   ? -1.780  -13.535 6.963   1.00 37.10 ? 344 HOH A O   1 
HETATM 1204 O  O   . HOH D 3 .   ? 10.605  -11.004 -5.380  1.00 29.33 ? 345 HOH A O   1 
HETATM 1205 O  O   . HOH D 3 .   ? 4.862   3.933   -10.674 1.00 38.63 ? 346 HOH A O   1 
HETATM 1206 O  O   . HOH D 3 .   ? -7.520  13.670  -1.888  1.00 30.31 ? 347 HOH A O   1 
HETATM 1207 O  O   . HOH D 3 .   ? 7.215   9.203   -9.108  1.00 31.85 ? 348 HOH A O   1 
HETATM 1208 O  O   . HOH D 3 .   ? -11.773 -1.121  -0.469  1.00 33.00 ? 349 HOH A O   1 
HETATM 1209 O  O   . HOH D 3 .   ? -10.306 2.639   -16.840 1.00 39.87 ? 350 HOH A O   1 
HETATM 1210 O  O   . HOH D 3 .   ? -7.132  2.583   -0.777  1.00 30.41 ? 351 HOH A O   1 
HETATM 1211 O  O   . HOH D 3 .   ? 12.396  -8.366  2.389   1.00 29.96 ? 352 HOH A O   1 
HETATM 1212 O  O   . HOH D 3 .   ? -20.259 -0.166  -1.930  1.00 35.27 ? 353 HOH A O   1 
HETATM 1213 O  O   . HOH D 3 .   ? -6.093  -11.830 -0.460  1.00 34.71 ? 354 HOH A O   1 
HETATM 1214 O  O   . HOH D 3 .   ? -1.251  8.755   -6.814  1.00 31.35 ? 355 HOH A O   1 
HETATM 1215 O  O   . HOH D 3 .   ? 11.524  14.141  -3.144  1.00 35.06 ? 356 HOH A O   1 
HETATM 1216 O  O   . HOH D 3 .   ? -21.495 1.868   7.107   1.00 31.19 ? 357 HOH A O   1 
HETATM 1217 O  O   . HOH D 3 .   ? -16.705 7.544   -1.865  1.00 38.25 ? 358 HOH A O   1 
HETATM 1218 O  O   . HOH D 3 .   ? -6.825  -13.129 6.540   1.00 35.10 ? 359 HOH A O   1 
HETATM 1219 O  O   . HOH D 3 .   ? -13.436 1.244   -1.447  1.00 35.45 ? 360 HOH A O   1 
HETATM 1220 O  O   . HOH D 3 .   ? -19.355 5.343   -13.507 1.00 44.74 ? 361 HOH A O   1 
HETATM 1221 O  O   . HOH D 3 .   ? -7.893  -10.755 -1.573  1.00 32.19 ? 362 HOH A O   1 
HETATM 1222 O  O   . HOH D 3 .   ? 0.005   9.749   -8.772  1.00 36.03 ? 363 HOH A O   1 
HETATM 1223 O  O   . HOH D 3 .   ? -3.526  15.750  -1.433  1.00 30.29 ? 364 HOH A O   1 
HETATM 1224 O  O   . HOH D 3 .   ? 13.812  3.461   1.695   1.00 32.87 ? 365 HOH A O   1 
HETATM 1225 O  O   . HOH D 3 .   ? -10.126 -0.072  0.725   1.00 29.22 ? 366 HOH A O   1 
HETATM 1226 O  O   . HOH D 3 .   ? 15.938  -3.667  10.905  1.00 34.45 ? 367 HOH A O   1 
HETATM 1227 O  O   . HOH D 3 .   ? 0.118   12.717  2.026   1.00 18.27 ? 368 HOH A O   1 
HETATM 1228 O  O   . HOH D 3 .   ? 11.572  11.513  1.857   1.00 29.92 ? 369 HOH A O   1 
HETATM 1229 O  O   . HOH D 3 .   ? -1.730  18.152  9.746   1.00 29.77 ? 370 HOH A O   1 
HETATM 1230 O  O   . HOH D 3 .   ? 13.380  9.912   2.135   1.00 36.62 ? 371 HOH A O   1 
HETATM 1231 O  O   . HOH D 3 .   ? 10.126  12.988  3.332   1.00 35.32 ? 372 HOH A O   1 
HETATM 1232 O  O   . HOH D 3 .   ? 2.058   -13.675 7.970   1.00 32.32 ? 373 HOH A O   1 
HETATM 1233 O  O   . HOH D 3 .   ? -9.420  5.110   -17.824 1.00 40.91 ? 374 HOH A O   1 
HETATM 1234 O  O   . HOH D 3 .   ? 9.884   1.867   -14.305 1.00 34.34 ? 375 HOH A O   1 
HETATM 1235 O  O   . HOH D 3 .   ? 11.912  -15.722 -7.228  1.00 32.65 ? 376 HOH A O   1 
HETATM 1236 O  O   . HOH D 3 .   ? 14.015  7.493   2.191   1.00 36.14 ? 377 HOH A O   1 
HETATM 1237 O  O   . HOH D 3 .   ? 19.913  -2.641  5.721   1.00 33.60 ? 378 HOH A O   1 
HETATM 1238 O  O   . HOH D 3 .   ? 13.052  -5.304  -3.809  1.00 25.64 ? 379 HOH A O   1 
HETATM 1239 O  O   . HOH D 3 .   ? 8.193   -10.732 -9.649  1.00 37.63 ? 380 HOH A O   1 
HETATM 1240 O  O   . HOH D 3 .   ? 8.109   12.179  -9.147  1.00 35.96 ? 381 HOH A O   1 
HETATM 1241 O  O   . HOH D 3 .   ? -8.700  12.849  -6.639  1.00 35.85 ? 382 HOH A O   1 
HETATM 1242 O  O   . HOH D 3 .   ? -10.595 11.688  -7.969  1.00 39.64 ? 383 HOH A O   1 
HETATM 1243 O  O   . HOH D 3 .   ? 14.219  5.993   -10.631 1.00 38.68 ? 384 HOH A O   1 
HETATM 1244 O  O   . HOH D 3 .   ? 8.134   17.594  -0.420  1.00 37.67 ? 385 HOH A O   1 
HETATM 1245 O  O   . HOH D 3 .   ? 5.982   -10.465 11.987  1.00 39.77 ? 386 HOH A O   1 
HETATM 1246 O  O   . HOH D 3 .   ? 12.102  5.218   10.302  1.00 31.55 ? 387 HOH A O   1 
HETATM 1247 O  O   . HOH D 3 .   ? 3.168   17.518  -5.196  1.00 32.50 ? 388 HOH A O   1 
HETATM 1248 O  O   . HOH D 3 .   ? 8.975   -11.464 -0.108  1.00 35.89 ? 389 HOH A O   1 
HETATM 1249 O  O   . HOH D 3 .   ? -9.519  -5.835  15.704  1.00 38.47 ? 390 HOH A O   1 
HETATM 1250 O  O   . HOH D 3 .   ? -2.776  -14.871 -7.581  1.00 41.08 ? 391 HOH A O   1 
HETATM 1251 O  O   . HOH D 3 .   ? 0.991   17.225  -3.192  1.00 35.60 ? 392 HOH A O   1 
HETATM 1252 O  O   . HOH D 3 .   ? 6.877   2.698   -14.296 1.00 42.25 ? 393 HOH A O   1 
HETATM 1253 O  O   . HOH D 3 .   ? 0.231   -9.944  -9.718  1.00 32.61 ? 394 HOH A O   1 
HETATM 1254 O  O   . HOH D 3 .   ? 3.634   6.846   16.144  1.00 33.23 ? 395 HOH A O   1 
HETATM 1255 O  O   . HOH D 3 .   ? 1.616   -11.039 11.207  1.00 33.72 ? 396 HOH A O   1 
HETATM 1256 O  O   . HOH D 3 .   ? 6.912   -16.512 6.542   1.00 39.05 ? 397 HOH A O   1 
HETATM 1257 O  O   . HOH D 3 .   ? 3.431   9.241   16.358  1.00 34.01 ? 398 HOH A O   1 
HETATM 1258 O  O   . HOH D 3 .   ? -3.538  19.209  2.019   1.00 35.22 ? 399 HOH A O   1 
HETATM 1259 O  O   . HOH D 3 .   ? -12.803 8.104   -9.543  1.00 38.39 ? 400 HOH A O   1 
HETATM 1260 O  O   . HOH D 3 .   ? 7.877   -18.099 -8.456  1.00 41.67 ? 401 HOH A O   1 
HETATM 1261 O  O   . HOH D 3 .   ? 7.586   5.401   19.560  1.00 40.27 ? 402 HOH A O   1 
HETATM 1262 O  O   . HOH D 3 .   ? -10.653 -12.698 6.279   1.00 25.47 ? 403 HOH A O   1 
HETATM 1263 O  O   . HOH D 3 .   ? 7.095   3.380   17.565  1.00 37.38 ? 404 HOH A O   1 
HETATM 1264 O  O   . HOH D 3 .   ? 9.194   -13.228 1.182   1.00 33.29 ? 405 HOH A O   1 
HETATM 1265 O  O   . HOH D 3 .   ? -17.747 0.035   -11.806 0.50 36.61 ? 406 HOH A O   1 
HETATM 1266 O  O   . HOH D 3 .   ? 1.631   -17.001 -3.570  1.00 38.33 ? 407 HOH A O   1 
HETATM 1267 O  O   . HOH D 3 .   ? 6.105   7.885   -10.791 1.00 40.86 ? 408 HOH A O   1 
# 
